data_5F3C
#
_entry.id   5F3C
#
_cell.length_a   58.101
_cell.length_b   101.725
_cell.length_c   142.758
_cell.angle_alpha   90.00
_cell.angle_beta   99.53
_cell.angle_gamma   90.00
#
_symmetry.space_group_name_H-M   'P 1 21 1'
#
loop_
_entity.id
_entity.type
_entity.pdbx_description
1 polymer 'Lysine-specific demethylase 4A'
2 non-polymer 'ZINC ION'
3 non-polymer 8-[4-[2-[(4-fluorophenyl)methyl-methyl-amino]ethyl]pyrazol-1-yl]-3~{H}-pyrido[3,4-d]pyrimidin-4-one
4 non-polymer 'DIMETHYL SULFOXIDE'
5 non-polymer GLYCEROL
6 non-polymer 'CHLORIDE ION'
7 water water
#
_entity_poly.entity_id   1
_entity_poly.type   'polypeptide(L)'
_entity_poly.pdbx_seq_one_letter_code
;SMASESETLNPSARIMTFYPTMEEFRNFSRYIAYIESQGAHRAGLAKVVPPKEWKPRASYDDIDDLVIPAPIQQLVTGQS
GLFTQYNIQKKAMTVREFRKIANSDKYCTPRYSEFEELERKYWKNLTFNPPIYGADVNGTLYEKHVDEWNIGRLRTILDL
VEKESGITIEGVNTPYLYFGMWKTSFAWHTEDMDLYSINYLHFGEPKSWYSVPPEHGKRLERLAKGFFPGSAQSCEAFLR
HKMTLISPLMLKKYGIPFDKVTQEAGEFMITFPYGYHAGFNHGFNCAESTNFATRRWIEYGKQAVLCSCRKDMVKISMDV
FVRKFQPERYKLWKAGKDNTVIDHTLPTPEAAEFLKESEL
;
_entity_poly.pdbx_strand_id   A,B,C,D
#
# COMPACT_ATOMS: atom_id res chain seq x y z
N PRO A 11 25.32 -21.08 -29.33
CA PRO A 11 24.31 -20.14 -29.85
C PRO A 11 23.37 -19.65 -28.75
N SER A 12 22.71 -20.58 -28.04
CA SER A 12 21.80 -20.35 -26.92
C SER A 12 22.58 -20.60 -25.63
N ALA A 13 23.86 -21.02 -25.77
CA ALA A 13 24.80 -21.26 -24.68
C ALA A 13 25.84 -20.13 -24.56
N ARG A 14 25.55 -18.97 -25.20
CA ARG A 14 26.43 -17.79 -25.18
C ARG A 14 26.12 -16.92 -23.98
N ILE A 15 27.13 -16.28 -23.41
CA ILE A 15 26.91 -15.45 -22.24
C ILE A 15 26.08 -14.21 -22.57
N MET A 16 25.09 -13.94 -21.73
CA MET A 16 24.18 -12.81 -21.91
C MET A 16 24.33 -11.73 -20.84
N THR A 17 24.13 -10.49 -21.25
CA THR A 17 24.22 -9.31 -20.38
C THR A 17 22.83 -8.69 -20.23
N PHE A 18 22.46 -8.36 -19.01
CA PHE A 18 21.15 -7.80 -18.68
C PHE A 18 21.32 -6.44 -18.07
N TYR A 19 20.41 -5.54 -18.40
CA TYR A 19 20.36 -4.14 -17.97
C TYR A 19 19.03 -3.89 -17.22
N PRO A 20 18.83 -4.42 -15.98
CA PRO A 20 17.55 -4.18 -15.28
C PRO A 20 17.35 -2.70 -14.97
N THR A 21 16.11 -2.27 -14.92
CA THR A 21 15.78 -0.91 -14.52
C THR A 21 15.85 -0.92 -12.99
N MET A 22 15.70 0.26 -12.36
CA MET A 22 15.72 0.34 -10.89
C MET A 22 14.58 -0.51 -10.30
N GLU A 23 13.36 -0.42 -10.88
CA GLU A 23 12.19 -1.20 -10.44
C GLU A 23 12.43 -2.71 -10.54
N GLU A 24 13.01 -3.16 -11.68
CA GLU A 24 13.37 -4.54 -11.97
C GLU A 24 14.46 -5.06 -11.04
N PHE A 25 15.40 -4.18 -10.67
CA PHE A 25 16.55 -4.48 -9.81
C PHE A 25 16.20 -4.80 -8.36
N ARG A 26 15.18 -4.13 -7.81
CA ARG A 26 14.76 -4.26 -6.40
C ARG A 26 14.44 -5.69 -5.94
N ASN A 27 13.96 -6.55 -6.84
CA ASN A 27 13.63 -7.93 -6.47
C ASN A 27 14.66 -8.89 -7.08
N PHE A 28 15.66 -9.27 -6.27
CA PHE A 28 16.75 -10.15 -6.68
C PHE A 28 16.29 -11.49 -7.25
N SER A 29 15.54 -12.28 -6.45
CA SER A 29 15.04 -13.60 -6.83
C SER A 29 14.17 -13.59 -8.06
N ARG A 30 13.32 -12.56 -8.19
CA ARG A 30 12.45 -12.39 -9.34
C ARG A 30 13.30 -12.09 -10.56
N TYR A 31 14.34 -11.28 -10.40
CA TYR A 31 15.21 -11.00 -11.52
C TYR A 31 15.97 -12.23 -11.96
N ILE A 32 16.41 -13.04 -11.00
CA ILE A 32 17.13 -14.25 -11.35
C ILE A 32 16.19 -15.13 -12.14
N ALA A 33 14.93 -15.18 -11.73
CA ALA A 33 13.93 -15.95 -12.42
C ALA A 33 13.73 -15.40 -13.82
N TYR A 34 13.71 -14.08 -13.94
CA TYR A 34 13.57 -13.43 -15.25
C TYR A 34 14.71 -13.77 -16.21
N ILE A 35 15.98 -13.72 -15.76
CA ILE A 35 17.10 -13.99 -16.66
C ILE A 35 17.09 -15.47 -17.09
N GLU A 36 16.57 -16.40 -16.25
CA GLU A 36 16.47 -17.82 -16.60
C GLU A 36 15.39 -18.04 -17.61
N SER A 37 14.30 -17.25 -17.54
CA SER A 37 13.23 -17.37 -18.52
C SER A 37 13.72 -16.88 -19.91
N GLN A 38 14.85 -16.15 -19.93
CA GLN A 38 15.52 -15.61 -21.12
C GLN A 38 16.60 -16.56 -21.65
N GLY A 39 16.86 -17.65 -20.92
CA GLY A 39 17.85 -18.67 -21.25
C GLY A 39 19.27 -18.42 -20.75
N ALA A 40 19.45 -17.47 -19.81
CA ALA A 40 20.77 -17.11 -19.26
C ALA A 40 21.55 -18.25 -18.62
N HIS A 41 20.82 -19.19 -17.99
CA HIS A 41 21.40 -20.33 -17.29
C HIS A 41 22.12 -21.32 -18.22
N ARG A 42 21.72 -21.35 -19.51
CA ARG A 42 22.30 -22.25 -20.50
C ARG A 42 23.79 -22.01 -20.71
N ALA A 43 24.26 -20.74 -20.61
CA ALA A 43 25.68 -20.44 -20.75
C ALA A 43 26.48 -20.83 -19.48
N GLY A 44 25.81 -20.84 -18.33
CA GLY A 44 26.40 -21.14 -17.04
C GLY A 44 26.90 -19.91 -16.32
N LEU A 45 26.92 -18.76 -17.03
CA LEU A 45 27.39 -17.48 -16.54
C LEU A 45 26.61 -16.37 -17.24
N ALA A 46 26.22 -15.29 -16.49
CA ALA A 46 25.54 -14.13 -17.07
C ALA A 46 26.04 -12.86 -16.40
N LYS A 47 26.10 -11.77 -17.15
CA LYS A 47 26.48 -10.47 -16.61
C LYS A 47 25.26 -9.64 -16.37
N VAL A 48 25.24 -8.95 -15.24
CA VAL A 48 24.14 -8.06 -14.91
C VAL A 48 24.74 -6.69 -14.64
N VAL A 49 24.35 -5.72 -15.43
CA VAL A 49 24.77 -4.33 -15.27
C VAL A 49 23.65 -3.67 -14.46
N PRO A 50 23.98 -3.20 -13.25
CA PRO A 50 22.96 -2.54 -12.41
C PRO A 50 22.54 -1.17 -12.93
N PRO A 51 21.38 -0.62 -12.51
CA PRO A 51 21.01 0.75 -12.91
C PRO A 51 22.11 1.75 -12.54
N LYS A 52 22.37 2.73 -13.43
CA LYS A 52 23.38 3.79 -13.27
C LYS A 52 23.37 4.48 -11.90
N GLU A 53 22.17 4.74 -11.35
CA GLU A 53 21.94 5.43 -10.08
C GLU A 53 22.32 4.62 -8.83
N TRP A 54 22.44 3.30 -8.99
CA TRP A 54 22.74 2.38 -7.90
C TRP A 54 24.22 2.31 -7.60
N LYS A 55 24.54 2.38 -6.31
CA LYS A 55 25.88 2.30 -5.77
C LYS A 55 25.84 1.60 -4.40
N PRO A 56 26.66 0.53 -4.19
CA PRO A 56 26.63 -0.16 -2.88
C PRO A 56 27.45 0.51 -1.76
N ARG A 57 28.31 1.49 -2.11
CA ARG A 57 29.18 2.21 -1.17
C ARG A 57 29.54 3.58 -1.75
N ALA A 58 29.50 4.64 -0.95
CA ALA A 58 29.77 6.01 -1.39
C ALA A 58 31.22 6.20 -1.87
N SER A 59 32.18 5.61 -1.13
CA SER A 59 33.61 5.71 -1.46
C SER A 59 34.38 4.48 -0.98
N TYR A 60 35.52 4.21 -1.63
CA TYR A 60 36.42 3.11 -1.29
C TYR A 60 37.76 3.68 -0.79
N ASP A 61 37.75 4.91 -0.29
CA ASP A 61 38.98 5.55 0.19
C ASP A 61 39.24 5.35 1.68
N ASP A 62 38.40 4.56 2.36
CA ASP A 62 38.45 4.31 3.80
C ASP A 62 38.76 2.84 4.16
N ILE A 63 39.37 2.06 3.26
CA ILE A 63 39.62 0.62 3.52
C ILE A 63 41.12 0.25 3.48
N ASP A 64 42.04 1.24 3.44
CA ASP A 64 43.49 0.94 3.39
C ASP A 64 44.01 0.07 4.53
N ASP A 65 43.39 0.18 5.72
CA ASP A 65 43.82 -0.57 6.92
C ASP A 65 43.09 -1.89 7.06
N LEU A 66 42.20 -2.23 6.10
CA LEU A 66 41.48 -3.50 6.08
C LEU A 66 42.48 -4.64 5.93
N VAL A 67 42.38 -5.59 6.84
CA VAL A 67 43.30 -6.71 6.94
C VAL A 67 42.91 -7.86 6.05
N ILE A 68 43.87 -8.30 5.20
CA ILE A 68 43.78 -9.51 4.40
C ILE A 68 44.51 -10.56 5.29
N PRO A 69 43.78 -11.37 6.09
CA PRO A 69 44.46 -12.28 7.04
C PRO A 69 45.34 -13.39 6.46
N ALA A 70 44.95 -13.94 5.31
CA ALA A 70 45.66 -15.05 4.69
C ALA A 70 45.93 -14.83 3.21
N PRO A 71 46.79 -13.85 2.79
CA PRO A 71 47.03 -13.67 1.36
C PRO A 71 47.71 -14.90 0.77
N ILE A 72 47.44 -15.19 -0.50
CA ILE A 72 48.01 -16.36 -1.13
C ILE A 72 48.87 -16.10 -2.35
N GLN A 73 50.06 -16.69 -2.36
CA GLN A 73 50.94 -16.55 -3.50
C GLN A 73 50.53 -17.69 -4.40
N GLN A 74 50.24 -17.38 -5.64
CA GLN A 74 49.74 -18.36 -6.60
C GLN A 74 50.85 -18.94 -7.47
N LEU A 75 51.40 -20.10 -7.05
CA LEU A 75 52.47 -20.76 -7.78
C LEU A 75 51.84 -21.67 -8.77
N VAL A 76 52.20 -21.54 -10.05
CA VAL A 76 51.58 -22.34 -11.08
C VAL A 76 52.67 -23.15 -11.77
N THR A 77 52.43 -24.46 -11.87
CA THR A 77 53.32 -25.40 -12.54
C THR A 77 52.58 -26.07 -13.70
N GLY A 78 53.28 -26.21 -14.82
CA GLY A 78 52.74 -26.88 -15.99
C GLY A 78 53.31 -26.40 -17.31
N GLN A 79 52.72 -26.91 -18.41
CA GLN A 79 53.10 -26.68 -19.79
C GLN A 79 51.98 -27.10 -20.73
N SER A 80 52.05 -26.64 -22.00
CA SER A 80 51.11 -27.00 -23.08
C SER A 80 49.63 -26.83 -22.70
N GLY A 81 49.32 -25.70 -22.06
CA GLY A 81 47.97 -25.32 -21.68
C GLY A 81 47.36 -26.04 -20.50
N LEU A 82 48.14 -26.88 -19.77
CA LEU A 82 47.66 -27.66 -18.62
C LEU A 82 48.49 -27.32 -17.42
N PHE A 83 47.84 -26.85 -16.37
CA PHE A 83 48.53 -26.34 -15.20
C PHE A 83 47.88 -26.69 -13.89
N THR A 84 48.70 -26.71 -12.84
CA THR A 84 48.26 -26.91 -11.47
C THR A 84 48.73 -25.70 -10.69
N GLN A 85 47.81 -25.07 -9.96
CA GLN A 85 48.02 -23.91 -9.10
C GLN A 85 48.14 -24.36 -7.62
N TYR A 86 49.22 -23.94 -6.95
CA TYR A 86 49.52 -24.23 -5.55
C TYR A 86 49.39 -22.91 -4.83
N ASN A 87 48.48 -22.87 -3.89
CA ASN A 87 48.18 -21.64 -3.17
C ASN A 87 49.04 -21.59 -1.92
N ILE A 88 50.04 -20.68 -1.88
CA ILE A 88 51.01 -20.53 -0.78
C ILE A 88 50.60 -19.40 0.16
N GLN A 89 50.29 -19.74 1.41
CA GLN A 89 49.90 -18.73 2.38
C GLN A 89 51.06 -17.87 2.80
N LYS A 90 50.82 -16.57 2.80
CA LYS A 90 51.75 -15.53 3.18
C LYS A 90 51.19 -14.92 4.46
N LYS A 91 52.00 -14.12 5.15
CA LYS A 91 51.55 -13.45 6.38
C LYS A 91 50.48 -12.39 6.06
N ALA A 92 49.63 -12.06 7.06
CA ALA A 92 48.56 -11.06 6.95
C ALA A 92 49.10 -9.74 6.47
N MET A 93 48.29 -8.99 5.73
CA MET A 93 48.72 -7.70 5.23
C MET A 93 47.50 -6.82 5.07
N THR A 94 47.69 -5.52 4.97
CA THR A 94 46.55 -4.62 4.80
C THR A 94 46.32 -4.40 3.31
N VAL A 95 45.16 -3.81 2.97
CA VAL A 95 44.83 -3.40 1.59
C VAL A 95 45.92 -2.45 1.04
N ARG A 96 46.39 -1.48 1.87
N ARG A 96 46.39 -1.46 1.85
CA ARG A 96 47.44 -0.51 1.52
CA ARG A 96 47.45 -0.51 1.46
C ARG A 96 48.72 -1.24 1.05
C ARG A 96 48.72 -1.25 1.02
N GLU A 97 49.18 -2.24 1.82
CA GLU A 97 50.38 -3.03 1.50
C GLU A 97 50.18 -3.87 0.25
N PHE A 98 48.99 -4.46 0.11
CA PHE A 98 48.62 -5.28 -1.04
C PHE A 98 48.68 -4.48 -2.34
N ARG A 99 48.03 -3.28 -2.35
CA ARG A 99 47.99 -2.38 -3.48
C ARG A 99 49.39 -1.92 -3.91
N LYS A 100 50.30 -1.67 -2.94
CA LYS A 100 51.67 -1.26 -3.26
C LYS A 100 52.34 -2.36 -4.10
N ILE A 101 52.19 -3.63 -3.69
CA ILE A 101 52.73 -4.76 -4.43
C ILE A 101 52.04 -4.88 -5.80
N ALA A 102 50.69 -4.88 -5.83
CA ALA A 102 49.92 -4.99 -7.09
C ALA A 102 50.38 -3.98 -8.16
N ASN A 103 50.64 -2.72 -7.72
CA ASN A 103 51.00 -1.60 -8.60
C ASN A 103 52.48 -1.40 -8.85
N SER A 104 53.37 -2.20 -8.23
CA SER A 104 54.81 -2.08 -8.46
C SER A 104 55.19 -2.59 -9.87
N ASP A 105 56.35 -2.15 -10.38
CA ASP A 105 56.87 -2.52 -11.71
C ASP A 105 56.91 -4.04 -11.87
N LYS A 106 57.33 -4.75 -10.81
CA LYS A 106 57.42 -6.21 -10.79
C LYS A 106 56.10 -6.93 -11.03
N TYR A 107 54.96 -6.41 -10.48
CA TYR A 107 53.66 -7.08 -10.55
C TYR A 107 52.54 -6.40 -11.32
N CYS A 108 52.69 -5.12 -11.72
CA CYS A 108 51.61 -4.42 -12.41
C CYS A 108 51.23 -5.04 -13.77
N THR A 109 50.08 -4.65 -14.31
CA THR A 109 49.56 -5.07 -15.60
C THR A 109 50.54 -4.70 -16.76
N PRO A 110 50.79 -5.61 -17.72
CA PRO A 110 51.63 -5.22 -18.87
C PRO A 110 50.85 -4.32 -19.84
N ARG A 111 51.58 -3.63 -20.75
CA ARG A 111 50.94 -2.79 -21.77
C ARG A 111 50.15 -3.68 -22.73
N TYR A 112 48.96 -3.23 -23.14
CA TYR A 112 48.08 -3.98 -24.05
C TYR A 112 47.09 -3.09 -24.79
N SER A 113 46.79 -3.45 -26.04
CA SER A 113 45.83 -2.71 -26.85
C SER A 113 44.45 -3.40 -26.75
N GLU A 114 44.39 -4.69 -27.12
CA GLU A 114 43.17 -5.49 -27.13
C GLU A 114 43.23 -6.59 -26.08
N PHE A 115 42.04 -7.06 -25.61
CA PHE A 115 41.94 -8.12 -24.62
C PHE A 115 42.72 -9.37 -25.02
N GLU A 116 42.56 -9.82 -26.27
CA GLU A 116 43.22 -10.98 -26.86
C GLU A 116 44.73 -10.96 -26.63
N GLU A 117 45.33 -9.75 -26.65
CA GLU A 117 46.76 -9.53 -26.36
C GLU A 117 47.05 -9.79 -24.87
N LEU A 118 46.20 -9.24 -23.97
CA LEU A 118 46.41 -9.45 -22.54
C LEU A 118 46.20 -10.92 -22.15
N GLU A 119 45.18 -11.55 -22.76
CA GLU A 119 44.87 -12.94 -22.55
C GLU A 119 46.09 -13.81 -22.96
N ARG A 120 46.74 -13.48 -24.10
CA ARG A 120 47.95 -14.18 -24.57
C ARG A 120 49.09 -14.10 -23.55
N LYS A 121 49.32 -12.90 -22.97
CA LYS A 121 50.33 -12.63 -21.94
C LYS A 121 50.05 -13.47 -20.71
N TYR A 122 48.77 -13.58 -20.33
CA TYR A 122 48.36 -14.36 -19.15
C TYR A 122 48.74 -15.79 -19.31
N TRP A 123 48.33 -16.42 -20.43
CA TRP A 123 48.58 -17.85 -20.67
C TRP A 123 50.09 -18.17 -20.93
N LYS A 124 50.84 -17.19 -21.43
CA LYS A 124 52.28 -17.33 -21.67
C LYS A 124 53.07 -17.14 -20.38
N ASN A 125 52.57 -16.30 -19.43
CA ASN A 125 53.32 -15.95 -18.22
C ASN A 125 52.77 -16.41 -16.87
N LEU A 126 51.65 -17.17 -16.85
N LEU A 126 51.74 -17.26 -16.93
CA LEU A 126 51.06 -17.57 -15.55
CA LEU A 126 51.03 -17.86 -15.82
C LEU A 126 52.00 -18.43 -14.65
C LEU A 126 51.94 -18.49 -14.76
N THR A 127 53.04 -19.12 -15.22
CA THR A 127 53.98 -19.87 -14.36
C THR A 127 55.11 -18.99 -13.87
N PHE A 128 55.19 -17.73 -14.34
CA PHE A 128 56.28 -16.84 -13.96
C PHE A 128 55.83 -15.80 -13.00
N ASN A 129 56.76 -15.29 -12.16
N ASN A 129 56.75 -15.37 -12.12
CA ASN A 129 56.53 -14.22 -11.16
CA ASN A 129 56.56 -14.28 -11.17
C ASN A 129 55.19 -14.41 -10.42
C ASN A 129 55.20 -14.41 -10.43
N PRO A 130 55.05 -15.46 -9.57
CA PRO A 130 53.77 -15.71 -8.88
C PRO A 130 53.19 -14.52 -8.14
N PRO A 131 51.94 -14.12 -8.49
CA PRO A 131 51.33 -12.96 -7.82
C PRO A 131 50.70 -13.35 -6.49
N ILE A 132 50.25 -12.36 -5.73
CA ILE A 132 49.58 -12.59 -4.46
C ILE A 132 48.10 -12.24 -4.63
N TYR A 133 47.21 -13.12 -4.17
CA TYR A 133 45.76 -12.93 -4.25
C TYR A 133 45.23 -12.75 -2.83
N GLY A 134 44.60 -11.61 -2.56
CA GLY A 134 43.99 -11.28 -1.28
C GLY A 134 42.61 -11.90 -1.24
N ALA A 135 42.60 -13.26 -1.33
CA ALA A 135 41.40 -14.06 -1.52
C ALA A 135 40.71 -14.49 -0.26
N ASP A 136 39.39 -14.75 -0.37
CA ASP A 136 38.56 -15.28 0.72
C ASP A 136 38.65 -14.50 2.00
N VAL A 137 38.56 -13.18 1.88
CA VAL A 137 38.52 -12.35 3.07
C VAL A 137 37.06 -12.29 3.48
N ASN A 138 36.74 -12.66 4.71
CA ASN A 138 35.36 -12.59 5.18
C ASN A 138 35.00 -11.14 5.33
N GLY A 139 33.90 -10.73 4.74
CA GLY A 139 33.48 -9.36 4.89
C GLY A 139 32.73 -8.86 3.69
N THR A 140 32.22 -7.64 3.84
CA THR A 140 31.43 -6.96 2.82
C THR A 140 31.84 -5.48 2.69
N LEU A 141 31.69 -4.91 1.50
CA LEU A 141 31.96 -3.49 1.33
C LEU A 141 30.65 -2.74 1.13
N TYR A 142 29.52 -3.46 1.19
CA TYR A 142 28.20 -2.84 1.08
C TYR A 142 27.91 -2.06 2.32
N GLU A 143 27.28 -0.91 2.15
CA GLU A 143 26.87 -0.08 3.28
C GLU A 143 25.67 -0.77 3.92
N LYS A 144 25.41 -0.46 5.17
CA LYS A 144 24.36 -1.11 5.93
C LYS A 144 22.95 -1.00 5.35
N HIS A 145 22.64 0.14 4.77
CA HIS A 145 21.34 0.43 4.23
C HIS A 145 21.04 -0.02 2.80
N VAL A 146 22.02 -0.58 2.08
CA VAL A 146 21.75 -0.98 0.72
C VAL A 146 20.87 -2.21 0.74
N ASP A 147 19.71 -2.11 0.13
CA ASP A 147 18.71 -3.18 0.11
C ASP A 147 18.64 -3.98 -1.17
N GLU A 148 19.20 -3.46 -2.25
CA GLU A 148 19.16 -4.13 -3.56
C GLU A 148 20.44 -4.90 -3.78
N TRP A 149 20.32 -6.17 -4.20
CA TRP A 149 21.41 -7.08 -4.56
C TRP A 149 22.55 -7.10 -3.51
N ASN A 150 22.15 -7.07 -2.24
CA ASN A 150 23.07 -7.08 -1.12
C ASN A 150 23.56 -8.50 -0.87
N ILE A 151 24.80 -8.73 -1.28
CA ILE A 151 25.47 -10.01 -1.20
C ILE A 151 25.50 -10.52 0.22
N GLY A 152 25.54 -9.62 1.19
CA GLY A 152 25.49 -10.01 2.57
C GLY A 152 24.19 -10.69 2.94
N ARG A 153 23.08 -10.19 2.40
CA ARG A 153 21.75 -10.73 2.68
C ARG A 153 20.80 -10.87 1.49
N LEU A 154 21.05 -11.82 0.61
CA LEU A 154 20.21 -12.07 -0.56
C LEU A 154 18.79 -12.56 -0.23
N ARG A 155 18.70 -13.37 0.81
CA ARG A 155 17.46 -13.97 1.34
C ARG A 155 16.83 -15.03 0.42
N THR A 156 17.64 -15.93 -0.14
CA THR A 156 17.16 -17.02 -1.00
C THR A 156 16.80 -18.24 -0.12
N ILE A 157 16.38 -19.38 -0.72
CA ILE A 157 16.07 -20.62 0.01
C ILE A 157 17.34 -21.26 0.61
N LEU A 158 18.58 -20.82 0.21
CA LEU A 158 19.82 -21.32 0.81
C LEU A 158 19.83 -21.06 2.35
N ASP A 159 19.16 -19.97 2.77
CA ASP A 159 18.98 -19.55 4.18
C ASP A 159 18.37 -20.64 5.10
N LEU A 160 17.71 -21.66 4.52
CA LEU A 160 17.06 -22.75 5.23
C LEU A 160 17.98 -23.62 6.11
N VAL A 161 19.25 -23.82 5.74
CA VAL A 161 20.20 -24.61 6.55
C VAL A 161 20.35 -23.94 7.92
N GLU A 162 20.65 -22.62 7.94
CA GLU A 162 20.76 -21.81 9.15
C GLU A 162 19.43 -21.74 9.91
N LYS A 163 18.30 -21.72 9.18
CA LYS A 163 16.95 -21.66 9.77
C LYS A 163 16.62 -22.79 10.75
N GLU A 164 17.00 -24.03 10.40
CA GLU A 164 16.68 -25.19 11.25
C GLU A 164 17.77 -25.58 12.25
N SER A 165 19.06 -25.27 11.95
CA SER A 165 20.16 -25.65 12.84
C SER A 165 20.99 -24.51 13.44
N GLY A 166 21.04 -23.37 12.77
CA GLY A 166 21.81 -22.22 13.24
C GLY A 166 23.25 -22.26 12.80
N ILE A 167 23.74 -23.43 12.34
CA ILE A 167 25.12 -23.61 11.86
C ILE A 167 25.30 -22.97 10.50
N THR A 168 26.28 -22.05 10.40
CA THR A 168 26.65 -21.36 9.18
C THR A 168 27.89 -22.06 8.65
N ILE A 169 27.75 -22.71 7.51
CA ILE A 169 28.83 -23.45 6.86
C ILE A 169 29.77 -22.46 6.20
N GLU A 170 31.04 -22.46 6.66
CA GLU A 170 32.09 -21.57 6.13
C GLU A 170 32.24 -21.82 4.62
N GLY A 171 32.11 -20.73 3.84
CA GLY A 171 32.13 -20.75 2.38
C GLY A 171 30.76 -20.83 1.73
N VAL A 172 29.69 -20.78 2.54
CA VAL A 172 28.31 -20.84 2.08
C VAL A 172 27.51 -19.79 2.84
N ASN A 173 26.69 -19.00 2.12
CA ASN A 173 25.77 -17.99 2.68
C ASN A 173 26.45 -16.91 3.59
N THR A 174 27.71 -16.55 3.30
CA THR A 174 28.45 -15.45 3.94
C THR A 174 29.23 -14.74 2.83
N PRO A 175 29.40 -13.41 2.85
CA PRO A 175 30.16 -12.75 1.77
C PRO A 175 31.68 -12.85 1.92
N TYR A 176 32.39 -12.86 0.78
CA TYR A 176 33.84 -12.93 0.76
C TYR A 176 34.38 -11.85 -0.16
N LEU A 177 35.53 -11.28 0.18
CA LEU A 177 36.17 -10.24 -0.64
C LEU A 177 37.39 -10.83 -1.29
N TYR A 178 37.74 -10.39 -2.52
CA TYR A 178 38.90 -10.88 -3.27
C TYR A 178 39.64 -9.66 -3.77
N PHE A 179 40.81 -9.41 -3.25
CA PHE A 179 41.65 -8.30 -3.69
C PHE A 179 42.60 -8.93 -4.72
N GLY A 180 42.40 -8.62 -5.99
CA GLY A 180 43.22 -9.16 -7.05
C GLY A 180 44.36 -8.26 -7.50
N MET A 181 45.30 -8.84 -8.23
CA MET A 181 46.39 -8.13 -8.91
C MET A 181 46.54 -8.86 -10.22
N TRP A 182 47.31 -8.30 -11.13
CA TRP A 182 47.50 -8.89 -12.45
C TRP A 182 47.90 -10.36 -12.35
N LYS A 183 47.26 -11.22 -13.15
CA LYS A 183 47.60 -12.62 -13.30
C LYS A 183 47.14 -13.51 -12.13
N THR A 184 46.36 -12.94 -11.16
CA THR A 184 45.77 -13.77 -10.10
C THR A 184 44.64 -14.50 -10.78
N SER A 185 44.41 -15.75 -10.41
CA SER A 185 43.39 -16.55 -11.08
C SER A 185 42.51 -17.42 -10.22
N PHE A 186 41.43 -17.84 -10.83
CA PHE A 186 40.54 -18.81 -10.23
C PHE A 186 40.47 -19.96 -11.24
N ALA A 187 40.74 -21.17 -10.76
CA ALA A 187 40.78 -22.38 -11.55
C ALA A 187 39.41 -22.88 -11.95
N TRP A 188 39.34 -23.82 -12.88
CA TRP A 188 38.06 -24.34 -13.32
C TRP A 188 37.32 -25.03 -12.20
N HIS A 189 36.08 -24.62 -11.98
CA HIS A 189 35.27 -25.18 -10.93
C HIS A 189 33.80 -24.81 -11.06
N THR A 190 32.99 -25.49 -10.28
CA THR A 190 31.58 -25.23 -10.17
C THR A 190 31.52 -24.86 -8.71
N GLU A 191 30.44 -24.23 -8.29
CA GLU A 191 30.33 -23.82 -6.89
C GLU A 191 30.19 -25.02 -5.96
N ASP A 192 30.40 -24.80 -4.65
CA ASP A 192 30.22 -25.82 -3.62
C ASP A 192 28.77 -26.28 -3.69
N MET A 193 28.53 -27.63 -3.67
CA MET A 193 27.20 -28.24 -3.76
C MET A 193 26.48 -27.90 -5.09
N ASP A 194 27.25 -27.42 -6.07
CA ASP A 194 26.78 -26.96 -7.39
C ASP A 194 25.74 -25.83 -7.28
N LEU A 195 25.96 -24.93 -6.34
CA LEU A 195 25.12 -23.78 -6.09
C LEU A 195 25.32 -22.64 -7.09
N TYR A 196 24.46 -21.64 -7.02
CA TYR A 196 24.56 -20.45 -7.82
C TYR A 196 25.59 -19.59 -7.12
N SER A 197 26.14 -18.60 -7.80
CA SER A 197 27.06 -17.65 -7.19
C SER A 197 26.85 -16.26 -7.79
N ILE A 198 27.16 -15.23 -7.01
CA ILE A 198 27.04 -13.83 -7.40
C ILE A 198 28.38 -13.18 -7.11
N ASN A 199 28.89 -12.36 -8.02
CA ASN A 199 30.16 -11.69 -7.90
C ASN A 199 30.00 -10.26 -8.37
N TYR A 200 30.31 -9.32 -7.49
CA TYR A 200 30.26 -7.92 -7.85
C TYR A 200 31.68 -7.36 -7.83
N LEU A 201 32.12 -6.72 -8.93
CA LEU A 201 33.42 -6.09 -8.98
C LEU A 201 33.27 -4.68 -8.42
N HIS A 202 33.68 -4.46 -7.15
CA HIS A 202 33.56 -3.14 -6.50
C HIS A 202 34.38 -2.05 -7.19
N PHE A 203 35.65 -2.34 -7.50
CA PHE A 203 36.50 -1.32 -8.14
C PHE A 203 37.72 -1.96 -8.76
N GLY A 204 38.46 -1.14 -9.48
CA GLY A 204 39.72 -1.50 -10.10
C GLY A 204 39.64 -2.06 -11.50
N GLU A 205 40.73 -2.76 -11.87
CA GLU A 205 40.91 -3.34 -13.17
C GLU A 205 39.97 -4.53 -13.41
N PRO A 206 39.66 -4.84 -14.68
CA PRO A 206 38.68 -5.92 -14.95
C PRO A 206 39.07 -7.32 -14.47
N LYS A 207 38.08 -8.18 -14.51
CA LYS A 207 38.17 -9.60 -14.21
C LYS A 207 37.63 -10.34 -15.41
N SER A 208 38.44 -11.19 -16.07
CA SER A 208 38.01 -11.95 -17.24
C SER A 208 37.61 -13.35 -16.84
N TRP A 209 36.54 -13.88 -17.47
CA TRP A 209 35.91 -15.14 -17.15
C TRP A 209 35.79 -16.01 -18.38
N TYR A 210 35.88 -17.33 -18.14
CA TYR A 210 35.64 -18.38 -19.12
C TYR A 210 34.50 -19.21 -18.53
N SER A 211 33.65 -19.73 -19.39
CA SER A 211 32.51 -20.52 -18.95
C SER A 211 32.27 -21.71 -19.87
N VAL A 212 31.86 -22.84 -19.29
CA VAL A 212 31.48 -24.03 -20.05
C VAL A 212 29.97 -24.25 -19.71
N PRO A 213 29.10 -24.40 -20.73
CA PRO A 213 27.68 -24.58 -20.42
C PRO A 213 27.42 -25.81 -19.55
N PRO A 214 26.55 -25.75 -18.52
CA PRO A 214 26.25 -26.98 -17.72
C PRO A 214 25.91 -28.22 -18.55
N GLU A 215 25.25 -28.08 -19.72
CA GLU A 215 24.97 -29.24 -20.56
C GLU A 215 26.27 -29.89 -21.17
N HIS A 216 27.44 -29.22 -21.06
CA HIS A 216 28.72 -29.75 -21.54
C HIS A 216 29.75 -29.97 -20.42
N GLY A 217 29.31 -29.76 -19.17
CA GLY A 217 30.14 -29.89 -17.98
C GLY A 217 30.81 -31.24 -17.81
N LYS A 218 30.06 -32.35 -18.08
CA LYS A 218 30.62 -33.69 -17.98
C LYS A 218 31.76 -33.93 -18.98
N ARG A 219 31.73 -33.22 -20.14
CA ARG A 219 32.80 -33.31 -21.14
C ARG A 219 34.06 -32.67 -20.60
N LEU A 220 33.94 -31.53 -19.88
CA LEU A 220 35.09 -30.89 -19.28
C LEU A 220 35.71 -31.82 -18.22
N GLU A 221 34.85 -32.41 -17.35
CA GLU A 221 35.28 -33.37 -16.33
C GLU A 221 36.01 -34.55 -16.94
N ARG A 222 35.48 -35.14 -18.02
CA ARG A 222 36.12 -36.26 -18.72
C ARG A 222 37.46 -35.82 -19.31
N LEU A 223 37.52 -34.60 -19.84
CA LEU A 223 38.78 -34.06 -20.36
C LEU A 223 39.84 -33.91 -19.24
N ALA A 224 39.46 -33.31 -18.09
CA ALA A 224 40.38 -33.12 -16.95
C ALA A 224 40.81 -34.43 -16.32
N LYS A 225 39.96 -35.45 -16.38
CA LYS A 225 40.26 -36.81 -15.92
C LYS A 225 41.38 -37.42 -16.81
N GLY A 226 41.24 -37.30 -18.13
CA GLY A 226 42.26 -37.77 -19.08
C GLY A 226 43.60 -37.05 -18.97
N PHE A 227 43.59 -35.74 -18.61
CA PHE A 227 44.78 -34.91 -18.44
C PHE A 227 45.50 -35.07 -17.10
N PHE A 228 44.73 -35.36 -16.04
CA PHE A 228 45.26 -35.54 -14.69
C PHE A 228 44.72 -36.86 -14.15
N PRO A 229 45.14 -38.03 -14.71
CA PRO A 229 44.61 -39.32 -14.22
C PRO A 229 44.97 -39.65 -12.77
N GLY A 230 46.11 -39.14 -12.29
CA GLY A 230 46.56 -39.31 -10.92
C GLY A 230 45.66 -38.59 -9.94
N SER A 231 45.29 -37.33 -10.25
CA SER A 231 44.39 -36.51 -9.43
C SER A 231 42.98 -37.12 -9.36
N ALA A 232 42.52 -37.72 -10.48
CA ALA A 232 41.21 -38.34 -10.63
C ALA A 232 41.07 -39.63 -9.82
N GLN A 233 42.13 -40.45 -9.73
CA GLN A 233 42.11 -41.70 -8.96
C GLN A 233 42.05 -41.43 -7.44
N SER A 234 42.72 -40.37 -7.01
CA SER A 234 42.73 -39.92 -5.62
C SER A 234 41.41 -39.33 -5.17
N CYS A 235 40.78 -38.55 -6.05
CA CYS A 235 39.51 -37.91 -5.76
C CYS A 235 38.74 -37.83 -7.06
N GLU A 236 37.50 -38.30 -7.09
CA GLU A 236 36.73 -38.23 -8.33
C GLU A 236 36.43 -36.78 -8.68
N ALA A 237 36.09 -36.01 -7.65
CA ALA A 237 35.75 -34.59 -7.73
C ALA A 237 36.98 -33.64 -7.54
N PHE A 238 38.17 -34.00 -8.08
CA PHE A 238 39.41 -33.20 -7.88
C PHE A 238 39.31 -31.75 -8.40
N LEU A 239 38.37 -31.46 -9.33
CA LEU A 239 38.20 -30.08 -9.81
C LEU A 239 37.74 -29.16 -8.69
N ARG A 240 37.04 -29.72 -7.68
CA ARG A 240 36.58 -28.96 -6.50
C ARG A 240 37.73 -28.43 -5.65
N HIS A 241 38.98 -28.94 -5.84
CA HIS A 241 40.17 -28.44 -5.15
C HIS A 241 40.54 -27.04 -5.66
N LYS A 242 40.02 -26.66 -6.85
CA LYS A 242 40.22 -25.36 -7.52
C LYS A 242 41.70 -25.07 -7.80
N MET A 243 42.41 -26.10 -8.29
CA MET A 243 43.85 -26.04 -8.62
C MET A 243 44.11 -26.23 -10.13
N THR A 244 43.11 -26.67 -10.88
CA THR A 244 43.30 -27.03 -12.29
C THR A 244 43.04 -25.88 -13.26
N LEU A 245 44.08 -25.53 -14.04
CA LEU A 245 43.99 -24.48 -15.05
C LEU A 245 44.14 -25.14 -16.41
N ILE A 246 43.20 -24.83 -17.31
CA ILE A 246 43.18 -25.37 -18.68
C ILE A 246 42.95 -24.19 -19.58
N SER A 247 43.88 -23.93 -20.53
CA SER A 247 43.78 -22.80 -21.47
C SER A 247 42.62 -22.95 -22.46
N PRO A 248 42.07 -21.82 -22.99
CA PRO A 248 41.02 -21.94 -24.01
C PRO A 248 41.47 -22.70 -25.26
N LEU A 249 42.78 -22.63 -25.60
CA LEU A 249 43.36 -23.34 -26.76
C LEU A 249 43.18 -24.86 -26.64
N MET A 250 43.34 -25.39 -25.42
CA MET A 250 43.16 -26.80 -25.09
C MET A 250 41.69 -27.17 -25.15
N LEU A 251 40.82 -26.32 -24.57
CA LEU A 251 39.37 -26.55 -24.65
C LEU A 251 38.91 -26.65 -26.12
N LYS A 252 39.41 -25.73 -26.97
CA LYS A 252 39.06 -25.65 -28.39
C LYS A 252 39.55 -26.89 -29.15
N LYS A 253 40.79 -27.33 -28.83
CA LYS A 253 41.44 -28.47 -29.45
C LYS A 253 40.66 -29.77 -29.18
N TYR A 254 40.10 -29.89 -27.96
CA TYR A 254 39.38 -31.08 -27.54
C TYR A 254 37.85 -30.93 -27.66
N GLY A 255 37.43 -29.92 -28.39
CA GLY A 255 36.03 -29.67 -28.71
C GLY A 255 35.12 -29.37 -27.53
N ILE A 256 35.66 -28.76 -26.48
CA ILE A 256 34.81 -28.39 -25.35
C ILE A 256 34.22 -27.01 -25.68
N PRO A 257 32.87 -26.87 -25.77
CA PRO A 257 32.29 -25.53 -26.02
C PRO A 257 32.48 -24.66 -24.79
N PHE A 258 32.84 -23.37 -25.01
CA PHE A 258 33.06 -22.40 -23.95
C PHE A 258 32.83 -21.00 -24.49
N ASP A 259 32.67 -20.06 -23.57
CA ASP A 259 32.52 -18.65 -23.89
C ASP A 259 33.37 -17.84 -22.95
N LYS A 260 33.61 -16.58 -23.30
CA LYS A 260 34.42 -15.69 -22.49
C LYS A 260 33.81 -14.33 -22.37
N VAL A 261 33.98 -13.72 -21.20
CA VAL A 261 33.42 -12.40 -20.91
C VAL A 261 34.35 -11.65 -19.97
N THR A 262 34.45 -10.34 -20.16
CA THR A 262 35.22 -9.49 -19.27
C THR A 262 34.23 -8.69 -18.41
N GLN A 263 34.39 -8.80 -17.08
CA GLN A 263 33.62 -8.07 -16.05
C GLN A 263 34.38 -6.79 -15.65
N GLU A 264 33.74 -5.63 -15.77
CA GLU A 264 34.31 -4.32 -15.45
C GLU A 264 33.79 -3.87 -14.09
N ALA A 265 34.48 -2.88 -13.47
CA ALA A 265 34.05 -2.35 -12.16
C ALA A 265 32.58 -1.93 -12.21
N GLY A 266 31.84 -2.31 -11.19
CA GLY A 266 30.44 -1.91 -11.10
C GLY A 266 29.49 -2.91 -11.73
N GLU A 267 30.00 -4.07 -12.20
CA GLU A 267 29.13 -5.06 -12.83
C GLU A 267 29.07 -6.32 -12.00
N PHE A 268 27.97 -7.07 -12.12
CA PHE A 268 27.74 -8.35 -11.45
C PHE A 268 27.92 -9.51 -12.44
N MET A 269 28.42 -10.63 -11.93
CA MET A 269 28.45 -11.87 -12.68
C MET A 269 27.65 -12.87 -11.87
N ILE A 270 26.76 -13.61 -12.55
CA ILE A 270 25.98 -14.70 -11.95
C ILE A 270 26.49 -16.00 -12.54
N THR A 271 26.84 -16.99 -11.69
CA THR A 271 27.22 -18.33 -12.15
C THR A 271 26.02 -19.23 -11.78
N PHE A 272 25.66 -20.15 -12.65
CA PHE A 272 24.51 -21.03 -12.50
C PHE A 272 24.92 -22.44 -12.08
N PRO A 273 23.98 -23.22 -11.46
CA PRO A 273 24.32 -24.57 -11.01
C PRO A 273 24.99 -25.44 -12.07
N TYR A 274 26.14 -26.02 -11.69
CA TYR A 274 26.93 -26.89 -12.56
C TYR A 274 27.55 -26.09 -13.74
N GLY A 275 27.70 -24.79 -13.54
CA GLY A 275 28.36 -23.91 -14.49
C GLY A 275 29.83 -23.85 -14.17
N TYR A 276 30.67 -24.53 -14.95
CA TYR A 276 32.12 -24.52 -14.78
C TYR A 276 32.69 -23.17 -15.24
N HIS A 277 33.47 -22.51 -14.39
CA HIS A 277 34.08 -21.24 -14.75
C HIS A 277 35.52 -21.16 -14.24
N ALA A 278 36.31 -20.29 -14.88
CA ALA A 278 37.71 -19.99 -14.53
C ALA A 278 37.97 -18.56 -15.02
N GLY A 279 39.08 -17.96 -14.61
CA GLY A 279 39.36 -16.62 -15.09
C GLY A 279 40.54 -16.00 -14.38
N PHE A 280 40.75 -14.71 -14.60
CA PHE A 280 41.91 -14.01 -14.06
C PHE A 280 41.61 -12.53 -13.98
N ASN A 281 42.35 -11.86 -13.12
CA ASN A 281 42.29 -10.42 -12.88
C ASN A 281 43.32 -9.71 -13.74
N HIS A 282 42.92 -8.54 -14.31
CA HIS A 282 43.77 -7.72 -15.19
C HIS A 282 44.72 -6.88 -14.40
N GLY A 283 44.33 -6.55 -13.18
CA GLY A 283 45.15 -5.71 -12.29
C GLY A 283 44.54 -5.55 -10.92
N PHE A 284 45.04 -4.57 -10.17
CA PHE A 284 44.54 -4.29 -8.82
C PHE A 284 43.04 -4.07 -8.85
N ASN A 285 42.29 -4.86 -8.09
CA ASN A 285 40.84 -4.75 -8.04
C ASN A 285 40.32 -5.37 -6.77
N CYS A 286 39.00 -5.33 -6.56
CA CYS A 286 38.32 -5.92 -5.42
C CYS A 286 36.92 -6.36 -5.83
N ALA A 287 36.61 -7.64 -5.60
CA ALA A 287 35.30 -8.26 -5.89
C ALA A 287 34.70 -8.82 -4.62
N GLU A 288 33.37 -8.80 -4.55
CA GLU A 288 32.60 -9.38 -3.43
C GLU A 288 31.75 -10.53 -4.00
N SER A 289 31.71 -11.65 -3.28
CA SER A 289 31.01 -12.84 -3.73
C SER A 289 30.34 -13.62 -2.61
N THR A 290 29.32 -14.42 -3.00
CA THR A 290 28.59 -15.38 -2.17
C THR A 290 27.84 -16.38 -3.06
N ASN A 291 27.29 -17.43 -2.44
CA ASN A 291 26.49 -18.47 -3.09
C ASN A 291 25.08 -18.21 -2.71
N PHE A 292 24.13 -18.68 -3.52
CA PHE A 292 22.72 -18.56 -3.25
C PHE A 292 22.03 -19.73 -3.95
N ALA A 293 20.72 -19.85 -3.76
CA ALA A 293 19.97 -20.92 -4.38
C ALA A 293 18.61 -20.49 -4.86
N THR A 294 18.03 -21.30 -5.75
CA THR A 294 16.65 -21.21 -6.24
C THR A 294 16.11 -22.64 -6.06
N ARG A 295 14.80 -22.86 -6.35
CA ARG A 295 14.16 -24.17 -6.24
C ARG A 295 14.82 -25.19 -7.20
N ARG A 296 15.27 -24.71 -8.40
CA ARG A 296 15.98 -25.50 -9.43
C ARG A 296 17.27 -26.15 -8.90
N TRP A 297 17.98 -25.50 -7.97
CA TRP A 297 19.22 -26.01 -7.40
C TRP A 297 19.04 -27.29 -6.59
N ILE A 298 17.85 -27.53 -6.02
CA ILE A 298 17.64 -28.69 -5.14
C ILE A 298 18.07 -29.99 -5.80
N GLU A 299 17.68 -30.25 -7.06
CA GLU A 299 18.12 -31.46 -7.74
C GLU A 299 19.65 -31.49 -7.95
N TYR A 300 20.26 -30.31 -8.25
CA TYR A 300 21.71 -30.16 -8.38
C TYR A 300 22.47 -30.52 -7.08
N GLY A 301 21.97 -30.05 -5.94
CA GLY A 301 22.55 -30.36 -4.63
C GLY A 301 22.45 -31.83 -4.25
N LYS A 302 21.37 -32.50 -4.68
CA LYS A 302 21.13 -33.93 -4.43
C LYS A 302 22.12 -34.78 -5.23
N GLN A 303 22.46 -34.30 -6.45
CA GLN A 303 23.32 -35.03 -7.37
C GLN A 303 24.76 -34.56 -7.41
N ALA A 304 25.12 -33.49 -6.64
CA ALA A 304 26.47 -32.96 -6.60
C ALA A 304 27.51 -34.04 -6.26
N VAL A 305 28.54 -34.20 -7.10
CA VAL A 305 29.63 -35.16 -6.90
C VAL A 305 30.68 -34.39 -6.08
N LEU A 306 30.86 -34.81 -4.82
CA LEU A 306 31.69 -34.10 -3.85
C LEU A 306 33.08 -34.67 -3.63
N CYS A 307 34.00 -33.81 -3.15
CA CYS A 307 35.38 -34.18 -2.85
C CYS A 307 35.41 -35.25 -1.78
N SER A 308 36.04 -36.40 -2.10
CA SER A 308 36.15 -37.55 -1.21
C SER A 308 37.55 -37.71 -0.60
N CYS A 309 38.40 -36.67 -0.65
CA CYS A 309 39.76 -36.75 -0.12
C CYS A 309 40.09 -35.72 0.98
N ARG A 310 39.11 -34.87 1.37
CA ARG A 310 39.33 -33.82 2.36
N MET A 313 36.36 -29.95 3.13
CA MET A 313 35.50 -29.58 2.00
C MET A 313 34.09 -29.23 2.43
N VAL A 314 33.35 -28.48 1.58
CA VAL A 314 32.01 -27.97 1.84
C VAL A 314 30.93 -28.98 1.46
N LYS A 315 30.16 -29.40 2.47
CA LYS A 315 29.04 -30.31 2.30
C LYS A 315 27.82 -29.73 2.99
N ILE A 316 26.68 -29.80 2.31
CA ILE A 316 25.39 -29.36 2.86
C ILE A 316 24.44 -30.57 2.84
N SER A 317 23.75 -30.83 3.98
CA SER A 317 22.75 -31.89 4.07
C SER A 317 21.50 -31.43 3.27
N MET A 318 21.09 -32.24 2.27
CA MET A 318 19.95 -31.93 1.40
C MET A 318 18.60 -32.23 2.02
N ASP A 319 18.60 -33.11 3.05
CA ASP A 319 17.42 -33.59 3.79
C ASP A 319 16.37 -32.50 4.07
N VAL A 320 16.81 -31.32 4.56
CA VAL A 320 15.97 -30.14 4.84
C VAL A 320 15.25 -29.65 3.57
N PHE A 321 15.98 -29.52 2.43
CA PHE A 321 15.41 -29.06 1.15
C PHE A 321 14.45 -30.06 0.52
N VAL A 322 14.80 -31.36 0.55
CA VAL A 322 13.98 -32.45 -0.01
C VAL A 322 12.69 -32.55 0.79
N ARG A 323 12.77 -32.63 2.13
CA ARG A 323 11.64 -32.72 3.06
C ARG A 323 10.62 -31.57 2.89
N LYS A 324 11.09 -30.34 2.57
CA LYS A 324 10.27 -29.13 2.41
C LYS A 324 9.68 -28.95 1.01
N PHE A 325 10.51 -29.08 -0.03
CA PHE A 325 10.17 -28.81 -1.43
C PHE A 325 9.84 -30.02 -2.29
N GLN A 326 10.30 -31.22 -1.88
CA GLN A 326 10.06 -32.50 -2.57
C GLN A 326 9.67 -33.59 -1.53
N PRO A 327 8.64 -33.39 -0.63
CA PRO A 327 8.34 -34.43 0.38
C PRO A 327 7.84 -35.77 -0.16
N GLU A 328 7.19 -35.78 -1.35
CA GLU A 328 6.70 -37.01 -1.98
C GLU A 328 7.87 -37.91 -2.42
N ARG A 329 9.01 -37.27 -2.75
CA ARG A 329 10.22 -37.93 -3.18
C ARG A 329 11.14 -38.28 -2.02
N TYR A 330 10.90 -37.73 -0.80
CA TYR A 330 11.75 -37.94 0.38
C TYR A 330 12.10 -39.40 0.65
N LYS A 331 11.08 -40.27 0.83
CA LYS A 331 11.23 -41.70 1.08
C LYS A 331 11.98 -42.40 -0.06
N LEU A 332 11.61 -42.08 -1.33
CA LEU A 332 12.24 -42.61 -2.55
C LEU A 332 13.72 -42.22 -2.63
N TRP A 333 14.04 -40.96 -2.26
CA TRP A 333 15.40 -40.40 -2.25
C TRP A 333 16.24 -40.99 -1.10
N LYS A 334 15.65 -41.17 0.09
CA LYS A 334 16.35 -41.75 1.23
C LYS A 334 16.61 -43.28 1.07
N ALA A 335 15.90 -43.93 0.13
CA ALA A 335 16.04 -45.36 -0.18
C ALA A 335 17.00 -45.62 -1.36
N GLY A 336 17.43 -44.55 -2.03
CA GLY A 336 18.31 -44.60 -3.19
C GLY A 336 17.60 -44.88 -4.49
N LYS A 337 16.30 -44.58 -4.55
CA LYS A 337 15.43 -44.82 -5.71
C LYS A 337 15.13 -43.55 -6.53
N ASP A 338 15.68 -42.39 -6.08
CA ASP A 338 15.47 -41.13 -6.80
C ASP A 338 16.32 -41.10 -8.08
N ASN A 339 15.73 -41.65 -9.16
CA ASN A 339 16.34 -41.80 -10.48
C ASN A 339 16.24 -40.54 -11.36
N THR A 340 15.67 -39.42 -10.81
CA THR A 340 15.50 -38.12 -11.49
C THR A 340 16.77 -37.70 -12.28
N VAL A 341 16.55 -37.32 -13.55
CA VAL A 341 17.56 -36.87 -14.50
C VAL A 341 17.40 -35.36 -14.68
N ILE A 342 18.50 -34.60 -14.48
CA ILE A 342 18.45 -33.14 -14.62
C ILE A 342 18.51 -32.76 -16.10
N ASP A 343 17.63 -31.81 -16.50
CA ASP A 343 17.60 -31.21 -17.82
C ASP A 343 18.16 -29.79 -17.60
N HIS A 344 19.40 -29.54 -18.06
CA HIS A 344 20.12 -28.27 -17.88
C HIS A 344 19.55 -27.08 -18.68
N THR A 345 18.61 -27.35 -19.61
CA THR A 345 18.00 -26.30 -20.43
C THR A 345 16.79 -25.65 -19.74
N LEU A 346 16.12 -26.40 -18.84
CA LEU A 346 14.93 -25.96 -18.13
C LEU A 346 15.18 -24.83 -17.13
N PRO A 347 14.36 -23.74 -17.19
CA PRO A 347 14.53 -22.66 -16.19
C PRO A 347 13.94 -23.06 -14.82
N THR A 348 14.19 -22.22 -13.81
CA THR A 348 13.69 -22.45 -12.45
C THR A 348 12.15 -22.33 -12.43
N PRO A 349 11.42 -23.15 -11.62
CA PRO A 349 9.94 -23.04 -11.63
C PRO A 349 9.39 -21.63 -11.35
N GLU A 350 10.16 -20.78 -10.62
CA GLU A 350 9.80 -19.39 -10.29
C GLU A 350 9.63 -18.50 -11.54
N ALA A 351 10.24 -18.90 -12.66
CA ALA A 351 10.21 -18.19 -13.94
C ALA A 351 8.92 -18.41 -14.75
N ALA A 352 7.99 -19.25 -14.24
CA ALA A 352 6.71 -19.56 -14.90
C ALA A 352 5.92 -18.29 -15.25
N GLU A 353 5.94 -17.27 -14.36
CA GLU A 353 5.27 -15.98 -14.54
C GLU A 353 5.77 -15.16 -15.76
N PHE A 354 6.96 -15.49 -16.31
CA PHE A 354 7.54 -14.81 -17.48
C PHE A 354 7.42 -15.62 -18.80
N LEU A 355 6.87 -16.85 -18.74
CA LEU A 355 6.74 -17.75 -19.90
C LEU A 355 5.30 -18.21 -20.17
N PRO B 11 -31.78 -10.57 31.78
CA PRO B 11 -32.36 -11.90 32.05
C PRO B 11 -32.54 -12.71 30.77
N SER B 12 -33.18 -12.10 29.74
CA SER B 12 -33.38 -12.65 28.39
C SER B 12 -32.28 -12.06 27.51
N ALA B 13 -31.54 -11.10 28.08
CA ALA B 13 -30.40 -10.41 27.49
C ALA B 13 -29.04 -10.96 27.98
N ARG B 14 -29.02 -12.16 28.62
CA ARG B 14 -27.75 -12.80 29.05
C ARG B 14 -27.17 -13.48 27.80
N ILE B 15 -25.86 -13.46 27.63
CA ILE B 15 -25.28 -14.10 26.46
C ILE B 15 -25.46 -15.61 26.53
N MET B 16 -25.91 -16.19 25.42
CA MET B 16 -26.16 -17.62 25.33
C MET B 16 -25.08 -18.36 24.54
N THR B 17 -24.86 -19.63 24.88
CA THR B 17 -23.88 -20.48 24.22
C THR B 17 -24.60 -21.67 23.57
N PHE B 18 -24.21 -22.00 22.35
CA PHE B 18 -24.83 -23.08 21.59
C PHE B 18 -23.81 -24.11 21.18
N TYR B 19 -24.22 -25.38 21.18
CA TYR B 19 -23.39 -26.53 20.84
C TYR B 19 -24.06 -27.33 19.72
N PRO B 20 -24.07 -26.83 18.45
CA PRO B 20 -24.70 -27.61 17.37
C PRO B 20 -23.99 -28.92 17.10
N THR B 21 -24.76 -29.91 16.67
CA THR B 21 -24.22 -31.19 16.21
C THR B 21 -23.69 -30.92 14.79
N MET B 22 -22.96 -31.87 14.19
CA MET B 22 -22.46 -31.73 12.82
C MET B 22 -23.61 -31.43 11.81
N GLU B 23 -24.77 -32.14 11.93
CA GLU B 23 -25.96 -31.96 11.08
C GLU B 23 -26.59 -30.56 11.17
N GLU B 24 -26.79 -30.03 12.39
CA GLU B 24 -27.39 -28.70 12.61
C GLU B 24 -26.45 -27.57 12.15
N PHE B 25 -25.14 -27.81 12.31
CA PHE B 25 -24.05 -26.89 11.96
C PHE B 25 -23.88 -26.69 10.46
N ARG B 26 -24.27 -27.66 9.63
CA ARG B 26 -24.10 -27.60 8.17
C ARG B 26 -24.79 -26.40 7.51
N ASN B 27 -26.03 -26.06 7.91
CA ASN B 27 -26.71 -24.93 7.31
C ASN B 27 -26.55 -23.72 8.21
N PHE B 28 -25.71 -22.77 7.79
CA PHE B 28 -25.38 -21.55 8.55
C PHE B 28 -26.57 -20.66 8.85
N SER B 29 -27.29 -20.24 7.79
CA SER B 29 -28.41 -19.31 7.89
C SER B 29 -29.56 -19.88 8.68
N ARG B 30 -29.79 -21.20 8.55
CA ARG B 30 -30.82 -21.90 9.29
C ARG B 30 -30.42 -21.95 10.76
N TYR B 31 -29.12 -22.09 11.06
CA TYR B 31 -28.67 -22.12 12.45
C TYR B 31 -28.79 -20.76 13.11
N ILE B 32 -28.59 -19.68 12.34
CA ILE B 32 -28.76 -18.32 12.88
C ILE B 32 -30.24 -18.13 13.22
N ALA B 33 -31.15 -18.65 12.36
CA ALA B 33 -32.60 -18.58 12.54
C ALA B 33 -32.96 -19.33 13.82
N TYR B 34 -32.38 -20.55 14.04
CA TYR B 34 -32.63 -21.33 15.25
C TYR B 34 -32.21 -20.59 16.54
N ILE B 35 -30.98 -20.06 16.61
CA ILE B 35 -30.51 -19.37 17.83
C ILE B 35 -31.41 -18.13 18.15
N GLU B 36 -31.96 -17.43 17.14
CA GLU B 36 -32.89 -16.31 17.32
C GLU B 36 -34.23 -16.79 17.87
N SER B 37 -34.67 -18.02 17.48
CA SER B 37 -35.91 -18.61 18.01
C SER B 37 -35.70 -18.96 19.50
N GLN B 38 -34.42 -19.11 19.93
CA GLN B 38 -34.01 -19.39 21.30
C GLN B 38 -33.81 -18.10 22.12
N GLY B 39 -33.98 -16.95 21.47
CA GLY B 39 -33.82 -15.65 22.08
C GLY B 39 -32.39 -15.13 22.14
N ALA B 40 -31.44 -15.77 21.39
CA ALA B 40 -30.02 -15.38 21.40
C ALA B 40 -29.70 -13.90 21.02
N HIS B 41 -30.48 -13.33 20.09
CA HIS B 41 -30.34 -11.96 19.58
C HIS B 41 -30.58 -10.87 20.64
N ARG B 42 -31.32 -11.19 21.71
CA ARG B 42 -31.62 -10.22 22.77
C ARG B 42 -30.40 -9.76 23.55
N ALA B 43 -29.37 -10.59 23.69
CA ALA B 43 -28.14 -10.20 24.38
C ALA B 43 -27.29 -9.32 23.46
N GLY B 44 -27.47 -9.48 22.13
CA GLY B 44 -26.71 -8.78 21.09
C GLY B 44 -25.44 -9.52 20.68
N LEU B 45 -25.12 -10.61 21.40
CA LEU B 45 -23.93 -11.42 21.19
C LEU B 45 -24.28 -12.83 21.63
N ALA B 46 -23.80 -13.85 20.90
CA ALA B 46 -23.98 -15.26 21.25
C ALA B 46 -22.70 -16.00 20.88
N LYS B 47 -22.37 -17.04 21.65
CA LYS B 47 -21.24 -17.93 21.38
C LYS B 47 -21.74 -19.23 20.71
N VAL B 48 -21.01 -19.70 19.70
CA VAL B 48 -21.31 -20.96 19.05
C VAL B 48 -20.04 -21.82 19.08
N VAL B 49 -20.12 -22.97 19.77
CA VAL B 49 -19.01 -23.92 19.88
C VAL B 49 -19.24 -24.93 18.77
N PRO B 50 -18.37 -25.01 17.74
CA PRO B 50 -18.63 -25.94 16.63
C PRO B 50 -18.40 -27.39 17.04
N PRO B 51 -18.93 -28.39 16.29
CA PRO B 51 -18.68 -29.80 16.67
C PRO B 51 -17.16 -30.08 16.71
N LYS B 52 -16.72 -30.87 17.71
CA LYS B 52 -15.33 -31.22 17.97
C LYS B 52 -14.56 -31.76 16.75
N GLU B 53 -15.27 -32.39 15.80
CA GLU B 53 -14.68 -33.00 14.59
C GLU B 53 -14.41 -31.99 13.47
N TRP B 54 -15.06 -30.80 13.53
CA TRP B 54 -14.92 -29.75 12.52
C TRP B 54 -13.67 -28.92 12.76
N LYS B 55 -13.01 -28.53 11.66
CA LYS B 55 -11.81 -27.70 11.67
C LYS B 55 -11.74 -26.91 10.37
N PRO B 56 -11.51 -25.59 10.40
CA PRO B 56 -11.43 -24.84 9.14
C PRO B 56 -10.10 -25.02 8.38
N ARG B 57 -9.04 -25.50 9.06
CA ARG B 57 -7.70 -25.64 8.54
C ARG B 57 -6.98 -26.82 9.20
N ALA B 58 -6.12 -27.53 8.44
CA ALA B 58 -5.37 -28.67 8.94
C ALA B 58 -4.40 -28.28 10.07
N SER B 59 -3.68 -27.15 9.91
CA SER B 59 -2.71 -26.62 10.88
C SER B 59 -2.39 -25.16 10.55
N TYR B 60 -1.78 -24.42 11.50
CA TYR B 60 -1.40 -23.02 11.29
C TYR B 60 0.14 -22.85 11.29
N ASP B 61 0.86 -23.85 10.76
CA ASP B 61 2.32 -23.88 10.64
C ASP B 61 2.82 -23.07 9.44
N ASP B 62 1.97 -22.91 8.42
CA ASP B 62 2.26 -22.26 7.15
C ASP B 62 1.83 -20.78 7.07
N ILE B 63 1.84 -20.05 8.20
CA ILE B 63 1.38 -18.65 8.15
C ILE B 63 2.38 -17.61 8.76
N ASP B 64 3.63 -18.03 9.13
CA ASP B 64 4.58 -17.08 9.73
C ASP B 64 5.07 -16.03 8.73
N ASP B 65 5.01 -16.35 7.42
CA ASP B 65 5.39 -15.39 6.39
C ASP B 65 4.22 -14.52 5.91
N LEU B 66 3.01 -14.73 6.48
CA LEU B 66 1.85 -13.92 6.12
C LEU B 66 2.16 -12.46 6.52
N VAL B 67 1.83 -11.52 5.62
CA VAL B 67 2.08 -10.11 5.83
C VAL B 67 0.83 -9.46 6.41
N ILE B 68 1.03 -8.63 7.46
CA ILE B 68 0.04 -7.74 8.07
C ILE B 68 0.38 -6.37 7.41
N PRO B 69 -0.36 -5.90 6.36
CA PRO B 69 0.10 -4.68 5.65
C PRO B 69 0.05 -3.38 6.45
N ALA B 70 -0.85 -3.30 7.45
CA ALA B 70 -1.03 -2.08 8.25
C ALA B 70 -1.26 -2.35 9.74
N PRO B 71 -0.23 -2.79 10.49
CA PRO B 71 -0.44 -2.97 11.94
C PRO B 71 -0.68 -1.61 12.59
N ILE B 72 -1.42 -1.60 13.70
CA ILE B 72 -1.78 -0.38 14.38
C ILE B 72 -1.32 -0.36 15.83
N GLN B 73 -0.64 0.72 16.23
CA GLN B 73 -0.31 0.89 17.63
C GLN B 73 -1.48 1.60 18.26
N GLN B 74 -1.97 1.07 19.38
CA GLN B 74 -3.19 1.57 20.02
C GLN B 74 -2.88 2.42 21.21
N LEU B 75 -2.80 3.75 20.98
CA LEU B 75 -2.51 4.74 22.03
C LEU B 75 -3.81 5.03 22.70
N VAL B 76 -3.88 4.90 24.02
CA VAL B 76 -5.12 5.12 24.77
C VAL B 76 -4.89 6.27 25.75
N THR B 77 -5.86 7.18 25.81
CA THR B 77 -5.84 8.35 26.71
C THR B 77 -7.17 8.39 27.49
N GLY B 78 -7.07 8.64 28.77
CA GLY B 78 -8.25 8.73 29.60
C GLY B 78 -8.02 8.43 31.06
N GLN B 79 -9.12 8.43 31.80
CA GLN B 79 -9.14 8.25 33.24
C GLN B 79 -10.56 7.96 33.66
N SER B 80 -10.73 7.47 34.91
CA SER B 80 -12.00 7.13 35.55
C SER B 80 -12.93 6.28 34.66
N GLY B 81 -12.40 5.25 34.01
CA GLY B 81 -13.19 4.36 33.16
C GLY B 81 -13.67 4.87 31.81
N LEU B 82 -13.20 6.05 31.37
CA LEU B 82 -13.56 6.68 30.09
C LEU B 82 -12.28 6.97 29.34
N PHE B 83 -12.16 6.39 28.15
CA PHE B 83 -10.95 6.49 27.35
C PHE B 83 -11.23 6.71 25.88
N THR B 84 -10.22 7.29 25.19
CA THR B 84 -10.18 7.48 23.75
C THR B 84 -8.96 6.74 23.23
N GLN B 85 -9.16 5.90 22.22
CA GLN B 85 -8.14 5.13 21.55
C GLN B 85 -7.74 5.81 20.19
N TYR B 86 -6.42 5.98 19.96
CA TYR B 86 -5.87 6.57 18.76
C TYR B 86 -5.11 5.47 18.05
N ASN B 87 -5.58 5.10 16.87
CA ASN B 87 -4.99 4.00 16.12
C ASN B 87 -3.92 4.48 15.14
N ILE B 88 -2.62 4.34 15.50
CA ILE B 88 -1.52 4.83 14.68
C ILE B 88 -0.84 3.72 13.85
N GLN B 89 -0.91 3.87 12.52
CA GLN B 89 -0.39 2.93 11.54
C GLN B 89 1.12 2.82 11.54
N LYS B 90 1.60 1.59 11.71
CA LYS B 90 3.02 1.24 11.70
C LYS B 90 3.31 0.56 10.35
N LYS B 91 4.61 0.38 10.01
CA LYS B 91 5.00 -0.27 8.76
C LYS B 91 4.59 -1.75 8.76
N ALA B 92 4.41 -2.32 7.56
CA ALA B 92 4.05 -3.73 7.34
C ALA B 92 5.01 -4.67 8.07
N MET B 93 4.49 -5.76 8.61
CA MET B 93 5.27 -6.78 9.26
C MET B 93 4.69 -8.17 8.97
N THR B 94 5.51 -9.20 9.15
CA THR B 94 5.08 -10.58 8.98
C THR B 94 4.43 -11.06 10.29
N VAL B 95 3.75 -12.22 10.27
CA VAL B 95 3.18 -12.81 11.48
C VAL B 95 4.35 -13.23 12.43
N ARG B 96 5.50 -13.63 11.87
CA ARG B 96 6.73 -13.97 12.58
C ARG B 96 7.19 -12.77 13.43
N GLU B 97 7.34 -11.58 12.82
CA GLU B 97 7.77 -10.35 13.49
C GLU B 97 6.75 -9.93 14.57
N PHE B 98 5.45 -10.05 14.24
CA PHE B 98 4.35 -9.72 15.15
C PHE B 98 4.36 -10.60 16.41
N ARG B 99 4.39 -11.94 16.24
CA ARG B 99 4.46 -12.96 17.30
C ARG B 99 5.65 -12.71 18.25
N LYS B 100 6.83 -12.33 17.69
CA LYS B 100 8.02 -12.02 18.49
C LYS B 100 7.74 -10.83 19.44
N ILE B 101 7.12 -9.75 18.95
CA ILE B 101 6.77 -8.61 19.79
C ILE B 101 5.71 -9.04 20.83
N ALA B 102 4.64 -9.75 20.37
CA ALA B 102 3.54 -10.21 21.23
C ALA B 102 4.02 -11.08 22.40
N ASN B 103 5.00 -11.95 22.17
CA ASN B 103 5.50 -12.81 23.23
C ASN B 103 6.74 -12.23 23.94
N SER B 104 7.18 -11.00 23.60
CA SER B 104 8.35 -10.37 24.26
C SER B 104 7.96 -9.85 25.65
N ASP B 105 8.96 -9.62 26.50
CA ASP B 105 8.78 -9.18 27.90
C ASP B 105 7.95 -7.91 28.07
N LYS B 106 8.16 -6.94 27.20
CA LYS B 106 7.45 -5.67 27.22
C LYS B 106 5.94 -5.79 26.88
N TYR B 107 5.54 -6.83 26.11
CA TYR B 107 4.15 -6.94 25.64
C TYR B 107 3.40 -8.23 25.97
N CYS B 108 4.06 -9.24 26.54
CA CYS B 108 3.40 -10.51 26.84
C CYS B 108 2.32 -10.36 27.92
N THR B 109 1.35 -11.29 27.93
CA THR B 109 0.29 -11.36 28.93
C THR B 109 0.91 -11.41 30.34
N PRO B 110 0.37 -10.66 31.32
CA PRO B 110 0.89 -10.78 32.70
C PRO B 110 0.50 -12.12 33.31
N ARG B 111 1.25 -12.56 34.34
CA ARG B 111 0.93 -13.76 35.10
C ARG B 111 -0.35 -13.42 35.91
N TYR B 112 -1.32 -14.34 35.90
CA TYR B 112 -2.59 -14.15 36.61
C TYR B 112 -3.23 -15.53 36.91
N SER B 113 -4.16 -15.58 37.90
CA SER B 113 -4.86 -16.80 38.26
C SER B 113 -6.27 -16.93 37.64
N GLU B 114 -7.14 -15.92 37.84
CA GLU B 114 -8.52 -15.94 37.34
C GLU B 114 -8.80 -14.79 36.37
N PHE B 115 -9.84 -14.93 35.51
CA PHE B 115 -10.23 -13.91 34.54
C PHE B 115 -10.36 -12.52 35.15
N GLU B 116 -11.06 -12.44 36.30
CA GLU B 116 -11.31 -11.20 37.03
C GLU B 116 -10.04 -10.41 37.26
N GLU B 117 -8.90 -11.11 37.50
CA GLU B 117 -7.58 -10.50 37.71
C GLU B 117 -7.04 -9.92 36.41
N LEU B 118 -7.10 -10.67 35.29
CA LEU B 118 -6.66 -10.21 33.99
C LEU B 118 -7.53 -9.01 33.51
N GLU B 119 -8.84 -9.07 33.77
CA GLU B 119 -9.78 -8.01 33.44
C GLU B 119 -9.41 -6.70 34.20
N ARG B 120 -9.11 -6.82 35.52
CA ARG B 120 -8.69 -5.67 36.32
C ARG B 120 -7.36 -5.11 35.79
N LYS B 121 -6.42 -5.99 35.38
CA LYS B 121 -5.13 -5.58 34.81
C LYS B 121 -5.34 -4.82 33.53
N TYR B 122 -6.22 -5.30 32.67
CA TYR B 122 -6.53 -4.63 31.43
C TYR B 122 -7.03 -3.21 31.71
N TRP B 123 -8.09 -3.06 32.54
CA TRP B 123 -8.70 -1.76 32.83
C TRP B 123 -7.76 -0.81 33.60
N LYS B 124 -6.77 -1.36 34.31
CA LYS B 124 -5.79 -0.59 35.08
C LYS B 124 -4.61 -0.16 34.19
N ASN B 125 -4.24 -1.01 33.22
CA ASN B 125 -3.05 -0.76 32.38
C ASN B 125 -3.30 -0.36 30.94
N LEU B 126 -4.55 -0.29 30.47
N LEU B 126 -4.57 -0.21 30.57
CA LEU B 126 -4.86 -0.01 29.05
CA LEU B 126 -5.06 0.15 29.25
C LEU B 126 -4.19 1.27 28.48
C LEU B 126 -4.25 1.25 28.55
N THR B 127 -3.86 2.28 29.30
CA THR B 127 -3.17 3.48 28.79
C THR B 127 -1.66 3.37 28.76
N PHE B 128 -1.07 2.28 29.29
CA PHE B 128 0.38 2.08 29.30
C PHE B 128 0.86 1.10 28.22
N ASN B 129 2.14 1.16 27.84
CA ASN B 129 2.84 0.31 26.84
C ASN B 129 1.94 -0.05 25.64
N PRO B 130 1.55 0.99 24.83
CA PRO B 130 0.58 0.75 23.75
C PRO B 130 0.95 -0.40 22.83
N PRO B 131 0.08 -1.41 22.78
CA PRO B 131 0.40 -2.60 21.97
C PRO B 131 0.14 -2.37 20.48
N ILE B 132 0.54 -3.33 19.67
CA ILE B 132 0.31 -3.32 18.23
C ILE B 132 -0.77 -4.37 17.91
N TYR B 133 -1.77 -4.00 17.10
CA TYR B 133 -2.86 -4.90 16.71
C TYR B 133 -2.71 -5.12 15.20
N GLY B 134 -2.53 -6.38 14.78
CA GLY B 134 -2.45 -6.73 13.36
C GLY B 134 -3.85 -6.85 12.80
N ALA B 135 -4.59 -5.72 12.80
CA ALA B 135 -6.00 -5.66 12.44
C ALA B 135 -6.28 -5.41 10.97
N ASP B 136 -7.50 -5.79 10.55
CA ASP B 136 -8.07 -5.56 9.20
C ASP B 136 -7.21 -6.12 8.05
N VAL B 137 -6.65 -7.32 8.27
CA VAL B 137 -5.84 -7.96 7.22
C VAL B 137 -6.83 -8.68 6.31
N ASN B 138 -6.88 -8.28 5.03
N ASN B 138 -6.89 -8.27 5.04
CA ASN B 138 -7.74 -8.88 4.01
CA ASN B 138 -7.76 -8.84 4.01
C ASN B 138 -7.32 -10.32 3.79
C ASN B 138 -7.34 -10.30 3.76
N GLY B 139 -8.22 -11.24 4.08
CA GLY B 139 -7.94 -12.66 3.90
C GLY B 139 -8.71 -13.60 4.79
N THR B 140 -8.46 -14.89 4.55
CA THR B 140 -9.07 -16.02 5.23
C THR B 140 -8.00 -17.05 5.57
N LEU B 141 -8.20 -17.80 6.68
CA LEU B 141 -7.32 -18.90 7.05
C LEU B 141 -8.08 -20.22 6.81
N TYR B 142 -9.32 -20.14 6.31
CA TYR B 142 -10.12 -21.31 5.95
C TYR B 142 -9.58 -21.91 4.67
N GLU B 143 -9.53 -23.25 4.59
CA GLU B 143 -9.16 -23.93 3.35
C GLU B 143 -10.40 -23.74 2.47
N LYS B 144 -10.18 -23.56 1.17
CA LYS B 144 -11.21 -23.30 0.15
C LYS B 144 -12.37 -24.29 0.14
N HIS B 145 -12.10 -25.59 0.37
CA HIS B 145 -13.10 -26.67 0.32
C HIS B 145 -14.08 -26.76 1.52
N VAL B 146 -13.75 -26.14 2.67
CA VAL B 146 -14.61 -26.16 3.88
C VAL B 146 -15.95 -25.46 3.61
N ASP B 147 -17.06 -26.22 3.59
CA ASP B 147 -18.42 -25.71 3.29
C ASP B 147 -19.20 -25.23 4.50
N GLU B 148 -18.80 -25.67 5.71
CA GLU B 148 -19.50 -25.25 6.94
C GLU B 148 -18.95 -23.98 7.52
N TRP B 149 -19.83 -22.98 7.71
CA TRP B 149 -19.53 -21.68 8.33
C TRP B 149 -18.28 -21.02 7.75
N ASN B 150 -18.15 -21.11 6.42
CA ASN B 150 -16.99 -20.53 5.78
C ASN B 150 -17.20 -19.02 5.68
N ILE B 151 -16.44 -18.30 6.48
CA ILE B 151 -16.53 -16.86 6.60
C ILE B 151 -16.31 -16.19 5.27
N GLY B 152 -15.46 -16.77 4.43
CA GLY B 152 -15.21 -16.24 3.11
C GLY B 152 -16.46 -16.30 2.23
N ARG B 153 -17.24 -17.36 2.36
CA ARG B 153 -18.46 -17.53 1.58
C ARG B 153 -19.70 -17.98 2.36
N LEU B 154 -20.23 -17.14 3.22
CA LEU B 154 -21.42 -17.47 4.01
C LEU B 154 -22.68 -17.64 3.15
N ARG B 155 -22.76 -16.81 2.13
CA ARG B 155 -23.82 -16.75 1.12
C ARG B 155 -25.21 -16.39 1.71
N THR B 156 -25.24 -15.35 2.58
CA THR B 156 -26.48 -14.80 3.16
C THR B 156 -27.04 -13.75 2.14
N ILE B 157 -28.21 -13.14 2.45
CA ILE B 157 -28.81 -12.13 1.56
C ILE B 157 -27.93 -10.84 1.46
N LEU B 158 -26.84 -10.76 2.25
CA LEU B 158 -25.89 -9.65 2.16
C LEU B 158 -25.16 -9.69 0.80
N ASP B 159 -25.09 -10.88 0.19
CA ASP B 159 -24.47 -11.11 -1.12
C ASP B 159 -25.14 -10.32 -2.24
N LEU B 160 -26.37 -9.80 -2.00
CA LEU B 160 -27.12 -8.96 -2.96
C LEU B 160 -26.45 -7.61 -3.18
N VAL B 161 -25.58 -7.19 -2.25
CA VAL B 161 -24.77 -5.96 -2.38
C VAL B 161 -23.80 -6.14 -3.60
N GLU B 162 -23.24 -7.35 -3.75
CA GLU B 162 -22.29 -7.71 -4.80
C GLU B 162 -22.96 -8.59 -5.87
N GLY B 171 -16.29 -4.67 0.28
CA GLY B 171 -15.34 -4.55 1.38
C GLY B 171 -15.91 -4.78 2.77
N VAL B 172 -17.14 -5.24 2.83
CA VAL B 172 -17.83 -5.57 4.09
C VAL B 172 -18.44 -6.97 4.00
N ASN B 173 -18.25 -7.59 2.86
CA ASN B 173 -18.71 -8.93 2.57
C ASN B 173 -17.48 -9.85 2.46
N THR B 174 -16.30 -9.29 2.70
CA THR B 174 -15.03 -10.01 2.60
C THR B 174 -14.45 -10.33 3.96
N PRO B 175 -13.75 -11.45 4.09
CA PRO B 175 -13.22 -11.80 5.41
C PRO B 175 -11.98 -10.99 5.79
N TYR B 176 -11.82 -10.74 7.08
CA TYR B 176 -10.69 -10.00 7.64
C TYR B 176 -10.06 -10.81 8.75
N LEU B 177 -8.73 -10.72 8.88
CA LEU B 177 -7.95 -11.39 9.92
C LEU B 177 -7.49 -10.35 10.90
N TYR B 178 -7.46 -10.73 12.18
CA TYR B 178 -7.03 -9.91 13.32
C TYR B 178 -6.02 -10.70 14.14
N PHE B 179 -4.79 -10.24 14.17
CA PHE B 179 -3.72 -10.83 14.96
C PHE B 179 -3.57 -9.97 16.20
N GLY B 180 -3.96 -10.52 17.32
CA GLY B 180 -3.91 -9.80 18.59
C GLY B 180 -2.70 -10.10 19.43
N MET B 181 -2.47 -9.23 20.39
CA MET B 181 -1.50 -9.43 21.45
C MET B 181 -2.22 -8.97 22.72
N TRP B 182 -1.61 -9.16 23.87
CA TRP B 182 -2.18 -8.75 25.14
C TRP B 182 -2.56 -7.28 25.12
N LYS B 183 -3.77 -6.97 25.62
CA LYS B 183 -4.25 -5.62 25.83
C LYS B 183 -4.67 -4.91 24.53
N THR B 184 -4.61 -5.60 23.34
CA THR B 184 -5.16 -5.00 22.11
C THR B 184 -6.67 -5.05 22.27
N SER B 185 -7.36 -3.99 21.88
CA SER B 185 -8.79 -3.91 22.09
C SER B 185 -9.62 -3.43 20.95
N PHE B 186 -10.91 -3.69 21.06
CA PHE B 186 -11.89 -3.18 20.13
C PHE B 186 -12.84 -2.33 20.96
N ALA B 187 -13.04 -1.09 20.54
CA ALA B 187 -13.87 -0.11 21.22
C ALA B 187 -15.36 -0.37 21.06
N TRP B 188 -16.19 0.28 21.87
CA TRP B 188 -17.63 0.07 21.77
C TRP B 188 -18.15 0.48 20.41
N HIS B 189 -18.86 -0.43 19.77
CA HIS B 189 -19.41 -0.17 18.46
C HIS B 189 -20.46 -1.18 18.07
N THR B 190 -21.15 -0.88 16.99
CA THR B 190 -22.13 -1.74 16.38
C THR B 190 -21.52 -1.93 15.00
N GLU B 191 -21.94 -2.95 14.28
CA GLU B 191 -21.38 -3.20 12.95
C GLU B 191 -21.79 -2.13 11.97
N ASP B 192 -21.03 -2.04 10.85
CA ASP B 192 -21.32 -1.12 9.76
C ASP B 192 -22.74 -1.42 9.30
N MET B 193 -23.58 -0.39 9.16
CA MET B 193 -24.99 -0.50 8.72
C MET B 193 -25.83 -1.33 9.70
N ASP B 194 -25.33 -1.52 10.93
CA ASP B 194 -25.94 -2.32 12.02
C ASP B 194 -26.19 -3.77 11.57
N LEU B 195 -25.22 -4.31 10.86
CA LEU B 195 -25.24 -5.68 10.36
C LEU B 195 -24.84 -6.68 11.42
N TYR B 196 -25.05 -7.96 11.11
CA TYR B 196 -24.64 -9.05 11.96
C TYR B 196 -23.17 -9.24 11.67
N SER B 197 -22.46 -9.94 12.56
CA SER B 197 -21.05 -10.25 12.33
C SER B 197 -20.72 -11.62 12.90
N ILE B 198 -19.71 -12.27 12.35
CA ILE B 198 -19.27 -13.58 12.80
C ILE B 198 -17.78 -13.44 13.07
N ASN B 199 -17.34 -13.97 14.21
CA ASN B 199 -15.95 -13.91 14.62
C ASN B 199 -15.51 -15.32 14.96
N TYR B 200 -14.46 -15.80 14.32
CA TYR B 200 -13.92 -17.11 14.64
C TYR B 200 -12.50 -16.94 15.14
N LEU B 201 -12.21 -17.45 16.34
CA LEU B 201 -10.89 -17.40 16.91
C LEU B 201 -10.13 -18.64 16.43
N HIS B 202 -9.30 -18.48 15.37
CA HIS B 202 -8.54 -19.61 14.82
C HIS B 202 -7.61 -20.28 15.82
N PHE B 203 -6.80 -19.50 16.53
CA PHE B 203 -5.82 -20.03 17.48
C PHE B 203 -5.38 -18.95 18.46
N GLY B 204 -4.70 -19.41 19.50
CA GLY B 204 -4.06 -18.56 20.47
C GLY B 204 -4.80 -18.31 21.76
N GLU B 205 -4.39 -17.24 22.43
CA GLU B 205 -4.92 -16.83 23.71
C GLU B 205 -6.34 -16.30 23.58
N PRO B 206 -7.17 -16.34 24.63
CA PRO B 206 -8.58 -15.89 24.47
C PRO B 206 -8.79 -14.41 24.10
N LYS B 207 -10.03 -14.09 23.75
CA LYS B 207 -10.54 -12.79 23.42
C LYS B 207 -11.77 -12.56 24.32
N SER B 208 -11.75 -11.50 25.18
CA SER B 208 -12.92 -11.23 26.05
C SER B 208 -13.79 -10.17 25.42
N TRP B 209 -15.10 -10.33 25.57
CA TRP B 209 -16.10 -9.46 24.97
C TRP B 209 -17.02 -8.92 26.03
N TYR B 210 -17.59 -7.73 25.76
CA TYR B 210 -18.65 -7.10 26.56
C TYR B 210 -19.74 -6.79 25.53
N SER B 211 -21.01 -6.92 25.93
CA SER B 211 -22.14 -6.60 25.07
C SER B 211 -23.20 -5.83 25.79
N VAL B 212 -23.90 -4.95 25.06
CA VAL B 212 -25.04 -4.22 25.56
C VAL B 212 -26.25 -4.72 24.71
N PRO B 213 -27.33 -5.24 25.32
CA PRO B 213 -28.49 -5.68 24.53
C PRO B 213 -28.97 -4.59 23.54
N PRO B 214 -29.33 -4.93 22.27
CA PRO B 214 -29.87 -3.89 21.37
C PRO B 214 -30.96 -2.99 21.99
N GLU B 215 -31.82 -3.55 22.87
CA GLU B 215 -32.89 -2.80 23.56
C GLU B 215 -32.37 -1.67 24.46
N HIS B 216 -31.10 -1.72 24.88
CA HIS B 216 -30.48 -0.70 25.71
C HIS B 216 -29.40 0.11 24.99
N GLY B 217 -29.23 -0.12 23.68
CA GLY B 217 -28.22 0.54 22.86
C GLY B 217 -28.32 2.06 22.84
N LYS B 218 -29.56 2.60 22.82
CA LYS B 218 -29.82 4.05 22.85
C LYS B 218 -29.40 4.68 24.17
N ARG B 219 -29.49 3.91 25.27
CA ARG B 219 -29.03 4.34 26.61
C ARG B 219 -27.52 4.53 26.60
N LEU B 220 -26.78 3.58 25.98
CA LEU B 220 -25.34 3.66 25.87
C LEU B 220 -24.92 4.85 25.01
N GLU B 221 -25.56 5.05 23.88
CA GLU B 221 -25.26 6.21 22.99
C GLU B 221 -25.48 7.52 23.73
N ARG B 222 -26.60 7.65 24.49
CA ARG B 222 -26.87 8.86 25.25
C ARG B 222 -25.82 9.11 26.31
N LEU B 223 -25.36 8.05 26.97
CA LEU B 223 -24.28 8.14 27.95
C LEU B 223 -22.96 8.64 27.31
N ALA B 224 -22.60 8.03 26.16
CA ALA B 224 -21.38 8.35 25.43
C ALA B 224 -21.41 9.81 25.00
N LYS B 225 -22.58 10.30 24.49
CA LYS B 225 -22.75 11.69 24.05
C LYS B 225 -22.56 12.70 25.19
N GLY B 226 -23.08 12.38 26.37
CA GLY B 226 -22.88 13.20 27.56
C GLY B 226 -21.43 13.23 28.01
N PHE B 227 -20.68 12.15 27.77
CA PHE B 227 -19.28 12.10 28.14
C PHE B 227 -18.35 12.70 27.12
N PHE B 228 -18.73 12.64 25.82
CA PHE B 228 -17.93 13.22 24.74
C PHE B 228 -18.79 14.21 23.93
N PRO B 229 -19.19 15.37 24.54
CA PRO B 229 -20.05 16.33 23.83
C PRO B 229 -19.44 16.90 22.54
N GLY B 230 -18.12 17.13 22.57
CA GLY B 230 -17.37 17.64 21.43
C GLY B 230 -17.40 16.69 20.25
N SER B 231 -17.22 15.38 20.52
CA SER B 231 -17.28 14.31 19.52
C SER B 231 -18.70 14.15 18.94
N ALA B 232 -19.73 14.28 19.82
CA ALA B 232 -21.15 14.19 19.46
C ALA B 232 -21.60 15.36 18.57
N GLN B 233 -21.10 16.57 18.86
CA GLN B 233 -21.43 17.76 18.08
C GLN B 233 -20.80 17.68 16.68
N SER B 234 -19.59 17.09 16.59
CA SER B 234 -18.82 16.93 15.35
C SER B 234 -19.34 15.81 14.45
N CYS B 235 -19.96 14.77 15.05
CA CYS B 235 -20.48 13.58 14.37
C CYS B 235 -21.52 12.96 15.27
N GLU B 236 -22.74 12.75 14.77
CA GLU B 236 -23.77 12.11 15.62
C GLU B 236 -23.36 10.68 15.94
N ALA B 237 -22.93 9.93 14.90
CA ALA B 237 -22.52 8.53 15.02
C ALA B 237 -21.02 8.37 15.35
N PHE B 238 -20.46 9.18 16.27
CA PHE B 238 -19.03 9.14 16.63
C PHE B 238 -18.57 7.77 17.18
N LEU B 239 -19.49 6.95 17.72
CA LEU B 239 -19.11 5.61 18.20
C LEU B 239 -18.62 4.75 17.05
N ARG B 240 -19.10 5.04 15.82
CA ARG B 240 -18.68 4.33 14.61
C ARG B 240 -17.19 4.52 14.27
N HIS B 241 -16.49 5.50 14.90
CA HIS B 241 -15.04 5.74 14.71
C HIS B 241 -14.28 4.69 15.43
N LYS B 242 -14.95 3.97 16.38
CA LYS B 242 -14.39 2.89 17.18
C LYS B 242 -13.17 3.38 17.96
N MET B 243 -13.35 4.49 18.68
CA MET B 243 -12.28 5.09 19.48
C MET B 243 -12.71 5.18 20.94
N THR B 244 -13.95 4.82 21.26
CA THR B 244 -14.48 5.01 22.62
C THR B 244 -14.45 3.76 23.48
N LEU B 245 -13.72 3.84 24.60
CA LEU B 245 -13.59 2.75 25.55
C LEU B 245 -14.26 3.20 26.83
N ILE B 246 -15.14 2.34 27.38
CA ILE B 246 -15.94 2.59 28.59
C ILE B 246 -15.87 1.34 29.42
N SER B 247 -15.34 1.45 30.67
CA SER B 247 -15.19 0.28 31.54
C SER B 247 -16.52 -0.31 32.01
N PRO B 248 -16.56 -1.61 32.37
CA PRO B 248 -17.81 -2.17 32.93
C PRO B 248 -18.27 -1.48 34.22
N LEU B 249 -17.36 -0.88 34.98
CA LEU B 249 -17.67 -0.10 36.19
C LEU B 249 -18.46 1.17 35.87
N MET B 250 -18.12 1.84 34.76
CA MET B 250 -18.85 3.04 34.32
C MET B 250 -20.25 2.65 33.85
N LEU B 251 -20.38 1.55 33.11
CA LEU B 251 -21.69 1.07 32.65
C LEU B 251 -22.60 0.77 33.85
N LYS B 252 -22.05 0.09 34.89
CA LYS B 252 -22.77 -0.24 36.13
C LYS B 252 -23.21 1.04 36.83
N LYS B 253 -22.29 2.02 36.96
CA LYS B 253 -22.57 3.31 37.62
C LYS B 253 -23.75 4.03 36.95
N TYR B 254 -23.79 3.98 35.61
CA TYR B 254 -24.82 4.67 34.81
C TYR B 254 -26.03 3.80 34.42
N GLY B 255 -26.19 2.67 35.08
CA GLY B 255 -27.34 1.80 34.89
C GLY B 255 -27.50 1.18 33.52
N ILE B 256 -26.38 1.01 32.78
CA ILE B 256 -26.40 0.40 31.45
C ILE B 256 -26.30 -1.15 31.61
N PRO B 257 -27.31 -1.93 31.20
CA PRO B 257 -27.18 -3.40 31.29
C PRO B 257 -26.14 -3.90 30.29
N PHE B 258 -25.36 -4.89 30.72
CA PHE B 258 -24.33 -5.48 29.87
C PHE B 258 -24.04 -6.89 30.31
N ASP B 259 -23.39 -7.66 29.46
CA ASP B 259 -22.94 -8.99 29.85
C ASP B 259 -21.51 -9.13 29.32
N LYS B 260 -20.80 -10.14 29.77
CA LYS B 260 -19.45 -10.45 29.36
C LYS B 260 -19.28 -11.94 29.09
N VAL B 261 -18.32 -12.27 28.20
CA VAL B 261 -18.03 -13.65 27.82
C VAL B 261 -16.60 -13.70 27.31
N THR B 262 -15.93 -14.83 27.55
CA THR B 262 -14.59 -15.08 27.04
C THR B 262 -14.69 -16.09 25.89
N GLN B 263 -14.18 -15.72 24.75
CA GLN B 263 -14.10 -16.54 23.55
C GLN B 263 -12.75 -17.23 23.54
N GLU B 264 -12.79 -18.56 23.40
CA GLU B 264 -11.56 -19.33 23.33
C GLU B 264 -11.34 -19.85 21.96
N ALA B 265 -10.09 -20.30 21.66
CA ALA B 265 -9.71 -20.81 20.35
C ALA B 265 -10.66 -21.91 19.91
N GLY B 266 -11.11 -21.81 18.67
CA GLY B 266 -12.02 -22.77 18.08
C GLY B 266 -13.48 -22.41 18.29
N GLU B 267 -13.77 -21.24 18.86
CA GLU B 267 -15.17 -20.86 19.06
C GLU B 267 -15.59 -19.67 18.19
N PHE B 268 -16.89 -19.60 17.85
CA PHE B 268 -17.47 -18.48 17.15
C PHE B 268 -18.18 -17.55 18.08
N MET B 269 -18.16 -16.26 17.76
CA MET B 269 -18.99 -15.24 18.41
C MET B 269 -19.83 -14.63 17.28
N ILE B 270 -21.15 -14.50 17.49
CA ILE B 270 -22.06 -13.87 16.54
C ILE B 270 -22.51 -12.55 17.21
N THR B 271 -22.42 -11.41 16.48
CA THR B 271 -22.96 -10.13 16.95
C THR B 271 -24.23 -9.92 16.14
N PHE B 272 -25.25 -9.34 16.77
CA PHE B 272 -26.54 -9.17 16.16
C PHE B 272 -26.77 -7.71 15.80
N PRO B 273 -27.74 -7.38 14.90
CA PRO B 273 -27.96 -5.98 14.55
C PRO B 273 -28.18 -5.09 15.75
N TYR B 274 -27.42 -3.98 15.79
CA TYR B 274 -27.50 -2.95 16.84
C TYR B 274 -27.06 -3.48 18.21
N GLY B 275 -26.24 -4.54 18.18
CA GLY B 275 -25.60 -5.10 19.36
C GLY B 275 -24.26 -4.43 19.59
N TYR B 276 -24.19 -3.47 20.54
CA TYR B 276 -22.96 -2.80 20.93
C TYR B 276 -22.07 -3.80 21.64
N HIS B 277 -20.81 -3.87 21.22
CA HIS B 277 -19.83 -4.77 21.80
C HIS B 277 -18.46 -4.09 21.84
N ALA B 278 -17.62 -4.54 22.77
CA ALA B 278 -16.25 -4.07 22.99
C ALA B 278 -15.50 -5.25 23.59
N GLY B 279 -14.20 -5.17 23.64
CA GLY B 279 -13.43 -6.21 24.29
C GLY B 279 -11.94 -6.09 24.06
N PHE B 280 -11.20 -7.12 24.47
CA PHE B 280 -9.75 -7.15 24.40
C PHE B 280 -9.22 -8.57 24.25
N ASN B 281 -7.99 -8.66 23.75
CA ASN B 281 -7.27 -9.92 23.56
C ASN B 281 -6.38 -10.17 24.77
N HIS B 282 -6.33 -11.44 25.23
CA HIS B 282 -5.55 -11.90 26.41
C HIS B 282 -4.10 -12.07 26.05
N GLY B 283 -3.83 -12.33 24.78
CA GLY B 283 -2.45 -12.59 24.34
C GLY B 283 -2.42 -12.85 22.86
N PHE B 284 -1.30 -13.43 22.35
CA PHE B 284 -1.13 -13.72 20.93
C PHE B 284 -2.26 -14.60 20.42
N ASN B 285 -2.95 -14.13 19.40
CA ASN B 285 -4.05 -14.89 18.82
C ASN B 285 -4.36 -14.42 17.39
N CYS B 286 -5.35 -15.06 16.77
CA CYS B 286 -5.77 -14.74 15.43
C CYS B 286 -7.24 -15.09 15.26
N ALA B 287 -8.04 -14.09 14.93
CA ALA B 287 -9.47 -14.23 14.68
C ALA B 287 -9.75 -13.86 13.23
N GLU B 288 -10.83 -14.42 12.67
CA GLU B 288 -11.31 -14.12 11.33
C GLU B 288 -12.72 -13.60 11.49
N SER B 289 -13.07 -12.56 10.70
CA SER B 289 -14.33 -11.87 10.83
C SER B 289 -14.91 -11.40 9.51
N THR B 290 -16.23 -11.25 9.47
CA THR B 290 -17.02 -10.68 8.37
C THR B 290 -18.40 -10.29 8.87
N ASN B 291 -19.14 -9.55 8.04
CA ASN B 291 -20.52 -9.16 8.33
C ASN B 291 -21.41 -10.04 7.49
N PHE B 292 -22.64 -10.26 7.95
CA PHE B 292 -23.64 -11.02 7.20
C PHE B 292 -25.02 -10.44 7.51
N ALA B 293 -26.03 -10.86 6.79
CA ALA B 293 -27.36 -10.35 7.07
C ALA B 293 -28.39 -11.48 7.08
N THR B 294 -29.59 -11.16 7.59
CA THR B 294 -30.78 -12.01 7.54
C THR B 294 -31.89 -11.02 7.13
N ARG B 295 -33.12 -11.52 6.89
CA ARG B 295 -34.27 -10.68 6.54
C ARG B 295 -34.55 -9.60 7.58
N ARG B 296 -34.38 -9.90 8.88
CA ARG B 296 -34.56 -8.97 10.01
C ARG B 296 -33.61 -7.75 9.92
N TRP B 297 -32.41 -7.95 9.35
CA TRP B 297 -31.45 -6.85 9.24
C TRP B 297 -31.93 -5.70 8.37
N ILE B 298 -32.73 -5.96 7.31
CA ILE B 298 -33.13 -4.93 6.34
C ILE B 298 -33.66 -3.65 7.04
N GLU B 299 -34.57 -3.78 7.99
CA GLU B 299 -35.12 -2.62 8.71
C GLU B 299 -34.05 -1.86 9.51
N TYR B 300 -33.04 -2.58 10.06
CA TYR B 300 -31.91 -1.98 10.77
C TYR B 300 -31.05 -1.19 9.79
N GLY B 301 -30.83 -1.78 8.61
CA GLY B 301 -30.04 -1.17 7.55
C GLY B 301 -30.60 0.16 7.07
N LYS B 302 -31.93 0.22 6.94
CA LYS B 302 -32.66 1.42 6.51
C LYS B 302 -32.61 2.52 7.58
N GLN B 303 -32.54 2.14 8.86
CA GLN B 303 -32.59 3.05 10.00
C GLN B 303 -31.24 3.36 10.67
N ALA B 304 -30.13 2.75 10.19
CA ALA B 304 -28.82 2.95 10.79
C ALA B 304 -28.39 4.40 10.73
N VAL B 305 -27.98 4.98 11.87
CA VAL B 305 -27.47 6.36 11.92
C VAL B 305 -25.98 6.20 11.59
N LEU B 306 -25.53 6.82 10.51
CA LEU B 306 -24.18 6.68 9.98
C LEU B 306 -23.26 7.83 10.25
N CYS B 307 -21.93 7.56 10.20
CA CYS B 307 -20.91 8.59 10.42
C CYS B 307 -21.04 9.59 9.29
N SER B 308 -20.94 10.88 9.63
CA SER B 308 -21.10 11.98 8.69
C SER B 308 -19.85 12.87 8.55
N CYS B 309 -18.76 12.52 9.23
CA CYS B 309 -17.55 13.35 9.21
C CYS B 309 -16.36 12.72 8.43
N ARG B 310 -16.59 11.55 7.82
CA ARG B 310 -15.58 10.81 7.06
C ARG B 310 -16.14 10.33 5.72
N LYS B 311 -15.33 10.47 4.65
CA LYS B 311 -15.68 10.05 3.28
C LYS B 311 -15.41 8.55 3.06
N ASP B 312 -14.52 7.96 3.88
CA ASP B 312 -14.12 6.55 3.82
C ASP B 312 -14.97 5.63 4.72
N MET B 313 -16.29 5.94 4.84
CA MET B 313 -17.20 5.17 5.69
C MET B 313 -18.06 4.20 4.89
N VAL B 314 -18.24 2.97 5.43
CA VAL B 314 -19.06 1.92 4.81
C VAL B 314 -20.52 2.33 4.83
N LYS B 315 -21.06 2.53 3.63
CA LYS B 315 -22.45 2.90 3.39
C LYS B 315 -22.99 1.90 2.39
N ILE B 316 -24.09 1.26 2.75
CA ILE B 316 -24.72 0.31 1.84
C ILE B 316 -26.04 0.93 1.37
N SER B 317 -26.26 0.91 0.05
CA SER B 317 -27.51 1.37 -0.56
C SER B 317 -28.53 0.27 -0.31
N MET B 318 -29.65 0.62 0.35
CA MET B 318 -30.70 -0.31 0.78
C MET B 318 -31.75 -0.65 -0.29
N ASP B 319 -31.85 0.17 -1.37
CA ASP B 319 -32.81 0.01 -2.47
C ASP B 319 -33.07 -1.43 -2.92
N VAL B 320 -31.99 -2.22 -3.15
CA VAL B 320 -32.05 -3.59 -3.66
C VAL B 320 -32.73 -4.56 -2.64
N PHE B 321 -32.51 -4.37 -1.31
CA PHE B 321 -33.13 -5.22 -0.28
C PHE B 321 -34.59 -4.86 -0.14
N VAL B 322 -34.89 -3.55 -0.16
CA VAL B 322 -36.25 -3.03 -0.03
C VAL B 322 -37.07 -3.45 -1.25
N ARG B 323 -36.50 -3.37 -2.47
CA ARG B 323 -37.17 -3.77 -3.71
C ARG B 323 -37.55 -5.24 -3.71
N LYS B 324 -36.65 -6.12 -3.27
CA LYS B 324 -36.90 -7.57 -3.24
C LYS B 324 -37.75 -8.06 -2.03
N PHE B 325 -37.41 -7.63 -0.80
CA PHE B 325 -38.06 -8.14 0.40
C PHE B 325 -39.21 -7.28 0.97
N GLN B 326 -39.27 -6.00 0.60
CA GLN B 326 -40.34 -5.08 1.05
C GLN B 326 -40.87 -4.34 -0.21
N PRO B 327 -41.39 -5.05 -1.26
CA PRO B 327 -41.84 -4.33 -2.47
C PRO B 327 -42.96 -3.33 -2.25
N GLU B 328 -43.85 -3.58 -1.26
CA GLU B 328 -45.00 -2.73 -0.94
C GLU B 328 -44.59 -1.37 -0.34
N ARG B 329 -43.49 -1.39 0.45
CA ARG B 329 -42.95 -0.25 1.17
C ARG B 329 -42.00 0.61 0.34
N TYR B 330 -41.47 0.09 -0.79
CA TYR B 330 -40.51 0.82 -1.63
C TYR B 330 -40.92 2.26 -1.94
N LYS B 331 -42.19 2.49 -2.35
CA LYS B 331 -42.72 3.82 -2.65
C LYS B 331 -42.71 4.71 -1.40
N LEU B 332 -43.36 4.25 -0.30
CA LEU B 332 -43.43 4.98 0.97
C LEU B 332 -42.04 5.31 1.52
N TRP B 333 -41.10 4.34 1.48
CA TRP B 333 -39.72 4.46 1.95
C TRP B 333 -38.91 5.47 1.15
N LYS B 334 -39.02 5.44 -0.20
CA LYS B 334 -38.34 6.38 -1.09
C LYS B 334 -38.88 7.81 -0.86
N ALA B 335 -40.19 7.91 -0.55
CA ALA B 335 -40.87 9.17 -0.23
C ALA B 335 -40.52 9.68 1.19
N GLY B 336 -39.87 8.83 1.99
CA GLY B 336 -39.47 9.15 3.35
C GLY B 336 -40.61 9.06 4.36
N LYS B 337 -41.65 8.27 4.01
CA LYS B 337 -42.85 8.05 4.82
C LYS B 337 -42.82 6.75 5.62
N ASP B 338 -41.77 5.90 5.43
CA ASP B 338 -41.63 4.63 6.15
C ASP B 338 -41.38 4.89 7.64
N ASN B 339 -42.45 4.75 8.44
CA ASN B 339 -42.49 5.03 9.88
C ASN B 339 -42.28 3.79 10.77
N THR B 340 -42.02 2.60 10.16
CA THR B 340 -41.77 1.31 10.83
C THR B 340 -40.87 1.45 12.05
N VAL B 341 -41.30 0.91 13.21
CA VAL B 341 -40.53 0.94 14.45
C VAL B 341 -40.03 -0.47 14.69
N ILE B 342 -38.72 -0.63 14.98
CA ILE B 342 -38.13 -1.93 15.25
C ILE B 342 -38.40 -2.43 16.69
N ASP B 343 -38.81 -3.69 16.80
CA ASP B 343 -38.98 -4.41 18.07
C ASP B 343 -37.74 -5.33 18.11
N HIS B 344 -36.73 -5.01 18.97
CA HIS B 344 -35.46 -5.75 19.06
C HIS B 344 -35.60 -7.15 19.66
N THR B 345 -36.76 -7.45 20.24
CA THR B 345 -36.98 -8.75 20.86
C THR B 345 -37.44 -9.78 19.81
N LEU B 346 -37.95 -9.30 18.66
CA LEU B 346 -38.51 -10.16 17.63
C LEU B 346 -37.45 -10.94 16.86
N PRO B 347 -37.67 -12.26 16.68
CA PRO B 347 -36.71 -13.05 15.91
C PRO B 347 -36.90 -12.83 14.40
N THR B 348 -35.90 -13.23 13.59
CA THR B 348 -35.92 -13.11 12.14
C THR B 348 -37.07 -13.97 11.55
N PRO B 349 -37.77 -13.57 10.44
CA PRO B 349 -38.88 -14.41 9.92
C PRO B 349 -38.51 -15.86 9.60
N GLU B 350 -37.23 -16.13 9.22
CA GLU B 350 -36.69 -17.47 8.92
C GLU B 350 -36.78 -18.44 10.13
N ALA B 351 -36.92 -17.91 11.36
CA ALA B 351 -37.05 -18.70 12.59
C ALA B 351 -38.43 -19.38 12.73
N ALA B 352 -39.43 -18.98 11.89
CA ALA B 352 -40.81 -19.52 11.89
C ALA B 352 -40.91 -21.04 11.98
N GLU B 353 -40.01 -21.79 11.27
CA GLU B 353 -40.00 -23.25 11.28
C GLU B 353 -39.74 -23.84 12.68
N PHE B 354 -38.93 -23.15 13.49
CA PHE B 354 -38.62 -23.54 14.87
C PHE B 354 -39.64 -22.96 15.88
N LEU B 355 -40.62 -22.17 15.37
CA LEU B 355 -41.68 -21.54 16.15
C LEU B 355 -43.04 -22.02 15.65
N GLU C 7 -10.32 11.17 -34.10
CA GLU C 7 -10.54 11.58 -35.50
C GLU C 7 -9.99 10.56 -36.49
N THR C 8 -8.90 9.87 -36.11
CA THR C 8 -8.23 8.84 -36.93
C THR C 8 -8.93 7.48 -36.72
N LEU C 9 -9.69 7.33 -35.59
CA LEU C 9 -10.40 6.09 -35.28
C LEU C 9 -11.82 6.14 -35.83
N ASN C 10 -12.16 5.17 -36.69
CA ASN C 10 -13.43 5.04 -37.42
C ASN C 10 -13.77 6.37 -38.15
N PRO C 11 -12.87 6.84 -39.06
CA PRO C 11 -13.10 8.13 -39.74
C PRO C 11 -14.33 8.19 -40.63
N SER C 12 -14.76 7.04 -41.19
CA SER C 12 -15.96 6.93 -42.04
C SER C 12 -17.23 6.96 -41.18
N ALA C 13 -17.05 6.79 -39.85
CA ALA C 13 -18.12 6.76 -38.85
C ALA C 13 -19.20 5.72 -39.20
N ARG C 14 -18.76 4.53 -39.67
CA ARG C 14 -19.66 3.43 -40.05
C ARG C 14 -19.96 2.57 -38.83
N ILE C 15 -21.14 1.89 -38.83
CA ILE C 15 -21.55 0.98 -37.75
C ILE C 15 -20.55 -0.16 -37.66
N MET C 16 -19.94 -0.34 -36.46
CA MET C 16 -19.00 -1.41 -36.18
C MET C 16 -19.66 -2.58 -35.44
N THR C 17 -19.19 -3.82 -35.69
CA THR C 17 -19.68 -5.05 -35.09
C THR C 17 -18.52 -5.69 -34.29
N PHE C 18 -18.82 -6.11 -33.05
CA PHE C 18 -17.84 -6.69 -32.15
C PHE C 18 -18.24 -8.09 -31.74
N TYR C 19 -17.24 -8.96 -31.64
CA TYR C 19 -17.41 -10.37 -31.27
C TYR C 19 -16.56 -10.63 -30.03
N PRO C 20 -17.00 -10.17 -28.82
CA PRO C 20 -16.15 -10.36 -27.63
C PRO C 20 -16.06 -11.81 -27.18
N THR C 21 -14.91 -12.18 -26.62
CA THR C 21 -14.68 -13.50 -26.03
C THR C 21 -15.44 -13.45 -24.71
N MET C 22 -15.69 -14.61 -24.09
CA MET C 22 -16.36 -14.68 -22.80
C MET C 22 -15.67 -13.82 -21.72
N GLU C 23 -14.32 -13.75 -21.75
CA GLU C 23 -13.50 -12.97 -20.83
C GLU C 23 -13.72 -11.46 -21.01
N GLU C 24 -13.71 -10.97 -22.28
CA GLU C 24 -13.94 -9.56 -22.66
C GLU C 24 -15.36 -9.15 -22.31
N PHE C 25 -16.31 -10.05 -22.61
CA PHE C 25 -17.75 -9.87 -22.43
C PHE C 25 -18.19 -9.70 -20.97
N ARG C 26 -17.50 -10.35 -20.00
CA ARG C 26 -17.84 -10.31 -18.57
C ARG C 26 -18.04 -8.91 -17.95
N ASN C 27 -17.17 -7.92 -18.27
CA ASN C 27 -17.29 -6.56 -17.73
C ASN C 27 -17.95 -5.66 -18.77
N PHE C 28 -19.21 -5.22 -18.52
CA PHE C 28 -20.00 -4.38 -19.42
C PHE C 28 -19.36 -3.04 -19.69
N SER C 29 -19.17 -2.24 -18.62
CA SER C 29 -18.63 -0.90 -18.68
C SER C 29 -17.24 -0.86 -19.30
N ARG C 30 -16.35 -1.82 -18.96
CA ARG C 30 -15.02 -1.92 -19.56
C ARG C 30 -15.11 -2.21 -21.09
N TYR C 31 -16.07 -3.06 -21.52
CA TYR C 31 -16.22 -3.39 -22.94
C TYR C 31 -16.76 -2.20 -23.76
N ILE C 32 -17.65 -1.38 -23.16
CA ILE C 32 -18.18 -0.14 -23.75
C ILE C 32 -16.99 0.84 -23.93
N ALA C 33 -16.09 0.90 -22.94
CA ALA C 33 -14.90 1.74 -23.04
C ALA C 33 -13.99 1.23 -24.18
N TYR C 34 -13.90 -0.10 -24.35
CA TYR C 34 -13.11 -0.67 -25.44
C TYR C 34 -13.69 -0.34 -26.82
N ILE C 35 -14.99 -0.52 -27.04
CA ILE C 35 -15.56 -0.26 -28.37
C ILE C 35 -15.40 1.25 -28.74
N GLU C 36 -15.41 2.13 -27.73
CA GLU C 36 -15.20 3.57 -27.91
C GLU C 36 -13.76 3.89 -28.31
N SER C 37 -12.78 3.15 -27.75
CA SER C 37 -11.36 3.31 -28.10
C SER C 37 -11.13 2.91 -29.58
N GLN C 38 -12.06 2.12 -30.14
CA GLN C 38 -12.07 1.66 -31.55
C GLN C 38 -12.86 2.61 -32.46
N GLY C 39 -13.46 3.65 -31.88
CA GLY C 39 -14.26 4.65 -32.58
C GLY C 39 -15.69 4.25 -32.87
N ALA C 40 -16.19 3.19 -32.23
CA ALA C 40 -17.57 2.69 -32.44
C ALA C 40 -18.65 3.76 -32.26
N HIS C 41 -18.46 4.67 -31.28
CA HIS C 41 -19.39 5.75 -30.94
C HIS C 41 -19.61 6.75 -32.06
N ARG C 42 -18.64 6.86 -32.99
CA ARG C 42 -18.73 7.80 -34.12
C ARG C 42 -19.92 7.51 -35.07
N ALA C 43 -20.37 6.29 -35.12
CA ALA C 43 -21.52 5.87 -35.91
C ALA C 43 -22.83 6.19 -35.19
N GLY C 44 -22.77 6.27 -33.85
CA GLY C 44 -23.95 6.46 -33.02
C GLY C 44 -24.63 5.15 -32.68
N LEU C 45 -24.18 4.06 -33.30
CA LEU C 45 -24.74 2.73 -33.11
C LEU C 45 -23.67 1.67 -33.35
N ALA C 46 -23.62 0.63 -32.49
CA ALA C 46 -22.67 -0.48 -32.65
C ALA C 46 -23.43 -1.81 -32.38
N LYS C 47 -22.99 -2.87 -33.01
CA LYS C 47 -23.54 -4.20 -32.80
C LYS C 47 -22.53 -5.05 -31.97
N VAL C 48 -23.02 -5.76 -30.96
CA VAL C 48 -22.18 -6.61 -30.16
C VAL C 48 -22.78 -8.00 -30.21
N VAL C 49 -22.01 -8.94 -30.76
CA VAL C 49 -22.46 -10.32 -30.86
C VAL C 49 -21.84 -11.06 -29.67
N PRO C 50 -22.64 -11.55 -28.70
CA PRO C 50 -22.02 -12.22 -27.54
C PRO C 50 -21.49 -13.60 -27.89
N PRO C 51 -20.55 -14.15 -27.07
CA PRO C 51 -20.06 -15.51 -27.35
C PRO C 51 -21.22 -16.51 -27.31
N LYS C 52 -21.18 -17.52 -28.21
CA LYS C 52 -22.18 -18.58 -28.41
C LYS C 52 -22.64 -19.27 -27.11
N GLU C 53 -21.71 -19.40 -26.14
CA GLU C 53 -21.96 -20.02 -24.83
C GLU C 53 -22.92 -19.19 -23.96
N TRP C 54 -22.99 -17.86 -24.16
CA TRP C 54 -23.83 -16.99 -23.35
C TRP C 54 -25.31 -16.96 -23.78
N LYS C 55 -26.21 -17.18 -22.80
CA LYS C 55 -27.66 -17.09 -22.99
C LYS C 55 -28.33 -16.45 -21.75
N PRO C 56 -29.13 -15.37 -21.88
CA PRO C 56 -29.73 -14.75 -20.69
C PRO C 56 -30.90 -15.51 -20.05
N ARG C 57 -31.46 -16.50 -20.76
CA ARG C 57 -32.63 -17.29 -20.36
C ARG C 57 -32.56 -18.66 -21.07
N ALA C 58 -32.89 -19.76 -20.37
CA ALA C 58 -32.87 -21.12 -20.93
C ALA C 58 -33.90 -21.33 -22.07
N SER C 59 -35.12 -20.78 -21.93
CA SER C 59 -36.20 -20.89 -22.92
C SER C 59 -37.22 -19.78 -22.74
N TYR C 60 -38.01 -19.51 -23.79
CA TYR C 60 -39.07 -18.49 -23.79
C TYR C 60 -40.47 -19.14 -23.93
N ASP C 61 -40.64 -20.40 -23.49
CA ASP C 61 -41.95 -21.09 -23.63
C ASP C 61 -42.94 -20.84 -22.49
N ASP C 62 -42.53 -20.09 -21.47
CA ASP C 62 -43.36 -19.82 -20.28
C ASP C 62 -43.88 -18.37 -20.19
N ILE C 63 -43.96 -17.66 -21.33
CA ILE C 63 -44.34 -16.25 -21.34
C ILE C 63 -45.64 -15.96 -22.10
N ASP C 64 -46.41 -17.00 -22.49
CA ASP C 64 -47.70 -16.79 -23.18
C ASP C 64 -48.67 -15.88 -22.41
N ASP C 65 -48.72 -16.00 -21.07
CA ASP C 65 -49.60 -15.23 -20.20
C ASP C 65 -48.97 -13.94 -19.69
N LEU C 66 -47.86 -13.54 -20.29
CA LEU C 66 -47.25 -12.27 -19.91
C LEU C 66 -48.13 -11.17 -20.53
N VAL C 67 -48.49 -10.17 -19.73
CA VAL C 67 -49.37 -9.08 -20.14
C VAL C 67 -48.60 -7.91 -20.74
N ILE C 68 -49.06 -7.42 -21.91
CA ILE C 68 -48.59 -6.22 -22.61
C ILE C 68 -49.66 -5.17 -22.22
N PRO C 69 -49.38 -4.30 -21.23
CA PRO C 69 -50.44 -3.41 -20.69
C PRO C 69 -51.00 -2.41 -21.69
N ALA C 70 -50.15 -1.95 -22.58
CA ALA C 70 -50.58 -0.89 -23.47
C ALA C 70 -50.08 -1.13 -24.91
N PRO C 71 -50.63 -2.11 -25.66
CA PRO C 71 -50.18 -2.30 -27.05
C PRO C 71 -50.57 -1.02 -27.84
N ILE C 72 -49.78 -0.66 -28.83
N ILE C 72 -49.76 -0.65 -28.82
CA ILE C 72 -50.08 0.56 -29.58
CA ILE C 72 -49.98 0.58 -29.59
C ILE C 72 -50.26 0.24 -31.06
C ILE C 72 -50.21 0.29 -31.08
N GLN C 73 -51.39 0.68 -31.61
CA GLN C 73 -51.65 0.53 -33.05
C GLN C 73 -50.98 1.76 -33.71
N GLN C 74 -50.10 1.51 -34.66
CA GLN C 74 -49.27 2.54 -35.30
C GLN C 74 -49.84 3.02 -36.62
N LEU C 75 -50.47 4.18 -36.57
CA LEU C 75 -51.05 4.82 -37.76
C LEU C 75 -50.02 5.77 -38.33
N VAL C 76 -49.70 5.63 -39.62
CA VAL C 76 -48.70 6.45 -40.30
C VAL C 76 -49.34 7.19 -41.46
N THR C 77 -49.03 8.48 -41.56
CA THR C 77 -49.49 9.37 -42.61
C THR C 77 -48.24 9.99 -43.25
N GLY C 78 -48.27 10.13 -44.56
CA GLY C 78 -47.17 10.74 -45.30
C GLY C 78 -47.04 10.28 -46.73
N GLN C 79 -46.00 10.78 -47.39
CA GLN C 79 -45.65 10.53 -48.80
C GLN C 79 -44.20 11.02 -49.04
N SER C 80 -43.56 10.60 -50.17
CA SER C 80 -42.21 11.03 -50.57
C SER C 80 -41.13 10.97 -49.45
N GLY C 81 -41.09 9.84 -48.73
CA GLY C 81 -40.13 9.61 -47.67
C GLY C 81 -40.31 10.31 -46.32
N LEU C 82 -41.38 11.12 -46.16
CA LEU C 82 -41.66 11.87 -44.92
C LEU C 82 -42.99 11.45 -44.33
N PHE C 83 -42.97 11.01 -43.09
CA PHE C 83 -44.16 10.47 -42.46
C PHE C 83 -44.27 10.86 -41.00
N THR C 84 -45.51 10.88 -40.50
CA THR C 84 -45.82 11.09 -39.10
C THR C 84 -46.56 9.82 -38.62
N GLN C 85 -46.11 9.27 -37.48
CA GLN C 85 -46.69 8.11 -36.85
C GLN C 85 -47.49 8.54 -35.63
N TYR C 86 -48.72 8.04 -35.53
CA TYR C 86 -49.65 8.31 -34.43
C TYR C 86 -49.96 7.02 -33.73
N ASN C 87 -50.10 7.09 -32.42
CA ASN C 87 -50.44 5.96 -31.57
C ASN C 87 -51.92 5.94 -31.26
N ILE C 88 -52.40 4.74 -31.10
CA ILE C 88 -53.72 4.44 -30.64
C ILE C 88 -53.43 3.33 -29.64
N GLN C 89 -53.53 3.65 -28.35
CA GLN C 89 -53.35 2.68 -27.27
C GLN C 89 -54.54 1.74 -27.27
N LYS C 90 -54.24 0.44 -27.25
CA LYS C 90 -55.27 -0.59 -27.17
C LYS C 90 -55.31 -1.15 -25.77
N LYS C 91 -56.36 -1.92 -25.43
CA LYS C 91 -56.43 -2.55 -24.11
C LYS C 91 -55.34 -3.64 -23.97
N ALA C 92 -55.07 -4.05 -22.74
CA ALA C 92 -54.03 -5.02 -22.48
C ALA C 92 -54.26 -6.34 -23.19
N MET C 93 -53.18 -6.89 -23.71
CA MET C 93 -53.20 -8.17 -24.38
C MET C 93 -52.03 -9.02 -23.90
N THR C 94 -52.14 -10.32 -24.06
CA THR C 94 -51.08 -11.22 -23.65
C THR C 94 -50.19 -11.53 -24.83
N VAL C 95 -48.98 -12.00 -24.55
CA VAL C 95 -48.02 -12.40 -25.60
C VAL C 95 -48.71 -13.42 -26.53
N ARG C 96 -49.47 -14.36 -25.96
CA ARG C 96 -50.21 -15.37 -26.73
C ARG C 96 -51.08 -14.73 -27.79
N GLU C 97 -51.92 -13.76 -27.38
CA GLU C 97 -52.83 -13.03 -28.27
C GLU C 97 -52.06 -12.16 -29.28
N PHE C 98 -50.98 -11.53 -28.83
CA PHE C 98 -50.16 -10.71 -29.69
C PHE C 98 -49.50 -11.56 -30.80
N ARG C 99 -48.91 -12.70 -30.44
CA ARG C 99 -48.22 -13.59 -31.38
C ARG C 99 -49.21 -14.13 -32.45
N LYS C 100 -50.45 -14.48 -32.04
CA LYS C 100 -51.51 -14.95 -32.96
C LYS C 100 -51.80 -13.89 -34.04
N ILE C 101 -51.94 -12.63 -33.63
CA ILE C 101 -52.18 -11.50 -34.54
C ILE C 101 -50.94 -11.24 -35.44
N ALA C 102 -49.72 -11.20 -34.87
CA ALA C 102 -48.47 -10.96 -35.60
C ALA C 102 -48.25 -11.96 -36.73
N ASN C 103 -48.55 -13.25 -36.45
CA ASN C 103 -48.33 -14.36 -37.37
C ASN C 103 -49.48 -14.65 -38.32
N SER C 104 -50.65 -13.99 -38.15
CA SER C 104 -51.84 -14.22 -38.98
C SER C 104 -51.58 -13.69 -40.39
N ASP C 105 -52.39 -14.14 -41.39
CA ASP C 105 -52.22 -13.70 -42.79
C ASP C 105 -52.30 -12.19 -42.96
N LYS C 106 -53.15 -11.53 -42.16
CA LYS C 106 -53.34 -10.08 -42.21
C LYS C 106 -52.07 -9.31 -41.84
N TYR C 107 -51.32 -9.76 -40.82
CA TYR C 107 -50.17 -9.01 -40.34
C TYR C 107 -48.79 -9.60 -40.54
N CYS C 108 -48.69 -10.84 -41.01
CA CYS C 108 -47.38 -11.50 -41.13
C CYS C 108 -46.43 -10.83 -42.13
N THR C 109 -45.12 -11.12 -41.99
CA THR C 109 -44.07 -10.64 -42.89
C THR C 109 -44.38 -11.04 -44.33
N PRO C 110 -44.25 -10.12 -45.31
CA PRO C 110 -44.50 -10.55 -46.70
C PRO C 110 -43.38 -11.46 -47.22
N ARG C 111 -43.64 -12.15 -48.31
CA ARG C 111 -42.64 -13.00 -48.95
C ARG C 111 -41.62 -12.05 -49.60
N TYR C 112 -40.34 -12.42 -49.52
CA TYR C 112 -39.28 -11.62 -50.11
C TYR C 112 -38.00 -12.43 -50.23
N SER C 113 -37.08 -11.97 -51.06
CA SER C 113 -35.83 -12.70 -51.22
C SER C 113 -34.64 -12.06 -50.50
N GLU C 114 -34.40 -10.78 -50.74
CA GLU C 114 -33.27 -10.09 -50.12
C GLU C 114 -33.73 -8.95 -49.22
N PHE C 115 -32.97 -8.67 -48.17
CA PHE C 115 -33.37 -7.62 -47.23
C PHE C 115 -33.78 -6.33 -47.95
N GLU C 116 -33.02 -5.95 -49.01
CA GLU C 116 -33.29 -4.75 -49.80
C GLU C 116 -34.75 -4.72 -50.30
N GLU C 117 -35.29 -5.91 -50.66
CA GLU C 117 -36.68 -6.07 -51.10
C GLU C 117 -37.66 -5.86 -49.93
N LEU C 118 -37.31 -6.38 -48.73
CA LEU C 118 -38.16 -6.20 -47.56
C LEU C 118 -38.16 -4.72 -47.13
N GLU C 119 -36.99 -4.06 -47.19
CA GLU C 119 -36.83 -2.64 -46.85
C GLU C 119 -37.69 -1.80 -47.83
N ARG C 120 -37.76 -2.20 -49.13
CA ARG C 120 -38.59 -1.50 -50.12
C ARG C 120 -40.06 -1.64 -49.76
N LYS C 121 -40.46 -2.87 -49.41
CA LYS C 121 -41.84 -3.17 -48.97
C LYS C 121 -42.23 -2.37 -47.73
N TYR C 122 -41.30 -2.22 -46.78
CA TYR C 122 -41.55 -1.41 -45.60
C TYR C 122 -41.89 0.04 -45.97
N TRP C 123 -41.02 0.72 -46.74
CA TRP C 123 -41.22 2.10 -47.13
C TRP C 123 -42.40 2.31 -48.11
N LYS C 124 -42.79 1.26 -48.87
CA LYS C 124 -43.92 1.38 -49.79
C LYS C 124 -45.23 1.18 -49.04
N ASN C 125 -45.24 0.30 -48.02
CA ASN C 125 -46.46 -0.07 -47.33
C ASN C 125 -46.65 0.44 -45.92
N LEU C 126 -45.73 1.24 -45.34
N LEU C 126 -45.76 1.35 -45.48
CA LEU C 126 -45.87 1.67 -43.93
CA LEU C 126 -45.70 2.00 -44.18
C LEU C 126 -47.17 2.45 -43.60
C LEU C 126 -47.03 2.55 -43.68
N THR C 127 -47.81 3.15 -44.58
CA THR C 127 -49.08 3.83 -44.27
C THR C 127 -50.28 2.93 -44.34
N PHE C 128 -50.11 1.68 -44.79
CA PHE C 128 -51.25 0.75 -44.95
C PHE C 128 -51.27 -0.28 -43.86
N ASN C 129 -52.45 -0.85 -43.60
CA ASN C 129 -52.70 -1.93 -42.64
C ASN C 129 -51.94 -1.70 -41.31
N PRO C 130 -52.32 -0.64 -40.53
CA PRO C 130 -51.56 -0.30 -39.32
C PRO C 130 -51.29 -1.46 -38.38
N PRO C 131 -50.00 -1.75 -38.10
CA PRO C 131 -49.68 -2.89 -37.22
C PRO C 131 -49.83 -2.49 -35.74
N ILE C 132 -49.67 -3.47 -34.84
CA ILE C 132 -49.74 -3.25 -33.39
C ILE C 132 -48.36 -3.54 -32.79
N TYR C 133 -47.83 -2.61 -32.00
CA TYR C 133 -46.52 -2.73 -31.34
C TYR C 133 -46.77 -2.95 -29.85
N GLY C 134 -46.31 -4.09 -29.35
CA GLY C 134 -46.40 -4.43 -27.93
C GLY C 134 -45.22 -3.78 -27.23
N ALA C 135 -45.22 -2.45 -27.18
CA ALA C 135 -44.11 -1.61 -26.73
C ALA C 135 -44.18 -1.15 -25.29
N ASP C 136 -42.97 -0.84 -24.73
CA ASP C 136 -42.79 -0.26 -23.38
C ASP C 136 -43.33 -1.10 -22.23
N VAL C 137 -43.18 -2.41 -22.33
CA VAL C 137 -43.67 -3.29 -21.27
C VAL C 137 -42.60 -3.26 -20.18
N ASN C 138 -42.95 -2.80 -18.96
CA ASN C 138 -42.00 -2.82 -17.83
C ASN C 138 -41.67 -4.29 -17.58
N GLY C 139 -40.39 -4.60 -17.54
CA GLY C 139 -39.99 -5.96 -17.29
C GLY C 139 -38.71 -6.40 -17.95
N THR C 140 -38.27 -7.61 -17.59
CA THR C 140 -37.08 -8.25 -18.10
C THR C 140 -37.39 -9.69 -18.46
N LEU C 141 -36.55 -10.26 -19.35
CA LEU C 141 -36.61 -11.68 -19.68
C LEU C 141 -35.34 -12.40 -19.24
N TYR C 142 -34.45 -11.69 -18.52
CA TYR C 142 -33.19 -12.25 -18.00
C TYR C 142 -33.46 -13.07 -16.75
N GLU C 143 -32.83 -14.26 -16.66
CA GLU C 143 -32.92 -15.10 -15.46
C GLU C 143 -32.05 -14.38 -14.41
N LYS C 144 -32.50 -14.39 -13.15
CA LYS C 144 -31.87 -13.69 -12.02
C LYS C 144 -30.35 -13.94 -11.78
N HIS C 145 -29.79 -15.09 -12.18
CA HIS C 145 -28.37 -15.40 -11.94
C HIS C 145 -27.38 -14.82 -13.00
N VAL C 146 -27.89 -14.40 -14.18
CA VAL C 146 -27.10 -13.84 -15.28
C VAL C 146 -26.44 -12.51 -14.85
N ASP C 147 -25.11 -12.53 -14.72
CA ASP C 147 -24.29 -11.40 -14.27
C ASP C 147 -23.72 -10.56 -15.40
N GLU C 148 -23.54 -11.15 -16.60
CA GLU C 148 -23.00 -10.45 -17.77
C GLU C 148 -24.09 -9.77 -18.56
N TRP C 149 -23.93 -8.45 -18.83
CA TRP C 149 -24.82 -7.63 -19.66
C TRP C 149 -26.28 -7.76 -19.27
N ASN C 150 -26.55 -7.86 -17.95
CA ASN C 150 -27.92 -7.96 -17.44
C ASN C 150 -28.58 -6.59 -17.53
N ILE C 151 -29.46 -6.42 -18.50
CA ILE C 151 -30.12 -5.16 -18.76
C ILE C 151 -30.85 -4.65 -17.54
N GLY C 152 -31.36 -5.56 -16.73
CA GLY C 152 -32.03 -5.20 -15.49
C GLY C 152 -31.11 -4.51 -14.49
N ARG C 153 -29.87 -4.97 -14.38
CA ARG C 153 -28.89 -4.38 -13.45
C ARG C 153 -27.48 -4.15 -14.02
N LEU C 154 -27.32 -3.17 -14.89
CA LEU C 154 -26.02 -2.86 -15.49
C LEU C 154 -24.96 -2.31 -14.53
N ARG C 155 -25.42 -1.50 -13.59
CA ARG C 155 -24.63 -0.87 -12.52
C ARG C 155 -23.57 0.15 -13.04
N THR C 156 -23.98 1.01 -13.99
CA THR C 156 -23.19 2.11 -14.55
C THR C 156 -23.42 3.35 -13.65
N ILE C 157 -22.76 4.50 -13.96
CA ILE C 157 -22.91 5.74 -13.17
C ILE C 157 -24.35 6.32 -13.22
N LEU C 158 -25.22 5.78 -14.10
CA LEU C 158 -26.62 6.20 -14.19
C LEU C 158 -27.41 5.82 -12.91
N ASP C 159 -26.97 4.78 -12.18
CA ASP C 159 -27.59 4.30 -10.93
C ASP C 159 -27.65 5.37 -9.83
N LEU C 160 -26.82 6.43 -9.96
CA LEU C 160 -26.74 7.59 -9.06
C LEU C 160 -28.04 8.37 -9.08
N VAL C 161 -28.84 8.24 -10.16
CA VAL C 161 -30.16 8.87 -10.30
C VAL C 161 -31.09 8.32 -9.19
N GLU C 162 -31.18 6.98 -9.08
CA GLU C 162 -32.01 6.27 -8.10
C GLU C 162 -31.23 5.99 -6.82
N VAL C 172 -35.58 5.24 -16.96
CA VAL C 172 -34.32 5.21 -17.71
C VAL C 172 -33.39 4.11 -17.22
N ASN C 173 -33.48 3.77 -15.93
CA ASN C 173 -32.65 2.78 -15.25
C ASN C 173 -33.25 1.36 -15.24
N THR C 174 -34.57 1.23 -15.52
CA THR C 174 -35.27 -0.05 -15.47
C THR C 174 -35.44 -0.67 -16.87
N PRO C 175 -35.60 -2.01 -17.00
CA PRO C 175 -35.71 -2.60 -18.35
C PRO C 175 -37.11 -2.54 -18.92
N TYR C 176 -37.20 -2.50 -20.26
CA TYR C 176 -38.45 -2.48 -21.01
C TYR C 176 -38.42 -3.52 -22.09
N LEU C 177 -39.57 -4.16 -22.35
CA LEU C 177 -39.74 -5.19 -23.38
C LEU C 177 -40.55 -4.60 -24.51
N TYR C 178 -40.25 -5.04 -25.74
CA TYR C 178 -40.90 -4.59 -26.96
C TYR C 178 -41.19 -5.83 -27.75
N PHE C 179 -42.48 -6.11 -27.95
CA PHE C 179 -42.92 -7.23 -28.77
C PHE C 179 -43.31 -6.68 -30.13
N GLY C 180 -42.52 -7.00 -31.14
CA GLY C 180 -42.79 -6.52 -32.49
C GLY C 180 -43.57 -7.47 -33.37
N MET C 181 -44.09 -6.92 -34.44
CA MET C 181 -44.71 -7.61 -35.57
C MET C 181 -44.20 -6.88 -36.82
N TRP C 182 -44.33 -7.48 -37.99
CA TRP C 182 -43.87 -6.89 -39.23
C TRP C 182 -44.34 -5.44 -39.34
N LYS C 183 -43.44 -4.55 -39.81
CA LYS C 183 -43.76 -3.16 -40.11
C LYS C 183 -43.96 -2.28 -38.88
N THR C 184 -43.79 -2.82 -37.65
CA THR C 184 -43.83 -1.94 -36.48
C THR C 184 -42.53 -1.14 -36.51
N SER C 185 -42.57 0.11 -36.09
CA SER C 185 -41.41 1.00 -36.17
C SER C 185 -41.12 1.88 -34.99
N PHE C 186 -39.89 2.36 -34.96
CA PHE C 186 -39.44 3.33 -33.99
C PHE C 186 -38.91 4.48 -34.84
N ALA C 187 -39.44 5.67 -34.61
CA ALA C 187 -39.12 6.89 -35.33
C ALA C 187 -37.76 7.48 -34.97
N TRP C 188 -37.30 8.46 -35.73
CA TRP C 188 -36.01 9.07 -35.45
C TRP C 188 -35.96 9.76 -34.09
N HIS C 189 -34.97 9.41 -33.28
CA HIS C 189 -34.80 9.96 -31.95
C HIS C 189 -33.43 9.65 -31.38
N THR C 190 -33.12 10.30 -30.27
CA THR C 190 -31.90 10.10 -29.52
C THR C 190 -32.49 9.74 -28.17
N GLU C 191 -31.71 9.14 -27.28
CA GLU C 191 -32.27 8.74 -25.99
C GLU C 191 -32.65 9.90 -25.12
N ASP C 192 -33.50 9.65 -24.10
CA ASP C 192 -33.86 10.70 -23.14
C ASP C 192 -32.56 11.19 -22.49
N MET C 193 -32.40 12.52 -22.33
CA MET C 193 -31.18 13.14 -21.77
C MET C 193 -29.92 12.84 -22.61
N ASP C 194 -30.11 12.38 -23.87
CA ASP C 194 -29.05 11.97 -24.80
C ASP C 194 -28.16 10.89 -24.19
N LEU C 195 -28.77 9.99 -23.46
CA LEU C 195 -28.09 8.88 -22.82
C LEU C 195 -27.77 7.76 -23.81
N TYR C 196 -26.99 6.79 -23.35
CA TYR C 196 -26.67 5.61 -24.11
C TYR C 196 -27.84 4.67 -23.95
N SER C 197 -27.94 3.67 -24.81
CA SER C 197 -28.96 2.65 -24.69
C SER C 197 -28.43 1.29 -25.13
N ILE C 198 -28.96 0.23 -24.55
CA ILE C 198 -28.61 -1.15 -24.89
C ILE C 198 -29.93 -1.85 -25.30
N ASN C 199 -29.91 -2.59 -26.42
CA ASN C 199 -31.05 -3.32 -26.94
C ASN C 199 -30.64 -4.76 -27.22
N TYR C 200 -31.29 -5.72 -26.59
CA TYR C 200 -31.03 -7.14 -26.82
C TYR C 200 -32.23 -7.77 -27.49
N LEU C 201 -32.00 -8.42 -28.62
CA LEU C 201 -33.08 -9.11 -29.33
C LEU C 201 -33.20 -10.52 -28.78
N HIS C 202 -34.13 -10.76 -27.84
CA HIS C 202 -34.34 -12.08 -27.22
C HIS C 202 -34.63 -13.20 -28.20
N PHE C 203 -35.61 -13.01 -29.08
CA PHE C 203 -35.99 -14.05 -30.01
C PHE C 203 -36.73 -13.42 -31.17
N GLY C 204 -36.97 -14.25 -32.20
CA GLY C 204 -37.80 -13.94 -33.34
C GLY C 204 -37.11 -13.28 -34.52
N GLU C 205 -37.95 -12.71 -35.40
CA GLU C 205 -37.55 -12.09 -36.62
C GLU C 205 -36.63 -10.87 -36.41
N PRO C 206 -35.78 -10.51 -37.40
CA PRO C 206 -34.87 -9.36 -37.20
C PRO C 206 -35.53 -7.98 -36.99
N LYS C 207 -34.69 -7.07 -36.54
CA LYS C 207 -34.97 -5.67 -36.31
C LYS C 207 -33.93 -4.88 -37.10
N SER C 208 -34.38 -4.05 -38.07
CA SER C 208 -33.48 -3.24 -38.88
C SER C 208 -33.37 -1.84 -38.30
N TRP C 209 -32.17 -1.28 -38.35
CA TRP C 209 -31.78 0.01 -37.77
C TRP C 209 -31.18 0.93 -38.80
N TYR C 210 -31.36 2.24 -38.60
CA TYR C 210 -30.75 3.36 -39.34
C TYR C 210 -30.16 4.25 -38.26
N SER C 211 -28.97 4.79 -38.49
CA SER C 211 -28.34 5.72 -37.53
C SER C 211 -27.67 6.87 -38.25
N VAL C 212 -27.61 8.02 -37.57
CA VAL C 212 -26.95 9.20 -38.09
C VAL C 212 -25.81 9.44 -37.12
N PRO C 213 -24.54 9.58 -37.59
CA PRO C 213 -23.44 9.83 -36.64
C PRO C 213 -23.74 11.02 -35.72
N PRO C 214 -23.43 10.92 -34.42
CA PRO C 214 -23.63 12.08 -33.53
C PRO C 214 -23.04 13.39 -34.06
N GLU C 215 -21.89 13.35 -34.79
CA GLU C 215 -21.31 14.58 -35.37
C GLU C 215 -22.19 15.23 -36.47
N HIS C 216 -23.17 14.47 -37.05
CA HIS C 216 -24.09 14.97 -38.08
C HIS C 216 -25.54 15.13 -37.57
N GLY C 217 -25.77 14.87 -36.29
CA GLY C 217 -27.09 14.93 -35.63
C GLY C 217 -27.83 16.26 -35.80
N LYS C 218 -27.08 17.37 -35.81
CA LYS C 218 -27.61 18.72 -36.03
C LYS C 218 -28.14 18.92 -37.45
N ARG C 219 -27.52 18.23 -38.44
CA ARG C 219 -27.94 18.25 -39.86
C ARG C 219 -29.30 17.58 -40.00
N LEU C 220 -29.55 16.52 -39.23
CA LEU C 220 -30.85 15.86 -39.26
C LEU C 220 -31.91 16.76 -38.63
N GLU C 221 -31.63 17.32 -37.45
CA GLU C 221 -32.57 18.24 -36.78
C GLU C 221 -32.93 19.42 -37.69
N ARG C 222 -31.95 20.00 -38.41
CA ARG C 222 -32.17 21.13 -39.33
C ARG C 222 -33.13 20.69 -40.43
N LEU C 223 -32.91 19.49 -40.99
CA LEU C 223 -33.75 18.90 -42.03
C LEU C 223 -35.17 18.72 -41.58
N ALA C 224 -35.34 18.05 -40.41
CA ALA C 224 -36.59 17.75 -39.77
C ALA C 224 -37.40 19.03 -39.45
N LYS C 225 -36.72 20.10 -38.95
CA LYS C 225 -37.31 21.42 -38.65
C LYS C 225 -37.83 22.09 -39.93
N GLY C 226 -37.12 21.93 -41.05
CA GLY C 226 -37.52 22.46 -42.35
C GLY C 226 -38.79 21.81 -42.87
N PHE C 227 -38.92 20.47 -42.73
CA PHE C 227 -40.10 19.75 -43.23
C PHE C 227 -41.32 19.76 -42.30
N PHE C 228 -41.14 20.16 -41.03
CA PHE C 228 -42.21 20.24 -40.04
C PHE C 228 -42.07 21.53 -39.28
N PRO C 229 -42.27 22.71 -39.94
CA PRO C 229 -42.07 23.98 -39.22
C PRO C 229 -43.04 24.19 -38.04
N GLY C 230 -44.28 23.72 -38.20
CA GLY C 230 -45.33 23.79 -37.18
C GLY C 230 -44.91 23.09 -35.91
N SER C 231 -44.47 21.80 -36.04
CA SER C 231 -43.96 20.96 -34.94
C SER C 231 -42.74 21.61 -34.24
N ALA C 232 -41.84 22.26 -35.02
CA ALA C 232 -40.63 22.93 -34.51
C ALA C 232 -40.96 24.12 -33.61
N GLN C 233 -41.98 24.93 -33.97
CA GLN C 233 -42.39 26.11 -33.20
C GLN C 233 -43.11 25.68 -31.91
N SER C 234 -43.85 24.56 -31.96
CA SER C 234 -44.59 24.03 -30.82
C SER C 234 -43.65 23.47 -29.76
N CYS C 235 -42.57 22.77 -30.18
CA CYS C 235 -41.61 22.12 -29.29
C CYS C 235 -40.16 22.29 -29.74
N GLU C 236 -39.29 22.65 -28.79
CA GLU C 236 -37.85 22.86 -28.97
C GLU C 236 -37.09 21.60 -29.36
N ALA C 237 -37.70 20.42 -29.13
CA ALA C 237 -37.13 19.11 -29.40
C ALA C 237 -38.25 18.10 -29.80
N PHE C 238 -39.02 18.44 -30.85
CA PHE C 238 -40.16 17.67 -31.33
C PHE C 238 -39.80 16.21 -31.78
N LEU C 239 -38.52 15.93 -32.09
CA LEU C 239 -38.09 14.57 -32.48
C LEU C 239 -38.20 13.60 -31.28
N ARG C 240 -38.16 14.10 -30.02
CA ARG C 240 -38.32 13.32 -28.78
C ARG C 240 -39.75 12.75 -28.63
N HIS C 241 -40.73 13.29 -29.41
CA HIS C 241 -42.11 12.78 -29.44
C HIS C 241 -42.18 11.42 -30.13
N LYS C 242 -41.11 11.05 -30.87
CA LYS C 242 -40.95 9.77 -31.58
C LYS C 242 -42.08 9.51 -32.57
N MET C 243 -42.41 10.56 -33.35
CA MET C 243 -43.47 10.50 -34.36
C MET C 243 -42.96 10.68 -35.79
N THR C 244 -41.71 11.11 -35.96
CA THR C 244 -41.18 11.49 -37.27
C THR C 244 -40.41 10.37 -37.96
N LEU C 245 -40.95 9.90 -39.09
CA LEU C 245 -40.31 8.88 -39.92
C LEU C 245 -39.76 9.53 -41.20
N ILE C 246 -38.47 9.29 -41.51
CA ILE C 246 -37.75 9.85 -42.66
C ILE C 246 -37.00 8.68 -43.32
N SER C 247 -37.32 8.39 -44.60
CA SER C 247 -36.71 7.30 -45.34
C SER C 247 -35.22 7.54 -45.66
N PRO C 248 -34.44 6.47 -45.84
CA PRO C 248 -33.03 6.65 -46.22
C PRO C 248 -32.84 7.44 -47.54
N LEU C 249 -33.78 7.28 -48.51
CA LEU C 249 -33.71 7.98 -49.80
C LEU C 249 -33.85 9.49 -49.63
N MET C 250 -34.61 9.91 -48.65
CA MET C 250 -34.82 11.31 -48.29
C MET C 250 -33.55 11.88 -47.59
N LEU C 251 -32.92 11.09 -46.71
CA LEU C 251 -31.66 11.46 -46.04
C LEU C 251 -30.54 11.66 -47.10
N LYS C 252 -30.46 10.71 -48.05
CA LYS C 252 -29.54 10.73 -49.19
C LYS C 252 -29.75 11.98 -50.07
N LYS C 253 -31.02 12.34 -50.36
CA LYS C 253 -31.41 13.49 -51.19
C LYS C 253 -30.94 14.81 -50.57
N TYR C 254 -30.91 14.89 -49.24
CA TYR C 254 -30.52 16.10 -48.54
C TYR C 254 -29.16 16.00 -47.87
N GLY C 255 -28.35 15.04 -48.35
CA GLY C 255 -26.96 14.82 -47.92
C GLY C 255 -26.74 14.57 -46.44
N ILE C 256 -27.64 13.84 -45.79
CA ILE C 256 -27.48 13.48 -44.39
C ILE C 256 -26.73 12.15 -44.33
N PRO C 257 -25.51 12.10 -43.74
CA PRO C 257 -24.80 10.81 -43.66
C PRO C 257 -25.52 9.86 -42.70
N PHE C 258 -25.64 8.59 -43.09
CA PHE C 258 -26.30 7.57 -42.28
C PHE C 258 -25.76 6.19 -42.62
N ASP C 259 -26.09 5.21 -41.80
CA ASP C 259 -25.72 3.84 -42.02
C ASP C 259 -26.89 2.98 -41.56
N LYS C 260 -26.99 1.79 -42.12
CA LYS C 260 -28.02 0.84 -41.80
C LYS C 260 -27.40 -0.49 -41.34
N VAL C 261 -28.12 -1.21 -40.47
CA VAL C 261 -27.71 -2.51 -39.92
C VAL C 261 -28.98 -3.26 -39.50
N THR C 262 -28.94 -4.59 -39.63
CA THR C 262 -30.02 -5.50 -39.25
C THR C 262 -29.54 -6.28 -38.04
N GLN C 263 -30.30 -6.23 -36.95
CA GLN C 263 -30.03 -6.95 -35.73
C GLN C 263 -30.76 -8.30 -35.78
N GLU C 264 -30.03 -9.38 -35.48
CA GLU C 264 -30.69 -10.69 -35.43
C GLU C 264 -30.81 -11.14 -34.02
N ALA C 265 -31.67 -12.13 -33.76
CA ALA C 265 -31.89 -12.63 -32.41
C ALA C 265 -30.57 -13.05 -31.79
N GLY C 266 -30.40 -12.70 -30.53
CA GLY C 266 -29.21 -13.01 -29.77
C GLY C 266 -28.13 -11.96 -29.91
N GLU C 267 -28.43 -10.83 -30.56
CA GLU C 267 -27.46 -9.76 -30.75
C GLU C 267 -27.86 -8.50 -29.98
N PHE C 268 -26.83 -7.76 -29.54
CA PHE C 268 -27.01 -6.50 -28.83
C PHE C 268 -26.76 -5.36 -29.79
N MET C 269 -27.53 -4.28 -29.60
CA MET C 269 -27.27 -3.01 -30.26
C MET C 269 -27.02 -2.01 -29.16
N ILE C 270 -25.96 -1.19 -29.35
CA ILE C 270 -25.63 -0.12 -28.41
C ILE C 270 -25.85 1.19 -29.14
N THR C 271 -26.61 2.12 -28.55
CA THR C 271 -26.77 3.45 -29.11
C THR C 271 -25.94 4.37 -28.24
N PHE C 272 -25.35 5.39 -28.87
CA PHE C 272 -24.44 6.31 -28.20
C PHE C 272 -25.05 7.65 -27.98
N PRO C 273 -24.54 8.44 -26.99
CA PRO C 273 -25.10 9.77 -26.75
C PRO C 273 -25.20 10.63 -28.01
N TYR C 274 -26.40 11.18 -28.25
CA TYR C 274 -26.75 12.02 -29.38
C TYR C 274 -26.68 11.25 -30.72
N GLY C 275 -26.87 9.93 -30.64
CA GLY C 275 -26.93 9.08 -31.82
C GLY C 275 -28.37 8.88 -32.23
N TYR C 276 -28.80 9.58 -33.29
CA TYR C 276 -30.14 9.49 -33.85
C TYR C 276 -30.34 8.14 -34.50
N HIS C 277 -31.43 7.45 -34.15
CA HIS C 277 -31.69 6.14 -34.74
C HIS C 277 -33.18 5.96 -35.01
N ALA C 278 -33.50 5.13 -36.00
CA ALA C 278 -34.86 4.77 -36.39
C ALA C 278 -34.80 3.35 -36.94
N GLY C 279 -35.94 2.72 -37.13
CA GLY C 279 -35.92 1.36 -37.64
C GLY C 279 -37.26 0.67 -37.59
N PHE C 280 -37.26 -0.61 -37.95
CA PHE C 280 -38.48 -1.39 -38.04
C PHE C 280 -38.25 -2.87 -37.76
N ASN C 281 -39.33 -3.57 -37.40
CA ASN C 281 -39.31 -4.99 -37.11
C ASN C 281 -39.72 -5.78 -38.33
N HIS C 282 -38.98 -6.87 -38.61
CA HIS C 282 -39.28 -7.74 -39.75
C HIS C 282 -40.48 -8.64 -39.50
N GLY C 283 -40.78 -8.94 -38.25
CA GLY C 283 -41.86 -9.88 -37.94
C GLY C 283 -41.94 -10.03 -36.45
N PHE C 284 -42.62 -11.11 -35.96
CA PHE C 284 -42.78 -11.37 -34.55
C PHE C 284 -41.44 -11.50 -33.83
N ASN C 285 -41.23 -10.64 -32.83
CA ASN C 285 -39.98 -10.66 -32.07
C ASN C 285 -40.13 -10.03 -30.69
N CYS C 286 -39.08 -10.10 -29.87
CA CYS C 286 -39.04 -9.51 -28.53
C CYS C 286 -37.66 -9.00 -28.23
N ALA C 287 -37.57 -7.70 -27.95
CA ALA C 287 -36.35 -6.99 -27.59
C ALA C 287 -36.48 -6.46 -26.17
N GLU C 288 -35.35 -6.34 -25.48
CA GLU C 288 -35.29 -5.78 -24.14
C GLU C 288 -34.30 -4.62 -24.23
N SER C 289 -34.62 -3.53 -23.55
CA SER C 289 -33.88 -2.28 -23.63
C SER C 289 -33.83 -1.52 -22.29
N THR C 290 -32.76 -0.74 -22.12
CA THR C 290 -32.58 0.21 -21.02
C THR C 290 -31.60 1.25 -21.43
N ASN C 291 -31.49 2.33 -20.64
CA ASN C 291 -30.51 3.38 -20.86
C ASN C 291 -29.39 3.17 -19.87
N PHE C 292 -28.22 3.69 -20.19
CA PHE C 292 -27.07 3.64 -19.30
C PHE C 292 -26.18 4.84 -19.59
N ALA C 293 -25.19 5.06 -18.74
CA ALA C 293 -24.26 6.16 -18.89
C ALA C 293 -22.81 5.73 -18.68
N THR C 294 -21.87 6.55 -19.13
CA THR C 294 -20.42 6.49 -18.93
C THR C 294 -20.08 7.94 -18.53
N ARG C 295 -18.84 8.20 -18.08
CA ARG C 295 -18.37 9.54 -17.70
C ARG C 295 -18.52 10.57 -18.86
N ARG C 296 -18.40 10.09 -20.12
CA ARG C 296 -18.54 10.90 -21.34
C ARG C 296 -19.97 11.47 -21.48
N TRP C 297 -20.99 10.71 -21.04
CA TRP C 297 -22.37 11.17 -21.17
C TRP C 297 -22.68 12.45 -20.37
N ILE C 298 -22.07 12.62 -19.18
CA ILE C 298 -22.33 13.75 -18.27
C ILE C 298 -22.49 15.06 -19.04
N GLU C 299 -21.56 15.39 -19.95
CA GLU C 299 -21.60 16.61 -20.75
C GLU C 299 -22.80 16.68 -21.65
N TYR C 300 -23.12 15.56 -22.35
CA TYR C 300 -24.29 15.42 -23.22
C TYR C 300 -25.57 15.66 -22.40
N GLY C 301 -25.63 15.12 -21.18
CA GLY C 301 -26.76 15.30 -20.28
C GLY C 301 -26.98 16.76 -19.89
N LYS C 302 -25.88 17.48 -19.57
CA LYS C 302 -25.88 18.93 -19.24
C LYS C 302 -26.35 19.77 -20.44
N GLN C 303 -26.07 19.30 -21.67
CA GLN C 303 -26.36 20.03 -22.90
C GLN C 303 -27.56 19.54 -23.72
N ALA C 304 -28.28 18.49 -23.26
CA ALA C 304 -29.43 17.96 -23.99
C ALA C 304 -30.57 18.99 -24.11
N VAL C 305 -31.14 19.13 -25.33
CA VAL C 305 -32.28 20.00 -25.60
C VAL C 305 -33.50 19.09 -25.37
N LEU C 306 -34.27 19.36 -24.30
CA LEU C 306 -35.41 18.54 -23.89
C LEU C 306 -36.74 19.01 -24.43
N CYS C 307 -37.73 18.07 -24.55
CA CYS C 307 -39.10 18.38 -24.97
C CYS C 307 -39.66 19.30 -23.90
N SER C 308 -40.29 20.40 -24.35
CA SER C 308 -40.86 21.42 -23.47
C SER C 308 -42.38 21.40 -23.45
N CYS C 309 -43.01 20.85 -24.49
CA CYS C 309 -44.45 20.87 -24.65
C CYS C 309 -45.22 19.78 -23.86
N ARG C 310 -44.51 18.88 -23.15
CA ARG C 310 -45.13 17.79 -22.38
C ARG C 310 -44.58 17.72 -20.96
N LYS C 311 -45.48 17.59 -19.96
CA LYS C 311 -45.14 17.51 -18.53
C LYS C 311 -44.61 16.14 -18.13
N ASP C 312 -45.06 15.07 -18.82
CA ASP C 312 -44.66 13.69 -18.55
C ASP C 312 -43.24 13.30 -19.07
N MET C 313 -42.44 14.29 -19.54
CA MET C 313 -41.13 14.03 -20.15
C MET C 313 -39.99 13.86 -19.14
N VAL C 314 -39.02 13.02 -19.51
CA VAL C 314 -37.86 12.63 -18.71
C VAL C 314 -36.82 13.73 -18.61
N LYS C 315 -36.51 14.12 -17.36
CA LYS C 315 -35.49 15.10 -17.00
C LYS C 315 -34.72 14.53 -15.82
N ILE C 316 -33.40 14.34 -15.99
CA ILE C 316 -32.54 13.89 -14.90
C ILE C 316 -31.85 15.14 -14.32
N SER C 317 -31.79 15.31 -12.99
CA SER C 317 -31.04 16.45 -12.48
C SER C 317 -29.55 16.10 -12.60
N MET C 318 -28.81 16.94 -13.35
CA MET C 318 -27.38 16.78 -13.61
C MET C 318 -26.45 17.16 -12.45
N ASP C 319 -26.95 17.98 -11.48
CA ASP C 319 -26.19 18.45 -10.31
C ASP C 319 -25.32 17.37 -9.64
N VAL C 320 -25.94 16.22 -9.27
CA VAL C 320 -25.26 15.08 -8.64
C VAL C 320 -24.07 14.55 -9.49
N PHE C 321 -24.21 14.50 -10.85
CA PHE C 321 -23.15 14.03 -11.75
C PHE C 321 -22.01 15.03 -11.81
N VAL C 322 -22.33 16.33 -11.96
CA VAL C 322 -21.38 17.46 -11.99
C VAL C 322 -20.62 17.56 -10.66
N ARG C 323 -21.30 17.40 -9.51
CA ARG C 323 -20.65 17.50 -8.19
C ARG C 323 -19.66 16.36 -7.92
N LYS C 324 -19.94 15.16 -8.44
CA LYS C 324 -19.08 13.99 -8.26
C LYS C 324 -17.98 13.87 -9.31
N PHE C 325 -18.29 14.16 -10.59
CA PHE C 325 -17.34 13.97 -11.71
C PHE C 325 -16.75 15.24 -12.35
N GLN C 326 -17.40 16.40 -12.18
CA GLN C 326 -16.85 17.67 -12.68
C GLN C 326 -16.79 18.70 -11.50
N PRO C 327 -16.16 18.39 -10.33
CA PRO C 327 -16.19 19.37 -9.22
C PRO C 327 -15.58 20.73 -9.53
N GLU C 328 -14.58 20.73 -10.43
CA GLU C 328 -13.85 21.90 -10.94
C GLU C 328 -14.76 22.90 -11.67
N ARG C 329 -15.79 22.38 -12.40
CA ARG C 329 -16.73 23.13 -13.24
C ARG C 329 -18.09 23.50 -12.60
N TYR C 330 -18.44 22.88 -11.44
CA TYR C 330 -19.72 23.06 -10.74
C TYR C 330 -20.24 24.53 -10.71
N LYS C 331 -19.50 25.44 -10.05
CA LYS C 331 -19.87 26.85 -9.93
C LYS C 331 -20.05 27.55 -11.27
N LEU C 332 -19.14 27.29 -12.25
CA LEU C 332 -19.20 27.87 -13.60
C LEU C 332 -20.49 27.46 -14.34
N TRP C 333 -20.84 26.15 -14.33
CA TRP C 333 -22.04 25.58 -14.95
C TRP C 333 -23.34 26.13 -14.29
N LYS C 334 -23.34 26.28 -12.94
CA LYS C 334 -24.47 26.85 -12.19
C LYS C 334 -24.69 28.33 -12.51
N ALA C 335 -23.59 29.07 -12.75
CA ALA C 335 -23.60 30.48 -13.13
C ALA C 335 -24.06 30.67 -14.57
N GLY C 336 -23.95 29.59 -15.37
CA GLY C 336 -24.29 29.58 -16.80
C GLY C 336 -23.13 29.99 -17.67
N LYS C 337 -21.88 29.77 -17.16
CA LYS C 337 -20.62 30.10 -17.83
C LYS C 337 -19.79 28.88 -18.25
N ASP C 338 -20.42 27.69 -18.35
CA ASP C 338 -19.73 26.47 -18.83
C ASP C 338 -19.77 26.46 -20.35
N ASN C 339 -18.75 27.07 -20.99
CA ASN C 339 -18.62 27.23 -22.44
C ASN C 339 -18.17 25.94 -23.18
N THR C 340 -17.99 24.80 -22.45
CA THR C 340 -17.57 23.49 -22.97
C THR C 340 -18.29 23.07 -24.26
N VAL C 341 -17.52 22.82 -25.32
CA VAL C 341 -18.02 22.39 -26.63
C VAL C 341 -17.73 20.89 -26.78
N ILE C 342 -18.80 20.06 -26.85
CA ILE C 342 -18.69 18.61 -27.00
C ILE C 342 -17.94 18.21 -28.30
N ASP C 343 -16.88 17.37 -28.16
CA ASP C 343 -16.19 16.76 -29.30
C ASP C 343 -16.78 15.32 -29.42
N HIS C 344 -17.63 15.08 -30.44
CA HIS C 344 -18.31 13.80 -30.66
C HIS C 344 -17.39 12.63 -31.04
N THR C 345 -16.16 12.96 -31.47
CA THR C 345 -15.16 11.96 -31.88
C THR C 345 -14.36 11.43 -30.69
N LEU C 346 -14.32 12.19 -29.58
CA LEU C 346 -13.56 11.81 -28.39
C LEU C 346 -14.15 10.60 -27.66
N PRO C 347 -13.34 9.54 -27.40
CA PRO C 347 -13.88 8.38 -26.66
C PRO C 347 -14.02 8.71 -25.17
N THR C 348 -14.78 7.89 -24.43
CA THR C 348 -14.99 8.05 -22.99
C THR C 348 -13.63 8.02 -22.21
N PRO C 349 -13.45 8.77 -21.08
CA PRO C 349 -12.14 8.71 -20.37
C PRO C 349 -11.70 7.31 -19.93
N GLU C 350 -12.67 6.42 -19.65
CA GLU C 350 -12.45 5.01 -19.23
C GLU C 350 -11.74 4.16 -20.32
N ALA C 351 -11.63 4.69 -21.56
CA ALA C 351 -10.98 4.01 -22.69
C ALA C 351 -9.43 4.22 -22.72
N ALA C 352 -8.89 4.94 -21.72
CA ALA C 352 -7.48 5.27 -21.54
C ALA C 352 -6.55 4.04 -21.59
N GLU C 353 -6.93 2.93 -20.93
CA GLU C 353 -6.18 1.68 -20.89
C GLU C 353 -6.06 0.98 -22.26
N PHE C 354 -7.00 1.28 -23.18
CA PHE C 354 -7.05 0.71 -24.54
C PHE C 354 -6.47 1.66 -25.62
N LEU C 355 -5.91 2.82 -25.20
CA LEU C 355 -5.32 3.80 -26.13
C LEU C 355 -3.85 4.09 -25.81
N SER D 6 39.35 26.66 34.16
CA SER D 6 38.02 26.45 33.57
C SER D 6 37.04 25.80 34.54
N GLU D 7 37.52 24.86 35.39
CA GLU D 7 36.72 24.17 36.42
C GLU D 7 36.30 25.15 37.55
N THR D 8 37.06 26.26 37.71
CA THR D 8 36.82 27.34 38.68
C THR D 8 35.71 28.30 38.20
N LEU D 9 35.33 28.25 36.90
CA LEU D 9 34.25 29.10 36.32
C LEU D 9 32.97 28.28 36.21
N ASN D 10 31.88 28.83 36.82
CA ASN D 10 30.57 28.21 36.98
C ASN D 10 30.74 26.79 37.59
N PRO D 11 31.42 26.65 38.76
CA PRO D 11 31.66 25.30 39.32
C PRO D 11 30.40 24.51 39.68
N SER D 12 29.28 25.21 39.98
CA SER D 12 27.99 24.58 40.30
C SER D 12 27.25 24.14 39.00
N ALA D 13 27.72 24.60 37.81
CA ALA D 13 27.14 24.31 36.49
C ALA D 13 25.66 24.75 36.43
N ARG D 14 25.36 25.92 37.02
CA ARG D 14 23.98 26.41 37.03
C ARG D 14 23.69 27.21 35.76
N ILE D 15 22.44 27.28 35.34
CA ILE D 15 22.02 28.05 34.16
C ILE D 15 22.30 29.55 34.41
N MET D 16 23.08 30.17 33.50
CA MET D 16 23.46 31.57 33.59
C MET D 16 22.63 32.40 32.62
N THR D 17 22.38 33.66 32.98
CA THR D 17 21.62 34.64 32.20
C THR D 17 22.54 35.79 31.90
N PHE D 18 22.52 36.24 30.64
CA PHE D 18 23.38 37.32 30.18
C PHE D 18 22.54 38.44 29.63
N TYR D 19 23.00 39.68 29.84
CA TYR D 19 22.36 40.89 29.37
C TYR D 19 23.34 41.72 28.51
N PRO D 20 23.68 41.24 27.29
CA PRO D 20 24.60 42.04 26.44
C PRO D 20 24.06 43.42 26.04
N THR D 21 24.98 44.39 25.88
CA THR D 21 24.69 45.73 25.34
C THR D 21 24.59 45.52 23.81
N MET D 22 24.17 46.55 23.06
CA MET D 22 24.08 46.46 21.59
C MET D 22 25.41 46.11 20.93
N GLU D 23 26.52 46.72 21.39
CA GLU D 23 27.88 46.47 20.88
C GLU D 23 28.34 45.02 21.11
N GLU D 24 28.06 44.46 22.30
CA GLU D 24 28.42 43.08 22.65
C GLU D 24 27.48 42.11 21.89
N PHE D 25 26.21 42.52 21.70
CA PHE D 25 25.19 41.74 21.02
C PHE D 25 25.45 41.57 19.52
N ARG D 26 25.94 42.59 18.85
CA ARG D 26 26.19 42.58 17.40
C ARG D 26 26.96 41.37 16.86
N ASN D 27 28.01 40.91 17.54
CA ASN D 27 28.80 39.78 17.07
C ASN D 27 28.40 38.47 17.77
N PHE D 28 27.54 37.68 17.11
CA PHE D 28 27.00 36.42 17.61
C PHE D 28 28.06 35.44 18.09
N SER D 29 28.99 35.03 17.20
CA SER D 29 30.02 34.04 17.48
C SER D 29 30.94 34.47 18.59
N ARG D 30 31.37 35.73 18.56
CA ARG D 30 32.20 36.29 19.62
C ARG D 30 31.39 36.28 20.93
N TYR D 31 30.09 36.59 20.90
CA TYR D 31 29.32 36.54 22.14
C TYR D 31 29.23 35.12 22.70
N ILE D 32 29.12 34.13 21.84
CA ILE D 32 29.05 32.75 22.29
C ILE D 32 30.36 32.39 22.98
N ALA D 33 31.47 32.82 22.40
CA ALA D 33 32.78 32.56 22.97
C ALA D 33 32.87 33.23 24.33
N TYR D 34 32.31 34.42 24.43
CA TYR D 34 32.27 35.16 25.70
C TYR D 34 31.48 34.42 26.79
N ILE D 35 30.27 33.90 26.46
CA ILE D 35 29.49 33.20 27.50
C ILE D 35 30.21 31.89 27.96
N GLU D 36 30.96 31.23 27.07
CA GLU D 36 31.75 30.05 27.42
C GLU D 36 32.93 30.42 28.34
N SER D 37 33.54 31.62 28.14
CA SER D 37 34.65 32.10 28.99
C SER D 37 34.15 32.31 30.44
N GLN D 38 32.84 32.54 30.60
CA GLN D 38 32.16 32.72 31.89
C GLN D 38 31.66 31.40 32.50
N GLY D 39 31.83 30.29 31.77
CA GLY D 39 31.41 28.95 32.19
C GLY D 39 29.97 28.60 31.89
N ALA D 40 29.28 29.37 31.03
CA ALA D 40 27.85 29.11 30.75
C ALA D 40 27.59 27.71 30.18
N HIS D 41 28.53 27.18 29.40
CA HIS D 41 28.39 25.89 28.75
C HIS D 41 28.24 24.73 29.73
N ARG D 42 28.76 24.87 30.96
CA ARG D 42 28.72 23.85 32.00
C ARG D 42 27.32 23.39 32.39
N ALA D 43 26.33 24.29 32.32
CA ALA D 43 24.92 24.01 32.61
C ALA D 43 24.27 23.29 31.44
N GLY D 44 24.81 23.46 30.23
CA GLY D 44 24.26 22.88 29.01
C GLY D 44 23.23 23.76 28.38
N LEU D 45 22.82 24.82 29.09
CA LEU D 45 21.78 25.75 28.68
C LEU D 45 22.07 27.14 29.24
N ALA D 46 21.91 28.19 28.43
CA ALA D 46 22.08 29.58 28.86
C ALA D 46 20.97 30.45 28.31
N LYS D 47 20.65 31.51 29.03
CA LYS D 47 19.67 32.46 28.60
C LYS D 47 20.38 33.76 28.19
N VAL D 48 20.02 34.30 27.03
CA VAL D 48 20.57 35.59 26.59
C VAL D 48 19.41 36.55 26.39
N VAL D 49 19.39 37.66 27.19
CA VAL D 49 18.36 38.67 27.10
C VAL D 49 18.92 39.76 26.16
N PRO D 50 18.37 39.93 24.94
CA PRO D 50 18.94 40.94 24.02
C PRO D 50 18.67 42.37 24.49
N PRO D 51 19.45 43.39 24.02
CA PRO D 51 19.13 44.78 24.40
C PRO D 51 17.73 45.19 23.94
N LYS D 52 17.04 46.05 24.74
CA LYS D 52 15.66 46.50 24.52
C LYS D 52 15.42 47.14 23.16
N GLU D 53 16.43 47.85 22.61
CA GLU D 53 16.37 48.50 21.31
C GLU D 53 16.35 47.51 20.13
N TRP D 54 16.66 46.23 20.39
CA TRP D 54 16.69 45.19 19.36
C TRP D 54 15.37 44.45 19.25
N LYS D 55 14.88 44.34 18.01
CA LYS D 55 13.65 43.62 17.67
C LYS D 55 13.87 42.89 16.34
N PRO D 56 13.61 41.59 16.20
CA PRO D 56 13.87 40.93 14.90
C PRO D 56 12.78 41.18 13.85
N ARG D 57 11.65 41.73 14.27
CA ARG D 57 10.46 42.00 13.48
C ARG D 57 9.68 43.16 14.12
N ALA D 58 9.12 44.08 13.32
CA ALA D 58 8.36 45.24 13.82
C ALA D 58 7.08 44.86 14.58
N SER D 59 6.36 43.82 14.10
CA SER D 59 5.12 43.34 14.72
C SER D 59 4.77 41.94 14.24
N TYR D 60 3.97 41.23 15.03
CA TYR D 60 3.50 39.87 14.73
C TYR D 60 2.00 39.86 14.32
N ASP D 61 1.51 41.00 13.83
CA ASP D 61 0.12 41.18 13.39
C ASP D 61 -0.10 40.72 11.92
N ASP D 62 0.95 40.18 11.26
CA ASP D 62 0.90 39.82 9.84
C ASP D 62 1.31 38.36 9.51
N ILE D 63 1.15 37.45 10.47
CA ILE D 63 1.59 36.06 10.26
C ILE D 63 0.44 35.02 10.25
N ASP D 64 -0.82 35.48 10.23
CA ASP D 64 -2.00 34.59 10.23
C ASP D 64 -2.08 33.62 9.04
N ASP D 65 -1.56 34.01 7.87
CA ASP D 65 -1.57 33.20 6.63
C ASP D 65 -0.42 32.19 6.56
N LEU D 66 0.48 32.20 7.55
CA LEU D 66 1.58 31.25 7.62
C LEU D 66 0.97 29.86 7.76
N VAL D 67 1.48 28.90 6.98
CA VAL D 67 1.00 27.52 7.02
C VAL D 67 1.94 26.67 7.88
N ILE D 68 1.35 25.87 8.78
CA ILE D 68 2.02 24.85 9.59
C ILE D 68 1.69 23.57 8.81
N PRO D 69 2.60 23.04 7.98
CA PRO D 69 2.24 21.90 7.10
C PRO D 69 1.94 20.58 7.78
N ALA D 70 2.58 20.30 8.92
CA ALA D 70 2.43 19.01 9.61
C ALA D 70 2.26 19.20 11.11
N PRO D 71 1.13 19.75 11.59
CA PRO D 71 0.95 19.86 13.05
C PRO D 71 0.95 18.46 13.68
N ILE D 72 1.37 18.40 14.93
CA ILE D 72 1.45 17.12 15.61
C ILE D 72 0.63 17.09 16.89
N GLN D 73 -0.27 16.11 17.01
CA GLN D 73 -1.00 15.88 18.25
C GLN D 73 -0.08 14.99 19.09
N GLN D 74 0.17 15.40 20.35
CA GLN D 74 1.13 14.70 21.23
C GLN D 74 0.42 13.79 22.23
N LEU D 75 0.42 12.48 21.94
CA LEU D 75 -0.17 11.46 22.80
C LEU D 75 0.91 11.01 23.76
N VAL D 76 0.67 11.19 25.05
CA VAL D 76 1.65 10.83 26.06
C VAL D 76 1.11 9.66 26.84
N THR D 77 1.99 8.69 27.10
N THR D 77 1.98 8.64 27.07
CA THR D 77 1.67 7.48 27.82
CA THR D 77 1.61 7.44 27.83
C THR D 77 2.65 7.29 28.97
C THR D 77 2.63 7.21 28.93
N GLY D 78 2.15 6.90 30.13
CA GLY D 78 3.00 6.63 31.27
C GLY D 78 2.40 6.98 32.60
N GLN D 79 3.25 6.93 33.63
CA GLN D 79 2.90 7.19 35.01
C GLN D 79 4.19 7.31 35.83
N SER D 80 4.05 7.79 37.09
CA SER D 80 5.10 7.91 38.09
C SER D 80 6.36 8.65 37.56
N GLY D 81 6.15 9.72 36.78
CA GLY D 81 7.20 10.56 36.22
C GLY D 81 7.98 10.02 35.05
N LEU D 82 7.54 8.87 34.45
CA LEU D 82 8.13 8.19 33.29
C LEU D 82 7.13 8.08 32.15
N PHE D 83 7.42 8.69 31.02
CA PHE D 83 6.48 8.75 29.91
C PHE D 83 7.11 8.63 28.57
N THR D 84 6.30 8.17 27.60
CA THR D 84 6.65 8.10 26.19
C THR D 84 5.61 8.92 25.43
N GLN D 85 6.09 9.81 24.58
CA GLN D 85 5.28 10.67 23.77
C GLN D 85 5.27 10.15 22.34
N TYR D 86 4.08 9.95 21.80
CA TYR D 86 3.84 9.48 20.45
C TYR D 86 3.21 10.61 19.65
N ASN D 87 3.65 10.79 18.42
CA ASN D 87 3.14 11.85 17.55
C ASN D 87 2.06 11.37 16.61
N ILE D 88 1.03 12.18 16.50
CA ILE D 88 -0.01 11.91 15.52
C ILE D 88 0.01 13.11 14.59
N GLN D 89 0.42 12.91 13.33
CA GLN D 89 0.42 14.00 12.36
C GLN D 89 -1.02 14.38 11.99
N LYS D 90 -1.33 15.68 12.04
CA LYS D 90 -2.65 16.19 11.70
C LYS D 90 -2.58 16.95 10.36
N LYS D 91 -3.73 17.36 9.80
CA LYS D 91 -3.74 18.08 8.53
C LYS D 91 -3.17 19.49 8.69
N ALA D 92 -2.59 20.04 7.60
CA ALA D 92 -2.01 21.40 7.56
C ALA D 92 -2.99 22.40 8.09
N MET D 93 -2.51 23.47 8.69
CA MET D 93 -3.39 24.54 9.18
C MET D 93 -2.65 25.86 9.21
N THR D 94 -3.37 26.95 9.17
CA THR D 94 -2.76 28.28 9.21
C THR D 94 -2.47 28.66 10.68
N VAL D 95 -1.64 29.67 10.91
CA VAL D 95 -1.37 30.18 12.28
C VAL D 95 -2.70 30.68 12.87
N ARG D 96 -3.58 31.24 12.01
CA ARG D 96 -4.90 31.74 12.39
C ARG D 96 -5.75 30.63 13.05
N GLU D 97 -5.88 29.47 12.38
CA GLU D 97 -6.61 28.28 12.86
C GLU D 97 -5.95 27.71 14.12
N PHE D 98 -4.60 27.66 14.14
CA PHE D 98 -3.85 27.14 15.27
C PHE D 98 -4.09 28.02 16.51
N ARG D 99 -3.96 29.38 16.39
CA ARG D 99 -4.18 30.32 17.50
C ARG D 99 -5.61 30.16 18.07
N LYS D 100 -6.62 29.94 17.20
CA LYS D 100 -8.04 29.75 17.60
C LYS D 100 -8.18 28.50 18.48
N ILE D 101 -7.60 27.38 18.04
CA ILE D 101 -7.57 26.11 18.79
C ILE D 101 -6.74 26.25 20.09
N ALA D 102 -5.53 26.86 20.02
CA ALA D 102 -4.66 27.05 21.20
C ALA D 102 -5.31 27.87 22.33
N ASN D 103 -6.11 28.89 21.98
CA ASN D 103 -6.78 29.78 22.93
C ASN D 103 -8.19 29.34 23.32
N SER D 104 -8.72 28.26 22.67
CA SER D 104 -10.07 27.72 22.94
C SER D 104 -10.13 27.15 24.35
N ASP D 105 -11.36 26.96 24.90
CA ASP D 105 -11.63 26.41 26.23
C ASP D 105 -11.04 25.01 26.42
N LYS D 106 -11.09 24.20 25.36
CA LYS D 106 -10.58 22.84 25.39
C LYS D 106 -9.03 22.78 25.63
N TYR D 107 -8.26 23.65 24.94
CA TYR D 107 -6.79 23.61 24.99
C TYR D 107 -6.04 24.70 25.77
N CYS D 108 -6.73 25.80 26.18
CA CYS D 108 -6.09 26.92 26.86
C CYS D 108 -5.43 26.55 28.21
N THR D 109 -4.51 27.43 28.63
CA THR D 109 -3.76 27.33 29.87
C THR D 109 -4.70 27.35 31.07
N PRO D 110 -4.53 26.44 32.06
CA PRO D 110 -5.37 26.52 33.26
C PRO D 110 -5.00 27.73 34.11
N ARG D 111 -5.95 28.19 34.96
CA ARG D 111 -5.72 29.29 35.89
C ARG D 111 -4.67 28.87 36.92
N TYR D 112 -3.66 29.72 37.15
CA TYR D 112 -2.63 29.40 38.12
C TYR D 112 -2.02 30.66 38.71
N SER D 113 -1.49 30.55 39.93
CA SER D 113 -0.87 31.69 40.60
C SER D 113 0.66 31.76 40.47
N GLU D 114 1.33 30.64 40.69
CA GLU D 114 2.80 30.59 40.65
C GLU D 114 3.28 29.53 39.68
N PHE D 115 4.52 29.64 39.22
CA PHE D 115 5.05 28.69 38.25
C PHE D 115 4.99 27.23 38.70
N GLU D 116 5.31 26.96 39.96
CA GLU D 116 5.33 25.61 40.54
C GLU D 116 3.96 24.95 40.42
N GLU D 117 2.86 25.77 40.50
CA GLU D 117 1.49 25.29 40.35
C GLU D 117 1.26 24.82 38.92
N LEU D 118 1.70 25.61 37.92
CA LEU D 118 1.57 25.26 36.49
C LEU D 118 2.40 24.02 36.17
N GLU D 119 3.65 23.97 36.66
CA GLU D 119 4.54 22.82 36.48
C GLU D 119 3.87 21.56 37.09
N ARG D 120 3.29 21.67 38.30
CA ARG D 120 2.54 20.54 38.89
C ARG D 120 1.38 20.09 37.98
N LYS D 121 0.58 21.05 37.48
CA LYS D 121 -0.54 20.79 36.56
C LYS D 121 -0.08 20.07 35.28
N TYR D 122 1.06 20.49 34.74
CA TYR D 122 1.68 19.88 33.57
C TYR D 122 2.03 18.42 33.83
N TRP D 123 2.81 18.13 34.90
CA TRP D 123 3.22 16.74 35.18
C TRP D 123 2.04 15.83 35.57
N LYS D 124 0.96 16.42 36.12
CA LYS D 124 -0.22 15.67 36.50
C LYS D 124 -1.14 15.40 35.30
N ASN D 125 -1.17 16.31 34.28
CA ASN D 125 -2.12 16.18 33.18
C ASN D 125 -1.56 15.92 31.80
N LEU D 126 -0.24 15.70 31.66
CA LEU D 126 0.36 15.53 30.32
C LEU D 126 -0.19 14.32 29.51
N THR D 127 -0.78 13.29 30.17
CA THR D 127 -1.35 12.14 29.46
C THR D 127 -2.82 12.36 29.05
N PHE D 128 -3.47 13.46 29.52
CA PHE D 128 -4.87 13.73 29.18
C PHE D 128 -4.96 14.82 28.12
N ASN D 129 -6.09 14.87 27.40
CA ASN D 129 -6.44 15.85 26.37
C ASN D 129 -5.22 16.24 25.51
N PRO D 130 -4.72 15.29 24.68
CA PRO D 130 -3.50 15.56 23.89
C PRO D 130 -3.51 16.84 23.06
N PRO D 131 -2.53 17.72 23.31
CA PRO D 131 -2.50 19.01 22.60
C PRO D 131 -1.90 18.91 21.21
N ILE D 132 -1.97 19.99 20.42
CA ILE D 132 -1.39 20.04 19.05
C ILE D 132 -0.21 21.02 19.05
N TYR D 133 0.95 20.55 18.61
CA TYR D 133 2.19 21.31 18.48
C TYR D 133 2.41 21.60 17.00
N GLY D 134 2.47 22.90 16.64
CA GLY D 134 2.77 23.34 15.28
C GLY D 134 4.28 23.38 15.16
N ALA D 135 4.91 22.21 15.23
CA ALA D 135 6.35 21.99 15.29
C ALA D 135 7.07 21.80 13.95
N ASP D 136 8.37 22.13 13.93
CA ASP D 136 9.28 21.94 12.80
C ASP D 136 8.79 22.56 11.49
N VAL D 137 8.30 23.82 11.56
CA VAL D 137 7.87 24.49 10.33
C VAL D 137 9.14 25.14 9.75
N ASN D 138 9.51 24.83 8.49
CA ASN D 138 10.62 25.51 7.81
C ASN D 138 10.21 26.98 7.65
N GLY D 139 10.98 27.88 8.23
CA GLY D 139 10.66 29.29 8.13
C GLY D 139 11.28 30.15 9.18
N THR D 140 11.08 31.45 9.04
CA THR D 140 11.64 32.48 9.92
C THR D 140 10.64 33.58 10.13
N LEU D 141 10.73 34.28 11.31
CA LEU D 141 9.93 35.48 11.56
C LEU D 141 10.83 36.74 11.54
N TYR D 142 12.13 36.56 11.34
CA TYR D 142 13.08 37.68 11.24
C TYR D 142 12.85 38.41 9.94
N GLU D 143 12.92 39.73 9.97
CA GLU D 143 12.83 40.53 8.75
C GLU D 143 14.22 40.44 8.07
N LYS D 144 14.24 40.56 6.73
CA LYS D 144 15.44 40.42 5.89
C LYS D 144 16.66 41.30 6.29
N HIS D 145 16.44 42.55 6.73
CA HIS D 145 17.52 43.47 7.10
C HIS D 145 18.21 43.15 8.47
N VAL D 146 17.62 42.27 9.30
CA VAL D 146 18.14 42.00 10.66
C VAL D 146 19.46 41.19 10.61
N ASP D 147 20.58 41.84 10.94
CA ASP D 147 21.92 41.21 10.90
C ASP D 147 22.40 40.69 12.23
N GLU D 148 21.70 41.00 13.32
CA GLU D 148 22.14 40.55 14.65
C GLU D 148 21.37 39.31 15.03
N TRP D 149 22.12 38.26 15.42
CA TRP D 149 21.59 36.99 15.89
C TRP D 149 20.48 36.46 14.93
N ASN D 150 20.68 36.61 13.60
CA ASN D 150 19.68 36.16 12.64
C ASN D 150 19.78 34.66 12.49
N ILE D 151 18.82 33.97 13.08
CA ILE D 151 18.77 32.51 13.15
C ILE D 151 18.79 31.89 11.76
N GLY D 152 18.21 32.56 10.80
CA GLY D 152 18.20 32.12 9.42
C GLY D 152 19.58 32.03 8.80
N ARG D 153 20.45 32.95 9.17
CA ARG D 153 21.81 32.98 8.66
C ARG D 153 22.91 33.31 9.68
N LEU D 154 23.19 32.40 10.60
CA LEU D 154 24.22 32.60 11.61
C LEU D 154 25.67 32.64 11.08
N ARG D 155 25.91 31.94 9.99
CA ARG D 155 27.22 31.86 9.34
C ARG D 155 28.33 31.30 10.26
N THR D 156 28.03 30.24 11.03
CA THR D 156 29.07 29.60 11.84
C THR D 156 29.76 28.56 10.95
N ILE D 157 30.79 27.88 11.47
CA ILE D 157 31.50 26.80 10.75
C ILE D 157 30.56 25.65 10.38
N LEU D 158 29.34 25.62 10.96
CA LEU D 158 28.34 24.60 10.58
C LEU D 158 28.02 24.67 9.08
N ASP D 159 28.19 25.84 8.46
CA ASP D 159 27.96 26.08 7.03
C ASP D 159 28.87 25.26 6.12
N LEU D 160 29.99 24.73 6.67
CA LEU D 160 30.93 23.90 5.90
C LEU D 160 30.36 22.53 5.52
N VAL D 161 29.26 22.06 6.16
CA VAL D 161 28.61 20.76 5.92
C VAL D 161 28.47 20.48 4.43
N GLU D 162 29.04 19.34 3.96
CA GLU D 162 29.11 18.99 2.54
C GLU D 162 27.77 18.55 1.94
N GLY D 171 18.04 20.42 6.28
CA GLY D 171 19.04 21.45 6.54
C GLY D 171 19.17 21.80 8.02
N VAL D 172 20.17 21.22 8.70
CA VAL D 172 20.50 21.43 10.13
C VAL D 172 20.83 22.91 10.49
N ASN D 173 21.24 23.71 9.51
CA ASN D 173 21.58 25.11 9.76
C ASN D 173 20.53 26.06 9.14
N THR D 174 19.29 25.56 8.92
CA THR D 174 18.18 26.38 8.38
C THR D 174 17.18 26.65 9.55
N PRO D 175 16.35 27.72 9.50
CA PRO D 175 15.48 28.01 10.65
C PRO D 175 14.18 27.21 10.70
N TYR D 176 13.71 26.91 11.92
CA TYR D 176 12.45 26.23 12.17
C TYR D 176 11.62 27.02 13.16
N LEU D 177 10.30 27.03 12.92
CA LEU D 177 9.34 27.69 13.80
C LEU D 177 8.56 26.63 14.55
N TYR D 178 8.17 26.95 15.80
CA TYR D 178 7.42 26.07 16.70
C TYR D 178 6.27 26.87 17.32
N PHE D 179 5.06 26.57 16.89
CA PHE D 179 3.85 27.21 17.40
C PHE D 179 3.34 26.32 18.51
N GLY D 180 3.53 26.78 19.74
CA GLY D 180 3.12 26.00 20.89
C GLY D 180 1.73 26.35 21.37
N MET D 181 1.21 25.48 22.21
CA MET D 181 -0.04 25.64 22.95
C MET D 181 0.25 25.03 24.30
N TRP D 182 -0.65 25.23 25.27
CA TRP D 182 -0.46 24.72 26.62
C TRP D 182 -0.18 23.23 26.61
N LYS D 183 0.89 22.80 27.35
CA LYS D 183 1.18 21.39 27.58
C LYS D 183 1.81 20.70 26.37
N THR D 184 2.19 21.44 25.30
CA THR D 184 2.96 20.85 24.21
C THR D 184 4.37 20.72 24.80
N SER D 185 5.08 19.66 24.45
CA SER D 185 6.39 19.41 25.02
C SER D 185 7.46 18.92 24.09
N PHE D 186 8.69 19.06 24.56
CA PHE D 186 9.86 18.52 23.89
C PHE D 186 10.51 17.57 24.90
N ALA D 187 10.77 16.34 24.45
CA ALA D 187 11.35 15.27 25.23
C ALA D 187 12.85 15.44 25.50
N TRP D 188 13.39 14.68 26.44
CA TRP D 188 14.81 14.78 26.75
C TRP D 188 15.66 14.40 25.55
N HIS D 189 16.60 15.26 25.21
CA HIS D 189 17.50 15.03 24.09
C HIS D 189 18.66 16.01 24.06
N THR D 190 19.62 15.71 23.22
CA THR D 190 20.76 16.57 22.95
C THR D 190 20.53 16.88 21.47
N GLU D 191 21.20 17.88 20.92
CA GLU D 191 20.96 18.20 19.50
C GLU D 191 21.52 17.11 18.58
N ASP D 192 21.05 17.07 17.31
CA ASP D 192 21.60 16.15 16.32
C ASP D 192 23.09 16.44 16.21
N MET D 193 23.92 15.38 16.15
CA MET D 193 25.40 15.50 16.07
C MET D 193 26.00 16.19 17.33
N ASP D 194 25.23 16.29 18.43
CA ASP D 194 25.59 16.99 19.68
C ASP D 194 26.04 18.45 19.39
N LEU D 195 25.32 19.08 18.48
CA LEU D 195 25.53 20.45 18.08
C LEU D 195 24.92 21.42 19.07
N TYR D 196 25.27 22.70 18.90
CA TYR D 196 24.72 23.78 19.68
C TYR D 196 23.35 24.08 19.08
N SER D 197 22.52 24.79 19.81
CA SER D 197 21.22 25.22 19.32
C SER D 197 20.89 26.62 19.88
N ILE D 198 20.13 27.40 19.12
CA ILE D 198 19.70 28.73 19.50
C ILE D 198 18.18 28.65 19.36
N ASN D 199 17.46 29.21 20.35
N ASN D 199 17.48 29.23 20.34
CA ASN D 199 15.99 29.25 20.37
CA ASN D 199 16.02 29.20 20.40
C ASN D 199 15.59 30.65 20.79
C ASN D 199 15.52 30.58 20.86
N TYR D 200 14.78 31.30 19.98
CA TYR D 200 14.25 32.62 20.28
C TYR D 200 12.74 32.55 20.42
N LEU D 201 12.21 33.05 21.53
CA LEU D 201 10.79 33.10 21.80
C LEU D 201 10.25 34.42 21.28
N HIS D 202 9.71 34.40 20.04
CA HIS D 202 9.18 35.56 19.34
C HIS D 202 8.09 36.27 20.09
N PHE D 203 7.07 35.51 20.51
CA PHE D 203 5.93 36.10 21.19
C PHE D 203 5.21 35.01 21.95
N GLY D 204 4.25 35.44 22.76
CA GLY D 204 3.33 34.57 23.45
C GLY D 204 3.68 34.16 24.86
N GLU D 205 3.04 33.07 25.31
CA GLU D 205 3.20 32.50 26.64
C GLU D 205 4.56 31.87 26.82
N PRO D 206 5.07 31.77 28.08
CA PRO D 206 6.43 31.24 28.28
C PRO D 206 6.68 29.80 27.84
N LYS D 207 7.97 29.42 27.85
CA LYS D 207 8.42 28.07 27.55
C LYS D 207 9.36 27.69 28.70
N SER D 208 9.02 26.62 29.47
CA SER D 208 9.88 26.17 30.56
C SER D 208 10.79 25.05 30.10
N TRP D 209 12.04 25.07 30.60
CA TRP D 209 13.10 24.16 30.24
C TRP D 209 13.64 23.50 31.46
N TYR D 210 14.14 22.27 31.27
CA TYR D 210 14.91 21.49 32.22
C TYR D 210 16.19 21.18 31.51
N SER D 211 17.30 21.12 32.22
CA SER D 211 18.58 20.78 31.60
C SER D 211 19.46 19.97 32.53
N VAL D 212 20.33 19.15 31.96
CA VAL D 212 21.28 18.33 32.69
C VAL D 212 22.66 18.79 32.20
N PRO D 213 23.59 19.17 33.14
CA PRO D 213 24.93 19.56 32.68
C PRO D 213 25.58 18.50 31.76
N PRO D 214 26.23 18.90 30.63
CA PRO D 214 26.98 17.91 29.81
C PRO D 214 27.87 16.96 30.63
N GLU D 215 28.56 17.47 31.68
CA GLU D 215 29.41 16.63 32.53
C GLU D 215 28.62 15.53 33.27
N HIS D 216 27.28 15.61 33.33
CA HIS D 216 26.42 14.60 33.97
C HIS D 216 25.50 13.88 32.96
N GLY D 217 25.63 14.19 31.67
CA GLY D 217 24.79 13.61 30.62
C GLY D 217 24.73 12.08 30.60
N LYS D 218 25.89 11.41 30.81
CA LYS D 218 25.96 9.93 30.85
C LYS D 218 25.11 9.34 31.97
N ARG D 219 24.94 10.05 33.08
CA ARG D 219 24.10 9.64 34.22
C ARG D 219 22.61 9.68 33.85
N LEU D 220 22.21 10.69 33.09
CA LEU D 220 20.83 10.72 32.60
C LEU D 220 20.58 9.51 31.66
N GLU D 221 21.53 9.26 30.72
CA GLU D 221 21.47 8.13 29.77
C GLU D 221 21.36 6.80 30.47
N ARG D 222 22.15 6.59 31.55
CA ARG D 222 22.10 5.33 32.30
C ARG D 222 20.75 5.14 32.99
N LEU D 223 20.19 6.20 33.58
CA LEU D 223 18.87 6.17 34.20
C LEU D 223 17.78 5.80 33.16
N ALA D 224 17.78 6.46 31.98
CA ALA D 224 16.79 6.22 30.90
C ALA D 224 16.90 4.80 30.36
N LYS D 225 18.14 4.26 30.17
CA LYS D 225 18.36 2.90 29.69
C LYS D 225 17.82 1.88 30.72
N GLY D 226 17.99 2.17 32.01
CA GLY D 226 17.46 1.32 33.08
C GLY D 226 15.94 1.32 33.08
N PHE D 227 15.32 2.50 32.80
CA PHE D 227 13.88 2.68 32.72
C PHE D 227 13.24 2.17 31.45
N PHE D 228 13.99 2.13 30.34
CA PHE D 228 13.48 1.66 29.04
C PHE D 228 14.41 0.63 28.40
N PRO D 229 14.61 -0.55 29.04
CA PRO D 229 15.57 -1.52 28.50
C PRO D 229 15.26 -2.07 27.09
N GLY D 230 13.97 -2.15 26.72
CA GLY D 230 13.55 -2.57 25.39
C GLY D 230 13.99 -1.57 24.33
N SER D 231 13.78 -0.28 24.62
CA SER D 231 14.18 0.85 23.77
C SER D 231 15.69 0.91 23.59
N ALA D 232 16.47 0.73 24.70
CA ALA D 232 17.93 0.72 24.66
C ALA D 232 18.47 -0.43 23.83
N GLN D 233 17.86 -1.65 23.95
CA GLN D 233 18.26 -2.82 23.15
C GLN D 233 18.05 -2.59 21.66
N SER D 234 16.91 -1.98 21.28
CA SER D 234 16.57 -1.72 19.86
C SER D 234 17.44 -0.62 19.22
N CYS D 235 17.90 0.38 20.01
CA CYS D 235 18.67 1.50 19.45
C CYS D 235 19.78 1.96 20.39
N GLU D 236 20.97 2.25 19.81
CA GLU D 236 22.17 2.77 20.50
C GLU D 236 21.94 4.15 21.14
N ALA D 237 20.99 4.97 20.63
CA ALA D 237 20.75 6.32 21.14
C ALA D 237 19.25 6.65 21.00
N PHE D 238 18.39 5.89 21.70
CA PHE D 238 16.94 6.00 21.65
C PHE D 238 16.42 7.35 22.12
N LEU D 239 17.19 8.08 22.96
CA LEU D 239 16.77 9.41 23.40
C LEU D 239 16.67 10.36 22.21
N ARG D 240 17.43 10.06 21.13
CA ARG D 240 17.41 10.81 19.86
C ARG D 240 16.04 10.73 19.17
N HIS D 241 15.20 9.74 19.54
CA HIS D 241 13.84 9.63 18.97
C HIS D 241 12.98 10.79 19.51
N LYS D 242 13.42 11.43 20.61
CA LYS D 242 12.75 12.57 21.28
C LYS D 242 11.33 12.18 21.69
N MET D 243 11.21 11.03 22.35
CA MET D 243 9.91 10.50 22.79
C MET D 243 9.89 10.33 24.31
N THR D 244 11.06 10.37 24.93
CA THR D 244 11.18 10.07 26.37
C THR D 244 11.01 11.30 27.28
N LEU D 245 9.99 11.23 28.14
CA LEU D 245 9.72 12.30 29.12
C LEU D 245 10.02 11.77 30.51
N ILE D 246 10.81 12.53 31.28
CA ILE D 246 11.20 12.17 32.66
C ILE D 246 11.02 13.41 33.51
N SER D 247 10.17 13.31 34.50
CA SER D 247 9.88 14.44 35.36
C SER D 247 11.07 14.85 36.28
N PRO D 248 11.16 16.14 36.70
CA PRO D 248 12.24 16.56 37.63
C PRO D 248 12.27 15.79 38.94
N LEU D 249 11.10 15.36 39.43
CA LEU D 249 10.99 14.60 40.66
C LEU D 249 11.62 13.21 40.52
N MET D 250 11.52 12.62 39.33
CA MET D 250 12.16 11.34 39.02
C MET D 250 13.68 11.55 38.94
N LEU D 251 14.15 12.71 38.42
CA LEU D 251 15.60 12.98 38.38
C LEU D 251 16.17 13.19 39.78
N LYS D 252 15.40 13.91 40.60
CA LYS D 252 15.71 14.20 41.99
C LYS D 252 15.69 12.92 42.83
N LYS D 253 14.73 12.02 42.57
CA LYS D 253 14.69 10.74 43.28
C LYS D 253 16.00 9.92 43.08
N TYR D 254 16.59 10.05 41.89
CA TYR D 254 17.79 9.31 41.52
C TYR D 254 19.08 10.09 41.54
N GLY D 255 19.07 11.29 42.11
CA GLY D 255 20.27 12.10 42.28
C GLY D 255 20.90 12.65 41.01
N ILE D 256 20.12 12.78 39.93
CA ILE D 256 20.62 13.33 38.65
C ILE D 256 20.64 14.85 38.77
N PRO D 257 21.79 15.52 38.61
CA PRO D 257 21.79 16.98 38.73
C PRO D 257 21.09 17.59 37.51
N PHE D 258 20.25 18.57 37.76
CA PHE D 258 19.52 19.26 36.71
C PHE D 258 19.20 20.65 37.18
N ASP D 259 18.83 21.47 36.25
CA ASP D 259 18.40 22.81 36.58
C ASP D 259 17.15 23.11 35.73
N LYS D 260 16.44 24.15 36.09
CA LYS D 260 15.27 24.59 35.35
C LYS D 260 15.31 26.10 35.12
N VAL D 261 14.60 26.55 34.10
CA VAL D 261 14.50 27.98 33.76
C VAL D 261 13.28 28.17 32.88
N THR D 262 12.63 29.30 33.04
CA THR D 262 11.50 29.67 32.20
C THR D 262 11.96 30.77 31.22
N GLN D 263 11.71 30.56 29.95
CA GLN D 263 12.02 31.51 28.91
C GLN D 263 10.75 32.30 28.63
N GLU D 264 10.89 33.62 28.56
CA GLU D 264 9.79 34.50 28.21
C GLU D 264 10.01 35.11 26.85
N ALA D 265 8.94 35.66 26.25
CA ALA D 265 8.96 36.29 24.92
C ALA D 265 10.06 37.36 24.87
N GLY D 266 10.84 37.33 23.80
CA GLY D 266 11.92 38.27 23.59
C GLY D 266 13.25 37.76 24.08
N GLU D 267 13.32 36.52 24.63
CA GLU D 267 14.58 35.98 25.12
C GLU D 267 15.11 34.84 24.30
N PHE D 268 16.45 34.71 24.22
CA PHE D 268 17.17 33.62 23.57
C PHE D 268 17.56 32.56 24.60
N MET D 269 17.45 31.28 24.21
CA MET D 269 18.00 30.15 24.96
C MET D 269 19.08 29.54 24.06
N ILE D 270 20.25 29.25 24.64
CA ILE D 270 21.34 28.60 23.92
C ILE D 270 21.54 27.23 24.56
N THR D 271 21.52 26.14 23.74
CA THR D 271 21.87 24.82 24.26
C THR D 271 23.28 24.51 23.76
N PHE D 272 24.06 23.84 24.58
CA PHE D 272 25.47 23.56 24.25
C PHE D 272 25.69 22.12 23.90
N PRO D 273 26.80 21.78 23.20
CA PRO D 273 27.05 20.39 22.84
C PRO D 273 26.90 19.41 24.01
N TYR D 274 26.13 18.35 23.78
CA TYR D 274 25.88 17.28 24.75
C TYR D 274 25.10 17.76 26.02
N GLY D 275 24.42 18.91 25.91
CA GLY D 275 23.53 19.38 26.98
C GLY D 275 22.14 18.79 26.76
N TYR D 276 21.74 17.80 27.61
CA TYR D 276 20.37 17.25 27.54
C TYR D 276 19.35 18.29 28.03
N HIS D 277 18.25 18.46 27.29
CA HIS D 277 17.20 19.39 27.71
C HIS D 277 15.84 18.81 27.34
N ALA D 278 14.80 19.30 28.01
CA ALA D 278 13.40 18.94 27.86
C ALA D 278 12.59 20.13 28.35
N GLY D 279 11.31 20.13 28.07
CA GLY D 279 10.47 21.23 28.56
C GLY D 279 9.07 21.26 28.00
N PHE D 280 8.35 22.32 28.29
CA PHE D 280 6.97 22.47 27.83
C PHE D 280 6.58 23.92 27.62
N ASN D 281 5.51 24.13 26.87
CA ASN D 281 4.92 25.44 26.56
C ASN D 281 3.79 25.78 27.50
N HIS D 282 3.76 27.02 28.01
CA HIS D 282 2.71 27.47 28.95
C HIS D 282 1.42 27.80 28.24
N GLY D 283 1.50 28.07 26.93
CA GLY D 283 0.33 28.42 26.14
C GLY D 283 0.75 28.82 24.75
N PHE D 284 -0.16 29.50 24.02
CA PHE D 284 0.11 29.94 22.66
C PHE D 284 1.38 30.82 22.56
N ASN D 285 2.32 30.38 21.73
CA ASN D 285 3.57 31.09 21.52
C ASN D 285 4.16 30.65 20.23
N CYS D 286 5.29 31.27 19.90
CA CYS D 286 6.07 30.92 18.74
C CYS D 286 7.53 31.11 19.04
N ALA D 287 8.28 30.06 18.80
CA ALA D 287 9.73 30.04 18.94
C ALA D 287 10.37 29.74 17.61
N GLU D 288 11.55 30.30 17.40
CA GLU D 288 12.35 30.06 16.19
C GLU D 288 13.69 29.45 16.64
N SER D 289 14.16 28.43 15.95
CA SER D 289 15.42 27.78 16.30
C SER D 289 16.20 27.23 15.14
N THR D 290 17.49 26.91 15.40
CA THR D 290 18.42 26.29 14.45
C THR D 290 19.58 25.72 15.22
N ASN D 291 20.44 24.97 14.52
CA ASN D 291 21.64 24.42 15.12
C ASN D 291 22.79 25.25 14.63
N PHE D 292 23.87 25.27 15.38
CA PHE D 292 25.05 26.02 14.98
C PHE D 292 26.26 25.35 15.58
N ALA D 293 27.47 25.75 15.20
CA ALA D 293 28.69 25.13 15.75
C ALA D 293 29.73 26.18 16.11
N THR D 294 30.72 25.79 16.92
CA THR D 294 31.94 26.56 17.22
C THR D 294 33.05 25.51 16.98
N ARG D 295 34.32 25.90 17.05
CA ARG D 295 35.42 24.94 16.91
C ARG D 295 35.39 23.81 17.97
N ARG D 296 34.90 24.10 19.20
CA ARG D 296 34.83 23.13 20.32
C ARG D 296 33.88 21.95 19.96
N TRP D 297 32.84 22.23 19.15
CA TRP D 297 31.88 21.22 18.72
C TRP D 297 32.49 20.07 17.89
N ILE D 298 33.54 20.31 17.08
CA ILE D 298 34.08 19.27 16.18
C ILE D 298 34.35 17.94 16.91
N GLU D 299 35.03 18.00 18.06
CA GLU D 299 35.26 16.79 18.85
C GLU D 299 33.97 16.09 19.30
N TYR D 300 32.91 16.88 19.65
CA TYR D 300 31.57 16.35 19.98
C TYR D 300 30.93 15.68 18.77
N GLY D 301 31.02 16.29 17.59
CA GLY D 301 30.41 15.68 16.40
C GLY D 301 31.12 14.39 16.06
N LYS D 302 32.46 14.35 16.23
CA LYS D 302 33.28 13.17 15.98
C LYS D 302 32.91 12.00 16.91
N GLN D 303 32.53 12.33 18.16
CA GLN D 303 32.19 11.34 19.18
C GLN D 303 30.70 11.12 19.42
N ALA D 304 29.80 11.83 18.69
CA ALA D 304 28.35 11.69 18.93
C ALA D 304 27.86 10.26 18.73
N VAL D 305 27.06 9.74 19.68
CA VAL D 305 26.47 8.40 19.56
C VAL D 305 25.16 8.62 18.83
N LEU D 306 25.04 8.04 17.65
CA LEU D 306 23.88 8.24 16.77
C LEU D 306 22.82 7.15 16.82
N CYS D 307 21.60 7.48 16.36
CA CYS D 307 20.49 6.55 16.28
C CYS D 307 20.84 5.50 15.20
N SER D 308 20.65 4.21 15.52
CA SER D 308 20.96 3.07 14.65
C SER D 308 19.75 2.35 14.02
N CYS D 309 18.52 2.61 14.52
CA CYS D 309 17.30 1.90 14.10
C CYS D 309 16.48 2.59 12.99
N ARG D 310 16.74 3.87 12.69
CA ARG D 310 15.98 4.64 11.68
C ARG D 310 16.89 5.14 10.55
N LYS D 311 16.47 4.90 9.31
CA LYS D 311 17.21 5.29 8.10
C LYS D 311 17.29 6.81 7.86
N ASP D 312 16.23 7.56 8.23
CA ASP D 312 16.11 9.00 8.00
C ASP D 312 16.83 9.91 9.02
N MET D 313 17.45 9.35 10.08
CA MET D 313 18.14 10.10 11.14
C MET D 313 19.19 11.10 10.58
N VAL D 314 19.38 12.24 11.30
CA VAL D 314 20.32 13.29 10.88
C VAL D 314 21.77 12.88 11.16
N LYS D 315 22.52 12.58 10.09
CA LYS D 315 23.95 12.29 10.17
C LYS D 315 24.74 13.27 9.27
N ILE D 316 25.72 13.93 9.86
CA ILE D 316 26.61 14.85 9.15
C ILE D 316 27.97 14.14 9.10
N SER D 317 28.60 14.09 7.95
CA SER D 317 29.95 13.53 7.86
C SER D 317 30.90 14.57 8.49
N MET D 318 31.74 14.13 9.43
CA MET D 318 32.72 14.99 10.13
C MET D 318 34.00 15.26 9.33
N ASP D 319 34.22 14.46 8.26
CA ASP D 319 35.41 14.49 7.42
C ASP D 319 35.87 15.91 7.04
N VAL D 320 34.95 16.76 6.54
CA VAL D 320 35.28 18.13 6.14
C VAL D 320 35.89 18.96 7.30
N PHE D 321 35.38 18.78 8.54
CA PHE D 321 35.82 19.53 9.73
C PHE D 321 37.18 19.05 10.20
N VAL D 322 37.41 17.72 10.17
CA VAL D 322 38.67 17.09 10.58
C VAL D 322 39.80 17.57 9.66
N ARG D 323 39.58 17.55 8.33
CA ARG D 323 40.58 18.01 7.37
C ARG D 323 40.92 19.49 7.58
N LYS D 324 39.90 20.34 7.73
CA LYS D 324 40.07 21.76 7.88
C LYS D 324 40.67 22.17 9.23
N PHE D 325 40.16 21.63 10.34
CA PHE D 325 40.57 22.09 11.66
C PHE D 325 41.53 21.18 12.39
N GLN D 326 41.64 19.90 12.00
CA GLN D 326 42.58 18.98 12.65
C GLN D 326 43.36 18.21 11.58
N PRO D 327 44.02 18.88 10.58
CA PRO D 327 44.72 18.11 9.53
C PRO D 327 45.75 17.12 10.03
N GLU D 328 46.40 17.46 11.16
CA GLU D 328 47.45 16.63 11.77
C GLU D 328 46.88 15.31 12.39
N ARG D 329 45.57 15.28 12.65
N ARG D 329 45.57 15.29 12.66
CA ARG D 329 44.86 14.15 13.25
CA ARG D 329 44.90 14.12 13.24
C ARG D 329 44.07 13.36 12.20
C ARG D 329 44.05 13.38 12.22
N TYR D 330 44.03 13.84 10.94
CA TYR D 330 43.20 13.24 9.90
C TYR D 330 43.45 11.73 9.64
N LYS D 331 44.72 11.32 9.38
CA LYS D 331 45.08 9.90 9.18
C LYS D 331 44.66 9.10 10.43
N LEU D 332 45.05 9.59 11.62
CA LEU D 332 44.75 8.97 12.90
C LEU D 332 43.25 8.73 13.08
N TRP D 333 42.43 9.78 12.87
CA TRP D 333 40.98 9.73 12.96
C TRP D 333 40.41 8.74 11.97
N LYS D 334 40.88 8.78 10.73
CA LYS D 334 40.39 7.87 9.70
C LYS D 334 40.68 6.40 10.04
N ALA D 335 41.84 6.11 10.70
CA ALA D 335 42.22 4.75 11.12
C ALA D 335 41.48 4.30 12.40
N GLY D 336 40.65 5.19 12.96
CA GLY D 336 39.89 4.95 14.17
C GLY D 336 40.73 4.97 15.45
N LYS D 337 41.97 5.53 15.36
CA LYS D 337 42.92 5.61 16.47
C LYS D 337 42.92 6.97 17.22
N ASP D 338 41.91 7.80 16.98
CA ASP D 338 41.82 9.09 17.65
C ASP D 338 41.04 8.93 18.98
N ASN D 339 41.79 8.90 20.10
CA ASN D 339 41.28 8.65 21.45
C ASN D 339 41.16 9.90 22.35
N THR D 340 40.85 11.05 21.74
CA THR D 340 40.66 12.32 22.44
C THR D 340 39.54 12.16 23.48
N VAL D 341 39.81 12.58 24.71
CA VAL D 341 38.83 12.55 25.78
C VAL D 341 38.31 13.98 25.84
N ILE D 342 37.00 14.15 25.72
CA ILE D 342 36.41 15.47 25.80
C ILE D 342 36.36 15.91 27.25
N ASP D 343 36.84 17.14 27.53
CA ASP D 343 36.66 17.82 28.81
C ASP D 343 35.48 18.83 28.64
N HIS D 344 34.29 18.53 29.21
CA HIS D 344 33.09 19.36 29.11
C HIS D 344 33.20 20.75 29.78
N THR D 345 34.21 20.96 30.63
CA THR D 345 34.36 22.25 31.33
C THR D 345 35.15 23.28 30.51
N LEU D 346 35.92 22.84 29.53
CA LEU D 346 36.77 23.70 28.70
C LEU D 346 35.97 24.60 27.78
N PRO D 347 36.30 25.92 27.75
CA PRO D 347 35.58 26.81 26.83
C PRO D 347 36.09 26.63 25.39
N THR D 348 35.33 27.13 24.41
CA THR D 348 35.74 27.00 23.00
C THR D 348 37.06 27.78 22.78
N PRO D 349 38.00 27.33 21.91
CA PRO D 349 39.27 28.09 21.75
C PRO D 349 39.09 29.56 21.35
N GLU D 350 37.94 29.91 20.71
CA GLU D 350 37.60 31.30 20.32
C GLU D 350 37.48 32.23 21.55
N ALA D 351 37.27 31.65 22.77
CA ALA D 351 37.15 32.35 24.06
C ALA D 351 38.50 32.79 24.67
N ALA D 352 39.64 32.50 23.99
CA ALA D 352 40.99 32.83 24.47
C ALA D 352 41.17 34.32 24.78
N GLU D 353 40.63 35.23 23.92
CA GLU D 353 40.70 36.70 24.08
C GLU D 353 40.07 37.20 25.37
N PHE D 354 39.24 36.35 26.02
CA PHE D 354 38.57 36.64 27.29
C PHE D 354 39.25 35.80 28.37
#